data_7CPZ
# 
_entry.id   7CPZ 
# 
_audit_conform.dict_name       mmcif_pdbx.dic 
_audit_conform.dict_version    5.380 
_audit_conform.dict_location   http://mmcif.pdb.org/dictionaries/ascii/mmcif_pdbx.dic 
# 
loop_
_database_2.database_id 
_database_2.database_code 
_database_2.pdbx_database_accession 
_database_2.pdbx_DOI 
PDB   7CPZ         pdb_00007cpz 10.2210/pdb7cpz/pdb 
WWPDB D_1300018041 ?            ?                   
# 
_pdbx_database_status.status_code                     REL 
_pdbx_database_status.status_code_sf                  REL 
_pdbx_database_status.status_code_mr                  ? 
_pdbx_database_status.entry_id                        7CPZ 
_pdbx_database_status.recvd_initial_deposition_date   2020-08-08 
_pdbx_database_status.SG_entry                        N 
_pdbx_database_status.deposit_site                    PDBJ 
_pdbx_database_status.process_site                    PDBJ 
_pdbx_database_status.status_code_cs                  ? 
_pdbx_database_status.status_code_nmr_data            ? 
_pdbx_database_status.methods_development_category    ? 
_pdbx_database_status.pdb_format_compatible           Y 
# 
loop_
_audit_author.name 
_audit_author.pdbx_ordinal 
_audit_author.identifier_ORCID 
'Jeon, B.J.'  1 ? 
'Kim, S.'     2 ? 
'Lee, J.-H.'  3 ? 
'Kim, M.S.'   4 ? 
'Hwang, K.Y.' 5 ? 
# 
_citation.abstract                  ? 
_citation.abstract_id_CAS           ? 
_citation.book_id_ISBN              ? 
_citation.book_publisher            ? 
_citation.book_publisher_city       ? 
_citation.book_title                ? 
_citation.coordinate_linkage        ? 
_citation.country                   UK 
_citation.database_id_Medline       ? 
_citation.details                   ? 
_citation.id                        primary 
_citation.journal_abbrev            Iucrj 
_citation.journal_id_ASTM           ? 
_citation.journal_id_CSD            ? 
_citation.journal_id_ISSN           2052-2525 
_citation.journal_full              ? 
_citation.journal_issue             ? 
_citation.journal_volume            8 
_citation.language                  ? 
_citation.page_first                168 
_citation.page_last                 177 
_citation.title                     
;Insights into the structure of mature streptavidin C1 from Streptomyces cinnamonensis reveal the self-binding of the extension C-terminal peptide to biotin-binding sites.
;
_citation.year                      2021 
_citation.database_id_CSD           ? 
_citation.pdbx_database_id_DOI      10.1107/S2052252520015675 
_citation.pdbx_database_id_PubMed   33708394 
_citation.unpublished_flag          ? 
# 
loop_
_citation_author.citation_id 
_citation_author.name 
_citation_author.ordinal 
_citation_author.identifier_ORCID 
primary 'Jeon, B.J.'  1 0000-0001-7302-4298 
primary 'Kim, S.'     2 ?                   
primary 'Kim, M.S.'   3 ?                   
primary 'Lee, J.H.'   4 ?                   
primary 'Kim, B.S.'   5 0000-0003-0817-8623 
primary 'Hwang, K.Y.' 6 0000-0002-2076-5030 
# 
_cell.angle_alpha                  90.000 
_cell.angle_alpha_esd              ? 
_cell.angle_beta                   90.000 
_cell.angle_beta_esd               ? 
_cell.angle_gamma                  90.000 
_cell.angle_gamma_esd              ? 
_cell.entry_id                     7CPZ 
_cell.details                      ? 
_cell.formula_units_Z              ? 
_cell.length_a                     57.997 
_cell.length_a_esd                 ? 
_cell.length_b                     57.997 
_cell.length_b_esd                 ? 
_cell.length_c                     74.847 
_cell.length_c_esd                 ? 
_cell.volume                       251759.262 
_cell.volume_esd                   ? 
_cell.Z_PDB                        8 
_cell.reciprocal_angle_alpha       ? 
_cell.reciprocal_angle_beta        ? 
_cell.reciprocal_angle_gamma       ? 
_cell.reciprocal_angle_alpha_esd   ? 
_cell.reciprocal_angle_beta_esd    ? 
_cell.reciprocal_angle_gamma_esd   ? 
_cell.reciprocal_length_a          ? 
_cell.reciprocal_length_b          ? 
_cell.reciprocal_length_c          ? 
_cell.reciprocal_length_a_esd      ? 
_cell.reciprocal_length_b_esd      ? 
_cell.reciprocal_length_c_esd      ? 
_cell.pdbx_unique_axis             ? 
# 
_symmetry.entry_id                         7CPZ 
_symmetry.cell_setting                     ? 
_symmetry.Int_Tables_number                94 
_symmetry.space_group_name_Hall            'P 4n 2n' 
_symmetry.space_group_name_H-M             'P 42 21 2' 
_symmetry.pdbx_full_space_group_name_H-M   ? 
# 
loop_
_entity.id 
_entity.type 
_entity.src_method 
_entity.pdbx_description 
_entity.formula_weight 
_entity.pdbx_number_of_molecules 
_entity.pdbx_ec 
_entity.pdbx_mutation 
_entity.pdbx_fragment 
_entity.details 
1 polymer     man 'Mature Streptoavidin-C1' 20172.203 1  ? ? ? ? 
2 non-polymer syn BIOTIN                    244.311   1  ? ? ? ? 
3 water       nat water                     18.015    49 ? ? ? ? 
# 
_entity_name_com.entity_id   1 
_entity_name_com.name        Streptoavidin-C1 
# 
_entity_poly.entity_id                      1 
_entity_poly.type                           'polypeptide(L)' 
_entity_poly.nstd_linkage                   no 
_entity_poly.nstd_monomer                   no 
_entity_poly.pdbx_seq_one_letter_code       
;MTRVRQALVALCALSLTFVTVSASASADPRETVSADAAETGSATESRPGILGTWYNQLGSVMVVTRAANGGFVGTYESAV
GNAEKRYVMTGRYDSAPADGTGTAVGWTVAYRNAHRNAHSVATWSGQYVGGSQERIVTQWLLSYGTTPADQWKSTFLGHD
EFTRVKPSAADVEKARQLGVTSANPPASDGE
;
_entity_poly.pdbx_seq_one_letter_code_can   
;MTRVRQALVALCALSLTFVTVSASASADPRETVSADAAETGSATESRPGILGTWYNQLGSVMVVTRAANGGFVGTYESAV
GNAEKRYVMTGRYDSAPADGTGTAVGWTVAYRNAHRNAHSVATWSGQYVGGSQERIVTQWLLSYGTTPADQWKSTFLGHD
EFTRVKPSAADVEKARQLGVTSANPPASDGE
;
_entity_poly.pdbx_strand_id                 A 
_entity_poly.pdbx_target_identifier         ? 
# 
loop_
_entity_poly_seq.entity_id 
_entity_poly_seq.num 
_entity_poly_seq.mon_id 
_entity_poly_seq.hetero 
1 1   MET n 
1 2   THR n 
1 3   ARG n 
1 4   VAL n 
1 5   ARG n 
1 6   GLN n 
1 7   ALA n 
1 8   LEU n 
1 9   VAL n 
1 10  ALA n 
1 11  LEU n 
1 12  CYS n 
1 13  ALA n 
1 14  LEU n 
1 15  SER n 
1 16  LEU n 
1 17  THR n 
1 18  PHE n 
1 19  VAL n 
1 20  THR n 
1 21  VAL n 
1 22  SER n 
1 23  ALA n 
1 24  SER n 
1 25  ALA n 
1 26  SER n 
1 27  ALA n 
1 28  ASP n 
1 29  PRO n 
1 30  ARG n 
1 31  GLU n 
1 32  THR n 
1 33  VAL n 
1 34  SER n 
1 35  ALA n 
1 36  ASP n 
1 37  ALA n 
1 38  ALA n 
1 39  GLU n 
1 40  THR n 
1 41  GLY n 
1 42  SER n 
1 43  ALA n 
1 44  THR n 
1 45  GLU n 
1 46  SER n 
1 47  ARG n 
1 48  PRO n 
1 49  GLY n 
1 50  ILE n 
1 51  LEU n 
1 52  GLY n 
1 53  THR n 
1 54  TRP n 
1 55  TYR n 
1 56  ASN n 
1 57  GLN n 
1 58  LEU n 
1 59  GLY n 
1 60  SER n 
1 61  VAL n 
1 62  MET n 
1 63  VAL n 
1 64  VAL n 
1 65  THR n 
1 66  ARG n 
1 67  ALA n 
1 68  ALA n 
1 69  ASN n 
1 70  GLY n 
1 71  GLY n 
1 72  PHE n 
1 73  VAL n 
1 74  GLY n 
1 75  THR n 
1 76  TYR n 
1 77  GLU n 
1 78  SER n 
1 79  ALA n 
1 80  VAL n 
1 81  GLY n 
1 82  ASN n 
1 83  ALA n 
1 84  GLU n 
1 85  LYS n 
1 86  ARG n 
1 87  TYR n 
1 88  VAL n 
1 89  MET n 
1 90  THR n 
1 91  GLY n 
1 92  ARG n 
1 93  TYR n 
1 94  ASP n 
1 95  SER n 
1 96  ALA n 
1 97  PRO n 
1 98  ALA n 
1 99  ASP n 
1 100 GLY n 
1 101 THR n 
1 102 GLY n 
1 103 THR n 
1 104 ALA n 
1 105 VAL n 
1 106 GLY n 
1 107 TRP n 
1 108 THR n 
1 109 VAL n 
1 110 ALA n 
1 111 TYR n 
1 112 ARG n 
1 113 ASN n 
1 114 ALA n 
1 115 HIS n 
1 116 ARG n 
1 117 ASN n 
1 118 ALA n 
1 119 HIS n 
1 120 SER n 
1 121 VAL n 
1 122 ALA n 
1 123 THR n 
1 124 TRP n 
1 125 SER n 
1 126 GLY n 
1 127 GLN n 
1 128 TYR n 
1 129 VAL n 
1 130 GLY n 
1 131 GLY n 
1 132 SER n 
1 133 GLN n 
1 134 GLU n 
1 135 ARG n 
1 136 ILE n 
1 137 VAL n 
1 138 THR n 
1 139 GLN n 
1 140 TRP n 
1 141 LEU n 
1 142 LEU n 
1 143 SER n 
1 144 TYR n 
1 145 GLY n 
1 146 THR n 
1 147 THR n 
1 148 PRO n 
1 149 ALA n 
1 150 ASP n 
1 151 GLN n 
1 152 TRP n 
1 153 LYS n 
1 154 SER n 
1 155 THR n 
1 156 PHE n 
1 157 LEU n 
1 158 GLY n 
1 159 HIS n 
1 160 ASP n 
1 161 GLU n 
1 162 PHE n 
1 163 THR n 
1 164 ARG n 
1 165 VAL n 
1 166 LYS n 
1 167 PRO n 
1 168 SER n 
1 169 ALA n 
1 170 ALA n 
1 171 ASP n 
1 172 VAL n 
1 173 GLU n 
1 174 LYS n 
1 175 ALA n 
1 176 ARG n 
1 177 GLN n 
1 178 LEU n 
1 179 GLY n 
1 180 VAL n 
1 181 THR n 
1 182 SER n 
1 183 ALA n 
1 184 ASN n 
1 185 PRO n 
1 186 PRO n 
1 187 ALA n 
1 188 SER n 
1 189 ASP n 
1 190 GLY n 
1 191 GLU n 
# 
_entity_src_gen.entity_id                          1 
_entity_src_gen.pdbx_src_id                        1 
_entity_src_gen.pdbx_alt_source_flag               sample 
_entity_src_gen.pdbx_seq_type                      'Biological sequence' 
_entity_src_gen.pdbx_beg_seq_num                   1 
_entity_src_gen.pdbx_end_seq_num                   191 
_entity_src_gen.gene_src_common_name               ? 
_entity_src_gen.gene_src_genus                     ? 
_entity_src_gen.pdbx_gene_src_gene                 ADK98_07690 
_entity_src_gen.gene_src_species                   ? 
_entity_src_gen.gene_src_strain                    ? 
_entity_src_gen.gene_src_tissue                    ? 
_entity_src_gen.gene_src_tissue_fraction           ? 
_entity_src_gen.gene_src_details                   ? 
_entity_src_gen.pdbx_gene_src_fragment             ? 
_entity_src_gen.pdbx_gene_src_scientific_name      'Streptomyces sp. H036' 
_entity_src_gen.pdbx_gene_src_ncbi_taxonomy_id     1519487 
_entity_src_gen.pdbx_gene_src_variant              ? 
_entity_src_gen.pdbx_gene_src_cell_line            ? 
_entity_src_gen.pdbx_gene_src_atcc                 ? 
_entity_src_gen.pdbx_gene_src_organ                ? 
_entity_src_gen.pdbx_gene_src_organelle            ? 
_entity_src_gen.pdbx_gene_src_cell                 ? 
_entity_src_gen.pdbx_gene_src_cellular_location    ? 
_entity_src_gen.host_org_common_name               ? 
_entity_src_gen.pdbx_host_org_scientific_name      'Escherichia coli BL21(DE3)' 
_entity_src_gen.pdbx_host_org_ncbi_taxonomy_id     469008 
_entity_src_gen.host_org_genus                     ? 
_entity_src_gen.pdbx_host_org_gene                 ? 
_entity_src_gen.pdbx_host_org_organ                ? 
_entity_src_gen.host_org_species                   ? 
_entity_src_gen.pdbx_host_org_tissue               ? 
_entity_src_gen.pdbx_host_org_tissue_fraction      ? 
_entity_src_gen.pdbx_host_org_strain               ? 
_entity_src_gen.pdbx_host_org_variant              ? 
_entity_src_gen.pdbx_host_org_cell_line            ? 
_entity_src_gen.pdbx_host_org_atcc                 ? 
_entity_src_gen.pdbx_host_org_culture_collection   ? 
_entity_src_gen.pdbx_host_org_cell                 ? 
_entity_src_gen.pdbx_host_org_organelle            ? 
_entity_src_gen.pdbx_host_org_cellular_location    ? 
_entity_src_gen.pdbx_host_org_vector_type          ? 
_entity_src_gen.pdbx_host_org_vector               ? 
_entity_src_gen.host_org_details                   ? 
_entity_src_gen.expression_system_id               ? 
_entity_src_gen.plasmid_name                       ? 
_entity_src_gen.plasmid_details                    ? 
_entity_src_gen.pdbx_description                   ? 
# 
_struct_ref.id                         1 
_struct_ref.db_name                    UNP 
_struct_ref.db_code                    A0A0M8UVL7_9ACTN 
_struct_ref.pdbx_db_accession          A0A0M8UVL7 
_struct_ref.pdbx_db_isoform            ? 
_struct_ref.entity_id                  1 
_struct_ref.pdbx_seq_one_letter_code   
;MTRVRQALVALCALSLTFVTVSASASADPRETVSADAAETGSATESRPGILGTWYNQLGSVMVVTRAANGGFVGTYESAV
GNAEKRYVMTGRYDSAPADGTGTAVGWTVAYRNAHRNAHSVATWSGQYVGGSQERIVTQWLLSYGTTPADQWKSTFLGHD
EFTRVKPSAADVEKARQLGVTSANPPASDGE
;
_struct_ref.pdbx_align_begin           1 
# 
_struct_ref_seq.align_id                      1 
_struct_ref_seq.ref_id                        1 
_struct_ref_seq.pdbx_PDB_id_code              7CPZ 
_struct_ref_seq.pdbx_strand_id                A 
_struct_ref_seq.seq_align_beg                 1 
_struct_ref_seq.pdbx_seq_align_beg_ins_code   ? 
_struct_ref_seq.seq_align_end                 191 
_struct_ref_seq.pdbx_seq_align_end_ins_code   ? 
_struct_ref_seq.pdbx_db_accession             A0A0M8UVL7 
_struct_ref_seq.db_align_beg                  1 
_struct_ref_seq.pdbx_db_align_beg_ins_code    ? 
_struct_ref_seq.db_align_end                  191 
_struct_ref_seq.pdbx_db_align_end_ins_code    ? 
_struct_ref_seq.pdbx_auth_seq_align_beg       1 
_struct_ref_seq.pdbx_auth_seq_align_end       191 
# 
loop_
_chem_comp.id 
_chem_comp.type 
_chem_comp.mon_nstd_flag 
_chem_comp.name 
_chem_comp.pdbx_synonyms 
_chem_comp.formula 
_chem_comp.formula_weight 
ALA 'L-peptide linking' y ALANINE         ? 'C3 H7 N O2'      89.093  
ARG 'L-peptide linking' y ARGININE        ? 'C6 H15 N4 O2 1'  175.209 
ASN 'L-peptide linking' y ASPARAGINE      ? 'C4 H8 N2 O3'     132.118 
ASP 'L-peptide linking' y 'ASPARTIC ACID' ? 'C4 H7 N O4'      133.103 
BTN non-polymer         . BIOTIN          ? 'C10 H16 N2 O3 S' 244.311 
CYS 'L-peptide linking' y CYSTEINE        ? 'C3 H7 N O2 S'    121.158 
GLN 'L-peptide linking' y GLUTAMINE       ? 'C5 H10 N2 O3'    146.144 
GLU 'L-peptide linking' y 'GLUTAMIC ACID' ? 'C5 H9 N O4'      147.129 
GLY 'peptide linking'   y GLYCINE         ? 'C2 H5 N O2'      75.067  
HIS 'L-peptide linking' y HISTIDINE       ? 'C6 H10 N3 O2 1'  156.162 
HOH non-polymer         . WATER           ? 'H2 O'            18.015  
ILE 'L-peptide linking' y ISOLEUCINE      ? 'C6 H13 N O2'     131.173 
LEU 'L-peptide linking' y LEUCINE         ? 'C6 H13 N O2'     131.173 
LYS 'L-peptide linking' y LYSINE          ? 'C6 H15 N2 O2 1'  147.195 
MET 'L-peptide linking' y METHIONINE      ? 'C5 H11 N O2 S'   149.211 
PHE 'L-peptide linking' y PHENYLALANINE   ? 'C9 H11 N O2'     165.189 
PRO 'L-peptide linking' y PROLINE         ? 'C5 H9 N O2'      115.130 
SER 'L-peptide linking' y SERINE          ? 'C3 H7 N O3'      105.093 
THR 'L-peptide linking' y THREONINE       ? 'C4 H9 N O3'      119.119 
TRP 'L-peptide linking' y TRYPTOPHAN      ? 'C11 H12 N2 O2'   204.225 
TYR 'L-peptide linking' y TYROSINE        ? 'C9 H11 N O3'     181.189 
VAL 'L-peptide linking' y VALINE          ? 'C5 H11 N O2'     117.146 
# 
_exptl.absorpt_coefficient_mu     ? 
_exptl.absorpt_correction_T_max   ? 
_exptl.absorpt_correction_T_min   ? 
_exptl.absorpt_correction_type    ? 
_exptl.absorpt_process_details    ? 
_exptl.entry_id                   7CPZ 
_exptl.crystals_number            1 
_exptl.details                    ? 
_exptl.method                     'X-RAY DIFFRACTION' 
_exptl.method_details             ? 
# 
_exptl_crystal.colour                      ? 
_exptl_crystal.density_diffrn              ? 
_exptl_crystal.density_Matthews            1.56 
_exptl_crystal.density_method              ? 
_exptl_crystal.density_percent_sol         21.16 
_exptl_crystal.description                 ? 
_exptl_crystal.F_000                       ? 
_exptl_crystal.id                          1 
_exptl_crystal.preparation                 ? 
_exptl_crystal.size_max                    ? 
_exptl_crystal.size_mid                    ? 
_exptl_crystal.size_min                    ? 
_exptl_crystal.size_rad                    ? 
_exptl_crystal.colour_lustre               ? 
_exptl_crystal.colour_modifier             ? 
_exptl_crystal.colour_primary              ? 
_exptl_crystal.density_meas                ? 
_exptl_crystal.density_meas_esd            ? 
_exptl_crystal.density_meas_gt             ? 
_exptl_crystal.density_meas_lt             ? 
_exptl_crystal.density_meas_temp           ? 
_exptl_crystal.density_meas_temp_esd       ? 
_exptl_crystal.density_meas_temp_gt        ? 
_exptl_crystal.density_meas_temp_lt        ? 
_exptl_crystal.pdbx_crystal_image_url      ? 
_exptl_crystal.pdbx_crystal_image_format   ? 
_exptl_crystal.pdbx_mosaicity              ? 
_exptl_crystal.pdbx_mosaicity_esd          ? 
# 
_exptl_crystal_grow.apparatus       ? 
_exptl_crystal_grow.atmosphere      ? 
_exptl_crystal_grow.crystal_id      1 
_exptl_crystal_grow.details         ? 
_exptl_crystal_grow.method          'BATCH MODE' 
_exptl_crystal_grow.method_ref      ? 
_exptl_crystal_grow.pH              ? 
_exptl_crystal_grow.pressure        ? 
_exptl_crystal_grow.pressure_esd    ? 
_exptl_crystal_grow.seeding         ? 
_exptl_crystal_grow.seeding_ref     ? 
_exptl_crystal_grow.temp            298 
_exptl_crystal_grow.temp_details    ? 
_exptl_crystal_grow.temp_esd        ? 
_exptl_crystal_grow.time            ? 
_exptl_crystal_grow.pdbx_details    PEG3350 
_exptl_crystal_grow.pdbx_pH_range   ? 
# 
_diffrn.ambient_environment              ? 
_diffrn.ambient_temp                     100 
_diffrn.ambient_temp_details             ? 
_diffrn.ambient_temp_esd                 ? 
_diffrn.crystal_id                       1 
_diffrn.crystal_support                  ? 
_diffrn.crystal_treatment                ? 
_diffrn.details                          ? 
_diffrn.id                               1 
_diffrn.ambient_pressure                 ? 
_diffrn.ambient_pressure_esd             ? 
_diffrn.ambient_pressure_gt              ? 
_diffrn.ambient_pressure_lt              ? 
_diffrn.ambient_temp_gt                  ? 
_diffrn.ambient_temp_lt                  ? 
_diffrn.pdbx_serial_crystal_experiment   N 
# 
_diffrn_detector.details                      ? 
_diffrn_detector.detector                     PIXEL 
_diffrn_detector.diffrn_id                    1 
_diffrn_detector.type                         'DECTRIS PILATUS 2M' 
_diffrn_detector.area_resol_mean              ? 
_diffrn_detector.dtime                        ? 
_diffrn_detector.pdbx_frames_total            ? 
_diffrn_detector.pdbx_collection_time_total   ? 
_diffrn_detector.pdbx_collection_date         2020-05-08 
_diffrn_detector.pdbx_frequency               ? 
# 
_diffrn_radiation.collimation                      ? 
_diffrn_radiation.diffrn_id                        1 
_diffrn_radiation.filter_edge                      ? 
_diffrn_radiation.inhomogeneity                    ? 
_diffrn_radiation.monochromator                    ? 
_diffrn_radiation.polarisn_norm                    ? 
_diffrn_radiation.polarisn_ratio                   ? 
_diffrn_radiation.probe                            ? 
_diffrn_radiation.type                             ? 
_diffrn_radiation.xray_symbol                      ? 
_diffrn_radiation.wavelength_id                    1 
_diffrn_radiation.pdbx_monochromatic_or_laue_m_l   M 
_diffrn_radiation.pdbx_wavelength_list             ? 
_diffrn_radiation.pdbx_wavelength                  ? 
_diffrn_radiation.pdbx_diffrn_protocol             'SINGLE WAVELENGTH' 
_diffrn_radiation.pdbx_analyzer                    ? 
_diffrn_radiation.pdbx_scattering_type             x-ray 
# 
_diffrn_radiation_wavelength.id           1 
_diffrn_radiation_wavelength.wavelength   0.9794 
_diffrn_radiation_wavelength.wt           1.0 
# 
_diffrn_source.current                     ? 
_diffrn_source.details                     ? 
_diffrn_source.diffrn_id                   1 
_diffrn_source.power                       ? 
_diffrn_source.size                        ? 
_diffrn_source.source                      SYNCHROTRON 
_diffrn_source.target                      ? 
_diffrn_source.type                        'PAL/PLS BEAMLINE 11C' 
_diffrn_source.voltage                     ? 
_diffrn_source.take-off_angle              ? 
_diffrn_source.pdbx_wavelength_list        0.9794 
_diffrn_source.pdbx_wavelength             ? 
_diffrn_source.pdbx_synchrotron_beamline   11C 
_diffrn_source.pdbx_synchrotron_site       PAL/PLS 
# 
_reflns.B_iso_Wilson_estimate            ? 
_reflns.entry_id                         7CPZ 
_reflns.data_reduction_details           ? 
_reflns.data_reduction_method            ? 
_reflns.d_resolution_high                2.5 
_reflns.d_resolution_low                 41 
_reflns.details                          ? 
_reflns.limit_h_max                      ? 
_reflns.limit_h_min                      ? 
_reflns.limit_k_max                      ? 
_reflns.limit_k_min                      ? 
_reflns.limit_l_max                      ? 
_reflns.limit_l_min                      ? 
_reflns.number_all                       ? 
_reflns.number_obs                       4763 
_reflns.observed_criterion               ? 
_reflns.observed_criterion_F_max         ? 
_reflns.observed_criterion_F_min         ? 
_reflns.observed_criterion_I_max         ? 
_reflns.observed_criterion_I_min         ? 
_reflns.observed_criterion_sigma_F       ? 
_reflns.observed_criterion_sigma_I       ? 
_reflns.percent_possible_obs             99.8 
_reflns.R_free_details                   ? 
_reflns.Rmerge_F_all                     ? 
_reflns.Rmerge_F_obs                     ? 
_reflns.Friedel_coverage                 ? 
_reflns.number_gt                        ? 
_reflns.threshold_expression             ? 
_reflns.pdbx_redundancy                  20 
_reflns.pdbx_Rmerge_I_obs                ? 
_reflns.pdbx_Rmerge_I_all                ? 
_reflns.pdbx_Rsym_value                  ? 
_reflns.pdbx_netI_over_av_sigmaI         ? 
_reflns.pdbx_netI_over_sigmaI            7.51 
_reflns.pdbx_res_netI_over_av_sigmaI_2   ? 
_reflns.pdbx_res_netI_over_sigmaI_2      ? 
_reflns.pdbx_chi_squared                 ? 
_reflns.pdbx_scaling_rejects             ? 
_reflns.pdbx_d_res_high_opt              ? 
_reflns.pdbx_d_res_low_opt               ? 
_reflns.pdbx_d_res_opt_method            ? 
_reflns.phase_calculation_details        ? 
_reflns.pdbx_Rrim_I_all                  0.335 
_reflns.pdbx_Rpim_I_all                  0.09 
_reflns.pdbx_d_opt                       ? 
_reflns.pdbx_number_measured_all         ? 
_reflns.pdbx_diffrn_id                   1 
_reflns.pdbx_ordinal                     1 
_reflns.pdbx_CC_half                     ? 
_reflns.pdbx_CC_star                     ? 
_reflns.pdbx_R_split                     ? 
# 
_reflns_shell.d_res_high                  2.5 
_reflns_shell.d_res_low                   2.54 
_reflns_shell.meanI_over_sigI_all         ? 
_reflns_shell.meanI_over_sigI_obs         ? 
_reflns_shell.number_measured_all         ? 
_reflns_shell.number_measured_obs         ? 
_reflns_shell.number_possible             ? 
_reflns_shell.number_unique_all           ? 
_reflns_shell.number_unique_obs           229 
_reflns_shell.percent_possible_all        100 
_reflns_shell.percent_possible_obs        ? 
_reflns_shell.Rmerge_F_all                ? 
_reflns_shell.Rmerge_F_obs                ? 
_reflns_shell.Rmerge_I_all                ? 
_reflns_shell.Rmerge_I_obs                ? 
_reflns_shell.meanI_over_sigI_gt          ? 
_reflns_shell.meanI_over_uI_all           ? 
_reflns_shell.meanI_over_uI_gt            ? 
_reflns_shell.number_measured_gt          ? 
_reflns_shell.number_unique_gt            ? 
_reflns_shell.percent_possible_gt         ? 
_reflns_shell.Rmerge_F_gt                 ? 
_reflns_shell.Rmerge_I_gt                 ? 
_reflns_shell.pdbx_redundancy             ? 
_reflns_shell.pdbx_Rsym_value             ? 
_reflns_shell.pdbx_chi_squared            ? 
_reflns_shell.pdbx_netI_over_sigmaI_all   ? 
_reflns_shell.pdbx_netI_over_sigmaI_obs   ? 
_reflns_shell.pdbx_Rrim_I_all             ? 
_reflns_shell.pdbx_Rpim_I_all             0.258 
_reflns_shell.pdbx_rejects                ? 
_reflns_shell.pdbx_ordinal                1 
_reflns_shell.pdbx_diffrn_id              1 
_reflns_shell.pdbx_CC_half                ? 
_reflns_shell.pdbx_CC_star                ? 
_reflns_shell.pdbx_R_split                ? 
# 
_refine.aniso_B[1][1]                            ? 
_refine.aniso_B[1][2]                            ? 
_refine.aniso_B[1][3]                            ? 
_refine.aniso_B[2][2]                            ? 
_refine.aniso_B[2][3]                            ? 
_refine.aniso_B[3][3]                            ? 
_refine.B_iso_max                                ? 
_refine.B_iso_mean                               32.38 
_refine.B_iso_min                                ? 
_refine.correlation_coeff_Fo_to_Fc               ? 
_refine.correlation_coeff_Fo_to_Fc_free          ? 
_refine.details                                  ? 
_refine.diff_density_max                         ? 
_refine.diff_density_max_esd                     ? 
_refine.diff_density_min                         ? 
_refine.diff_density_min_esd                     ? 
_refine.diff_density_rms                         ? 
_refine.diff_density_rms_esd                     ? 
_refine.entry_id                                 7CPZ 
_refine.pdbx_refine_id                           'X-RAY DIFFRACTION' 
_refine.ls_abs_structure_details                 ? 
_refine.ls_abs_structure_Flack                   ? 
_refine.ls_abs_structure_Flack_esd               ? 
_refine.ls_abs_structure_Rogers                  ? 
_refine.ls_abs_structure_Rogers_esd              ? 
_refine.ls_d_res_high                            2.5 
_refine.ls_d_res_low                             37.42 
_refine.ls_extinction_coef                       ? 
_refine.ls_extinction_coef_esd                   ? 
_refine.ls_extinction_expression                 ? 
_refine.ls_extinction_method                     ? 
_refine.ls_goodness_of_fit_all                   ? 
_refine.ls_goodness_of_fit_all_esd               ? 
_refine.ls_goodness_of_fit_obs                   ? 
_refine.ls_goodness_of_fit_obs_esd               ? 
_refine.ls_hydrogen_treatment                    ? 
_refine.ls_matrix_type                           ? 
_refine.ls_number_constraints                    ? 
_refine.ls_number_parameters                     ? 
_refine.ls_number_reflns_all                     ? 
_refine.ls_number_reflns_obs                     4763 
_refine.ls_number_reflns_R_free                  221 
_refine.ls_number_reflns_R_work                  ? 
_refine.ls_number_restraints                     ? 
_refine.ls_percent_reflns_obs                    99.8 
_refine.ls_percent_reflns_R_free                 ? 
_refine.ls_R_factor_all                          ? 
_refine.ls_R_factor_obs                          0.2085 
_refine.ls_R_factor_R_free                       0.2611 
_refine.ls_R_factor_R_free_error                 ? 
_refine.ls_R_factor_R_free_error_details         ? 
_refine.ls_R_factor_R_work                       0.206 
_refine.ls_R_Fsqd_factor_obs                     ? 
_refine.ls_R_I_factor_obs                        ? 
_refine.ls_redundancy_reflns_all                 ? 
_refine.ls_redundancy_reflns_obs                 ? 
_refine.ls_restrained_S_all                      ? 
_refine.ls_restrained_S_obs                      ? 
_refine.ls_shift_over_esd_max                    ? 
_refine.ls_shift_over_esd_mean                   ? 
_refine.ls_structure_factor_coef                 ? 
_refine.ls_weighting_details                     ? 
_refine.ls_weighting_scheme                      ? 
_refine.ls_wR_factor_all                         ? 
_refine.ls_wR_factor_obs                         ? 
_refine.ls_wR_factor_R_free                      ? 
_refine.ls_wR_factor_R_work                      ? 
_refine.occupancy_max                            ? 
_refine.occupancy_min                            ? 
_refine.solvent_model_details                    ? 
_refine.solvent_model_param_bsol                 ? 
_refine.solvent_model_param_ksol                 ? 
_refine.pdbx_R_complete                          ? 
_refine.ls_R_factor_gt                           ? 
_refine.ls_goodness_of_fit_gt                    ? 
_refine.ls_goodness_of_fit_ref                   ? 
_refine.ls_shift_over_su_max                     ? 
_refine.ls_shift_over_su_max_lt                  ? 
_refine.ls_shift_over_su_mean                    ? 
_refine.ls_shift_over_su_mean_lt                 ? 
_refine.pdbx_ls_sigma_I                          ? 
_refine.pdbx_ls_sigma_F                          ? 
_refine.pdbx_ls_sigma_Fsqd                       ? 
_refine.pdbx_data_cutoff_high_absF               ? 
_refine.pdbx_data_cutoff_high_rms_absF           ? 
_refine.pdbx_data_cutoff_low_absF                ? 
_refine.pdbx_isotropic_thermal_model             ? 
_refine.pdbx_ls_cross_valid_method               'FREE R-VALUE' 
_refine.pdbx_method_to_determine_struct          'MOLECULAR REPLACEMENT' 
_refine.pdbx_starting_model                      2BC3 
_refine.pdbx_stereochemistry_target_values       'GeoStd + Monomer Library + CDL v1.2' 
_refine.pdbx_R_Free_selection_details            ? 
_refine.pdbx_stereochem_target_val_spec_case     ? 
_refine.pdbx_overall_ESU_R                       ? 
_refine.pdbx_overall_ESU_R_Free                  ? 
_refine.pdbx_solvent_vdw_probe_radii             ? 
_refine.pdbx_solvent_ion_probe_radii             ? 
_refine.pdbx_solvent_shrinkage_radii             ? 
_refine.pdbx_real_space_R                        ? 
_refine.pdbx_density_correlation                 ? 
_refine.pdbx_pd_number_of_powder_patterns        ? 
_refine.pdbx_pd_number_of_points                 ? 
_refine.pdbx_pd_meas_number_of_points            ? 
_refine.pdbx_pd_proc_ls_prof_R_factor            ? 
_refine.pdbx_pd_proc_ls_prof_wR_factor           ? 
_refine.pdbx_pd_Marquardt_correlation_coeff      ? 
_refine.pdbx_pd_Fsqrd_R_factor                   ? 
_refine.pdbx_pd_ls_matrix_band_width             ? 
_refine.pdbx_overall_phase_error                 ? 
_refine.pdbx_overall_SU_R_free_Cruickshank_DPI   ? 
_refine.pdbx_overall_SU_R_free_Blow_DPI          ? 
_refine.pdbx_overall_SU_R_Blow_DPI               ? 
_refine.pdbx_TLS_residual_ADP_flag               ? 
_refine.pdbx_diffrn_id                           1 
_refine.overall_SU_B                             ? 
_refine.overall_SU_ML                            ? 
_refine.overall_SU_R_Cruickshank_DPI             ? 
_refine.overall_SU_R_free                        ? 
_refine.overall_FOM_free_R_set                   ? 
_refine.overall_FOM_work_R_set                   ? 
_refine.pdbx_average_fsc_overall                 ? 
_refine.pdbx_average_fsc_work                    ? 
_refine.pdbx_average_fsc_free                    ? 
# 
_refine_hist.pdbx_refine_id                   'X-RAY DIFFRACTION' 
_refine_hist.cycle_id                         LAST 
_refine_hist.pdbx_number_atoms_protein        921 
_refine_hist.pdbx_number_atoms_nucleic_acid   0 
_refine_hist.pdbx_number_atoms_ligand         16 
_refine_hist.number_atoms_solvent             49 
_refine_hist.number_atoms_total               986 
_refine_hist.d_res_high                       2.5 
_refine_hist.d_res_low                        37.42 
# 
loop_
_refine_ls_restr.pdbx_refine_id 
_refine_ls_restr.criterion 
_refine_ls_restr.dev_ideal 
_refine_ls_restr.dev_ideal_target 
_refine_ls_restr.number 
_refine_ls_restr.rejects 
_refine_ls_restr.type 
_refine_ls_restr.weight 
_refine_ls_restr.pdbx_restraint_function 
'X-RAY DIFFRACTION' ? 0.0052  ? 964  ? f_bond_d           ? ? 
'X-RAY DIFFRACTION' ? 0.8562  ? 1314 ? f_angle_d          ? ? 
'X-RAY DIFFRACTION' ? 0.0559  ? 139  ? f_chiral_restr     ? ? 
'X-RAY DIFFRACTION' ? 0.0034  ? 167  ? f_plane_restr      ? ? 
'X-RAY DIFFRACTION' ? 22.7386 ? 332  ? f_dihedral_angle_d ? ? 
# 
_struct.entry_id                     7CPZ 
_struct.title                        'Crystal structure of Streptoavidin-C1 from Streptomyces cinamonensis' 
_struct.pdbx_model_details           ? 
_struct.pdbx_formula_weight          ? 
_struct.pdbx_formula_weight_method   ? 
_struct.pdbx_model_type_details      ? 
_struct.pdbx_CASP_flag               N 
# 
_struct_keywords.entry_id        7CPZ 
_struct_keywords.text            'Avidin, Antifungal, Biotin, ANTIMICROBIAL PROTEIN' 
_struct_keywords.pdbx_keywords   'ANTIMICROBIAL PROTEIN' 
# 
loop_
_struct_asym.id 
_struct_asym.pdbx_blank_PDB_chainid_flag 
_struct_asym.pdbx_modified 
_struct_asym.entity_id 
_struct_asym.details 
A N N 1 ? 
B N N 2 ? 
C N N 3 ? 
# 
_struct_conf.conf_type_id            HELX_P 
_struct_conf.id                      HELX_P1 
_struct_conf.pdbx_PDB_helix_id       AA1 
_struct_conf.beg_label_comp_id       THR 
_struct_conf.beg_label_asym_id       A 
_struct_conf.beg_label_seq_id        147 
_struct_conf.pdbx_beg_PDB_ins_code   ? 
_struct_conf.end_label_comp_id       LYS 
_struct_conf.end_label_asym_id       A 
_struct_conf.end_label_seq_id        153 
_struct_conf.pdbx_end_PDB_ins_code   ? 
_struct_conf.beg_auth_comp_id        THR 
_struct_conf.beg_auth_asym_id        A 
_struct_conf.beg_auth_seq_id         147 
_struct_conf.end_auth_comp_id        LYS 
_struct_conf.end_auth_asym_id        A 
_struct_conf.end_auth_seq_id         153 
_struct_conf.pdbx_PDB_helix_class    5 
_struct_conf.details                 ? 
_struct_conf.pdbx_PDB_helix_length   7 
# 
_struct_conf_type.id          HELX_P 
_struct_conf_type.criteria    ? 
_struct_conf_type.reference   ? 
# 
_struct_mon_prot_cis.pdbx_id                1 
_struct_mon_prot_cis.label_comp_id          SER 
_struct_mon_prot_cis.label_seq_id           132 
_struct_mon_prot_cis.label_asym_id          A 
_struct_mon_prot_cis.label_alt_id           . 
_struct_mon_prot_cis.pdbx_PDB_ins_code      ? 
_struct_mon_prot_cis.auth_comp_id           SER 
_struct_mon_prot_cis.auth_seq_id            132 
_struct_mon_prot_cis.auth_asym_id           A 
_struct_mon_prot_cis.pdbx_label_comp_id_2   GLN 
_struct_mon_prot_cis.pdbx_label_seq_id_2    133 
_struct_mon_prot_cis.pdbx_label_asym_id_2   A 
_struct_mon_prot_cis.pdbx_PDB_ins_code_2    ? 
_struct_mon_prot_cis.pdbx_auth_comp_id_2    GLN 
_struct_mon_prot_cis.pdbx_auth_seq_id_2     133 
_struct_mon_prot_cis.pdbx_auth_asym_id_2    A 
_struct_mon_prot_cis.pdbx_PDB_model_num     1 
_struct_mon_prot_cis.pdbx_omega_angle       8.52 
# 
_struct_sheet.id               AA1 
_struct_sheet.type             ? 
_struct_sheet.number_strands   9 
_struct_sheet.details          ? 
# 
loop_
_struct_sheet_order.sheet_id 
_struct_sheet_order.range_id_1 
_struct_sheet_order.range_id_2 
_struct_sheet_order.offset 
_struct_sheet_order.sense 
AA1 1 2 ? anti-parallel 
AA1 2 3 ? anti-parallel 
AA1 3 4 ? anti-parallel 
AA1 4 5 ? anti-parallel 
AA1 5 6 ? anti-parallel 
AA1 6 7 ? anti-parallel 
AA1 7 8 ? anti-parallel 
AA1 8 9 ? anti-parallel 
# 
loop_
_struct_sheet_range.sheet_id 
_struct_sheet_range.id 
_struct_sheet_range.beg_label_comp_id 
_struct_sheet_range.beg_label_asym_id 
_struct_sheet_range.beg_label_seq_id 
_struct_sheet_range.pdbx_beg_PDB_ins_code 
_struct_sheet_range.end_label_comp_id 
_struct_sheet_range.end_label_asym_id 
_struct_sheet_range.end_label_seq_id 
_struct_sheet_range.pdbx_end_PDB_ins_code 
_struct_sheet_range.beg_auth_comp_id 
_struct_sheet_range.beg_auth_asym_id 
_struct_sheet_range.beg_auth_seq_id 
_struct_sheet_range.end_auth_comp_id 
_struct_sheet_range.end_auth_asym_id 
_struct_sheet_range.end_auth_seq_id 
AA1 1 GLY A 52  ? ASN A 56  ? GLY A 52  ASN A 56  
AA1 2 VAL A 61  ? ALA A 68  ? VAL A 61  ALA A 68  
AA1 3 GLY A 71  ? GLU A 77  ? GLY A 71  GLU A 77  
AA1 4 TYR A 87  ? TYR A 93  ? TYR A 87  TYR A 93  
AA1 5 THR A 103 ? ARG A 112 ? THR A 103 ARG A 112 
AA1 6 ASN A 117 ? VAL A 129 ? ASN A 117 VAL A 129 
AA1 7 ARG A 135 ? TYR A 144 ? ARG A 135 TYR A 144 
AA1 8 THR A 155 ? THR A 163 ? THR A 155 THR A 163 
AA1 9 GLY A 52  ? ASN A 56  ? GLY A 52  ASN A 56  
# 
loop_
_pdbx_struct_sheet_hbond.sheet_id 
_pdbx_struct_sheet_hbond.range_id_1 
_pdbx_struct_sheet_hbond.range_id_2 
_pdbx_struct_sheet_hbond.range_1_label_atom_id 
_pdbx_struct_sheet_hbond.range_1_label_comp_id 
_pdbx_struct_sheet_hbond.range_1_label_asym_id 
_pdbx_struct_sheet_hbond.range_1_label_seq_id 
_pdbx_struct_sheet_hbond.range_1_PDB_ins_code 
_pdbx_struct_sheet_hbond.range_1_auth_atom_id 
_pdbx_struct_sheet_hbond.range_1_auth_comp_id 
_pdbx_struct_sheet_hbond.range_1_auth_asym_id 
_pdbx_struct_sheet_hbond.range_1_auth_seq_id 
_pdbx_struct_sheet_hbond.range_2_label_atom_id 
_pdbx_struct_sheet_hbond.range_2_label_comp_id 
_pdbx_struct_sheet_hbond.range_2_label_asym_id 
_pdbx_struct_sheet_hbond.range_2_label_seq_id 
_pdbx_struct_sheet_hbond.range_2_PDB_ins_code 
_pdbx_struct_sheet_hbond.range_2_auth_atom_id 
_pdbx_struct_sheet_hbond.range_2_auth_comp_id 
_pdbx_struct_sheet_hbond.range_2_auth_asym_id 
_pdbx_struct_sheet_hbond.range_2_auth_seq_id 
AA1 1 2 N GLY A 52  ? N GLY A 52  O VAL A 64  ? O VAL A 64  
AA1 2 3 N VAL A 61  ? N VAL A 61  O GLU A 77  ? O GLU A 77  
AA1 3 4 N PHE A 72  ? N PHE A 72  O GLY A 91  ? O GLY A 91  
AA1 4 5 N THR A 90  ? N THR A 90  O THR A 108 ? O THR A 108 
AA1 5 6 N THR A 103 ? N THR A 103 O TYR A 128 ? O TYR A 128 
AA1 6 7 N VAL A 129 ? N VAL A 129 O ARG A 135 ? O ARG A 135 
AA1 7 8 N ILE A 136 ? N ILE A 136 O PHE A 162 ? O PHE A 162 
AA1 8 9 O THR A 163 ? O THR A 163 N TYR A 55  ? N TYR A 55  
# 
_struct_site.id                   AC1 
_struct_site.pdbx_evidence_code   Software 
_struct_site.pdbx_auth_asym_id    A 
_struct_site.pdbx_auth_comp_id    BTN 
_struct_site.pdbx_auth_seq_id     201 
_struct_site.pdbx_auth_ins_code   ? 
_struct_site.pdbx_num_residues    14 
_struct_site.details              'binding site for residue BTN A 201' 
# 
loop_
_struct_site_gen.id 
_struct_site_gen.site_id 
_struct_site_gen.pdbx_num_res 
_struct_site_gen.label_comp_id 
_struct_site_gen.label_asym_id 
_struct_site_gen.label_seq_id 
_struct_site_gen.pdbx_auth_ins_code 
_struct_site_gen.auth_comp_id 
_struct_site_gen.auth_asym_id 
_struct_site_gen.auth_seq_id 
_struct_site_gen.label_atom_id 
_struct_site_gen.label_alt_id 
_struct_site_gen.symmetry 
_struct_site_gen.details 
1  AC1 14 ASN A 56  ? ASN A 56  . ? 1_555 ? 
2  AC1 14 SER A 60  ? SER A 60  . ? 1_555 ? 
3  AC1 14 TYR A 76  ? TYR A 76  . ? 1_555 ? 
4  AC1 14 SER A 78  ? SER A 78  . ? 1_555 ? 
5  AC1 14 GLY A 81  ? GLY A 81  . ? 1_555 ? 
6  AC1 14 ASN A 82  ? ASN A 82  . ? 1_555 ? 
7  AC1 14 TYR A 111 ? TYR A 111 . ? 1_555 ? 
8  AC1 14 ALA A 118 ? ALA A 118 . ? 1_555 ? 
9  AC1 14 SER A 120 ? SER A 120 . ? 1_555 ? 
10 AC1 14 TRP A 124 ? TRP A 124 . ? 1_555 ? 
11 AC1 14 TRP A 140 ? TRP A 140 . ? 1_555 ? 
12 AC1 14 TYR A 144 ? TYR A 144 . ? 1_555 ? 
13 AC1 14 TRP A 152 ? TRP A 152 . ? 2_645 ? 
14 AC1 14 ASP A 160 ? ASP A 160 . ? 1_555 ? 
# 
_atom_sites.entry_id                    7CPZ 
_atom_sites.Cartn_transf_matrix[1][1]   ? 
_atom_sites.Cartn_transf_matrix[1][2]   ? 
_atom_sites.Cartn_transf_matrix[1][3]   ? 
_atom_sites.Cartn_transf_matrix[2][1]   ? 
_atom_sites.Cartn_transf_matrix[2][2]   ? 
_atom_sites.Cartn_transf_matrix[2][3]   ? 
_atom_sites.Cartn_transf_matrix[3][1]   ? 
_atom_sites.Cartn_transf_matrix[3][2]   ? 
_atom_sites.Cartn_transf_matrix[3][3]   ? 
_atom_sites.Cartn_transf_vector[1]      ? 
_atom_sites.Cartn_transf_vector[2]      ? 
_atom_sites.Cartn_transf_vector[3]      ? 
_atom_sites.fract_transf_matrix[1][1]   -0.00484814 
_atom_sites.fract_transf_matrix[1][2]   -0.00645756 
_atom_sites.fract_transf_matrix[1][3]   0.01523424 
_atom_sites.fract_transf_matrix[2][1]   0.00152861 
_atom_sites.fract_transf_matrix[2][2]   -0.01598162 
_atom_sites.fract_transf_matrix[2][3]   -0.00628790 
_atom_sites.fract_transf_matrix[3][1]   0.01276711 
_atom_sites.fract_transf_matrix[3][2]   -0.00032348 
_atom_sites.fract_transf_matrix[3][3]   0.00392589 
_atom_sites.fract_transf_vector[1]      0.426983 
_atom_sites.fract_transf_vector[2]      -0.245802 
_atom_sites.fract_transf_vector[3]      -0.035281 
_atom_sites.solution_primary            ? 
_atom_sites.solution_secondary          ? 
_atom_sites.solution_hydrogens          ? 
_atom_sites.special_details             ? 
# 
loop_
_atom_type.symbol 
C 
N 
O 
S 
# 
loop_
_atom_site.group_PDB 
_atom_site.id 
_atom_site.type_symbol 
_atom_site.label_atom_id 
_atom_site.label_alt_id 
_atom_site.label_comp_id 
_atom_site.label_asym_id 
_atom_site.label_entity_id 
_atom_site.label_seq_id 
_atom_site.pdbx_PDB_ins_code 
_atom_site.Cartn_x 
_atom_site.Cartn_y 
_atom_site.Cartn_z 
_atom_site.occupancy 
_atom_site.B_iso_or_equiv 
_atom_site.pdbx_formal_charge 
_atom_site.auth_seq_id 
_atom_site.auth_comp_id 
_atom_site.auth_asym_id 
_atom_site.auth_atom_id 
_atom_site.pdbx_PDB_model_num 
ATOM   1   N N   . PRO A 1 48  ? 14.42841  -9.05917  -1.76561  1.000 51.12000 ? 48  PRO A N   1 
ATOM   2   C CA  . PRO A 1 48  ? 13.58290  -8.20371  -0.92622  1.000 54.27000 ? 48  PRO A CA  1 
ATOM   3   C C   . PRO A 1 48  ? 12.57661  -9.00425  -0.09862  1.000 46.07000 ? 48  PRO A C   1 
ATOM   4   O O   . PRO A 1 48  ? 12.41498  -8.73841  1.09216   1.000 61.06000 ? 48  PRO A O   1 
ATOM   5   C CB  . PRO A 1 48  ? 12.87087  -7.30522  -1.94336  1.000 46.12000 ? 48  PRO A CB  1 
ATOM   6   C CG  . PRO A 1 48  ? 12.99056  -8.01241  -3.27572  1.000 36.75000 ? 48  PRO A CG  1 
ATOM   7   C CD  . PRO A 1 48  ? 13.88229  -9.21381  -3.12317  1.000 51.84000 ? 48  PRO A CD  1 
ATOM   8   N N   . GLY A 1 49  ? 11.90723  -9.96546  -0.73040  1.000 45.07000 ? 49  GLY A N   1 
ATOM   9   C CA  . GLY A 1 49  ? 11.01624  -10.86934 -0.03442  1.000 38.16000 ? 49  GLY A CA  1 
ATOM   10  C C   . GLY A 1 49  ? 9.56055   -10.46075 0.01280   1.000 38.95000 ? 49  GLY A C   1 
ATOM   11  O O   . GLY A 1 49  ? 8.79008   -11.07731 0.75915   1.000 37.74000 ? 49  GLY A O   1 
ATOM   12  N N   . ILE A 1 50  ? 9.15237   -9.45282  -0.76166  1.000 37.04000 ? 50  ILE A N   1 
ATOM   13  C CA  . ILE A 1 50  ? 7.78367   -8.95087  -0.71397  1.000 35.97000 ? 50  ILE A CA  1 
ATOM   14  C C   . ILE A 1 50  ? 6.92945   -9.46570  -1.86162  1.000 34.29000 ? 50  ILE A C   1 
ATOM   15  O O   . ILE A 1 50  ? 5.75639   -9.08350  -1.96654  1.000 30.54000 ? 50  ILE A O   1 
ATOM   16  C CB  . ILE A 1 50  ? 7.75934   -7.40846  -0.69153  1.000 25.63000 ? 50  ILE A CB  1 
ATOM   17  C CG1 . ILE A 1 50  ? 8.48325   -6.84622  -1.91712  1.000 22.61000 ? 50  ILE A CG1 1 
ATOM   18  C CG2 . ILE A 1 50  ? 8.38005   -6.88265  0.59358   1.000 27.86000 ? 50  ILE A CG2 1 
ATOM   19  C CD1 . ILE A 1 50  ? 8.25739   -5.36723  -2.13622  1.000 27.20000 ? 50  ILE A CD1 1 
ATOM   20  N N   . LEU A 1 51  ? 7.47741   -10.31917 -2.72356  1.000 26.06000 ? 51  LEU A N   1 
ATOM   21  C CA  . LEU A 1 51  ? 6.73825   -10.79499 -3.88483  1.000 28.45000 ? 51  LEU A CA  1 
ATOM   22  C C   . LEU A 1 51  ? 5.48879   -11.55695 -3.46120  1.000 33.91000 ? 51  LEU A C   1 
ATOM   23  O O   . LEU A 1 51  ? 5.49809   -12.30633 -2.48112  1.000 39.34000 ? 51  LEU A O   1 
ATOM   24  C CB  . LEU A 1 51  ? 7.63159   -11.69217 -4.74366  1.000 31.24000 ? 51  LEU A CB  1 
ATOM   25  C CG  . LEU A 1 51  ? 7.36959   -11.70664 -6.25131  1.000 41.75000 ? 51  LEU A CG  1 
ATOM   26  C CD1 . LEU A 1 51  ? 7.85858   -10.41663 -6.89119  1.000 35.89000 ? 51  LEU A CD1 1 
ATOM   27  C CD2 . LEU A 1 51  ? 8.02837   -12.91585 -6.90056  1.000 34.90000 ? 51  LEU A CD2 1 
ATOM   28  N N   . GLY A 1 52  ? 4.40239   -11.35390 -4.20301  1.000 36.81000 ? 52  GLY A N   1 
ATOM   29  C CA  . GLY A 1 52  ? 3.19807   -12.13087 -3.98528  1.000 32.79000 ? 52  GLY A CA  1 
ATOM   30  C C   . GLY A 1 52  ? 2.05912   -11.40329 -3.29801  1.000 34.50000 ? 52  GLY A C   1 
ATOM   31  O O   . GLY A 1 52  ? 1.93548   -10.17769 -3.39392  1.000 25.05000 ? 52  GLY A O   1 
ATOM   32  N N   . THR A 1 53  ? 1.22586   -12.16053 -2.59052  1.000 24.94000 ? 53  THR A N   1 
ATOM   33  C CA  . THR A 1 53  ? -0.02461  -11.66222 -2.03593  1.000 26.76000 ? 53  THR A CA  1 
ATOM   34  C C   . THR A 1 53  ? 0.13513   -11.31712 -0.55988  1.000 27.14000 ? 53  THR A C   1 
ATOM   35  O O   . THR A 1 53  ? 0.76710   -12.05828 0.19968   1.000 30.48000 ? 53  THR A O   1 
ATOM   36  C CB  . THR A 1 53  ? -1.13553  -12.70031 -2.21493  1.000 23.86000 ? 53  THR A CB  1 
ATOM   37  O OG1 . THR A 1 53  ? -1.42076  -12.85271 -3.61075  1.000 40.00000 ? 53  THR A OG1 1 
ATOM   38  C CG2 . THR A 1 53  ? -2.40322  -12.26982 -1.49763  1.000 33.44000 ? 53  THR A CG2 1 
ATOM   39  N N   . TRP A 1 54  ? -0.43495  -10.17984 -0.16416  1.000 22.73000 ? 54  TRP A N   1 
ATOM   40  C CA  . TRP A 1 54  ? -0.45757  -9.73913  1.22195   1.000 25.90000 ? 54  TRP A CA  1 
ATOM   41  C C   . TRP A 1 54  ? -1.87867  -9.35430  1.60397   1.000 24.23000 ? 54  TRP A C   1 
ATOM   42  O O   . TRP A 1 54  ? -2.68894  -8.98381  0.75051   1.000 27.64000 ? 54  TRP A O   1 
ATOM   43  C CB  . TRP A 1 54  ? 0.47649   -8.54592  1.45456   1.000 22.86000 ? 54  TRP A CB  1 
ATOM   44  C CG  . TRP A 1 54  ? 1.92800   -8.85238  1.25917   1.000 23.64000 ? 54  TRP A CG  1 
ATOM   45  C CD1 . TRP A 1 54  ? 2.62824   -8.78821  0.08995   1.000 27.43000 ? 54  TRP A CD1 1 
ATOM   46  C CD2 . TRP A 1 54  ? 2.86512   -9.25589  2.26576   1.000 28.81000 ? 54  TRP A CD2 1 
ATOM   47  N NE1 . TRP A 1 54  ? 3.93927   -9.13430  0.30388   1.000 30.85000 ? 54  TRP A NE1 1 
ATOM   48  C CE2 . TRP A 1 54  ? 4.11100   -9.42522  1.63071   1.000 23.90000 ? 54  TRP A CE2 1 
ATOM   49  C CE3 . TRP A 1 54  ? 2.77035   -9.49386  3.64002   1.000 29.27000 ? 54  TRP A CE3 1 
ATOM   50  C CZ2 . TRP A 1 54  ? 5.25283   -9.82234  2.32261   1.000 35.09000 ? 54  TRP A CZ2 1 
ATOM   51  C CZ3 . TRP A 1 54  ? 3.90577   -9.88706  4.32588   1.000 25.87000 ? 54  TRP A CZ3 1 
ATOM   52  C CH2 . TRP A 1 54  ? 5.13014   -10.04767 3.66618   1.000 29.15000 ? 54  TRP A CH2 1 
ATOM   53  N N   . TYR A 1 55  ? -2.17265  -9.44346  2.89981   1.000 25.10000 ? 55  TYR A N   1 
ATOM   54  C CA  . TYR A 1 55  ? -3.47180  -9.06710  3.44269   1.000 27.08000 ? 55  TYR A CA  1 
ATOM   55  C C   . TYR A 1 55  ? -3.26033  -8.16342  4.64681   1.000 23.27000 ? 55  TYR A C   1 
ATOM   56  O O   . TYR A 1 55  ? -2.42339  -8.46081  5.50466   1.000 26.00000 ? 55  TYR A O   1 
ATOM   57  C CB  . TYR A 1 55  ? -4.28916  -10.30010 3.85510   1.000 38.85000 ? 55  TYR A CB  1 
ATOM   58  C CG  . TYR A 1 55  ? -4.72992  -11.17772 2.70449   1.000 36.85000 ? 55  TYR A CG  1 
ATOM   59  C CD1 . TYR A 1 55  ? -5.89058  -10.89573 1.99627   1.000 39.54000 ? 55  TYR A CD1 1 
ATOM   60  C CD2 . TYR A 1 55  ? -3.99109  -12.29558 2.33335   1.000 30.67000 ? 55  TYR A CD2 1 
ATOM   61  C CE1 . TYR A 1 55  ? -6.29891  -11.69671 0.94393   1.000 57.69000 ? 55  TYR A CE1 1 
ATOM   62  C CE2 . TYR A 1 55  ? -4.39276  -13.10304 1.28264   1.000 37.41000 ? 55  TYR A CE2 1 
ATOM   63  C CZ  . TYR A 1 55  ? -5.54693  -12.79924 0.58913   1.000 53.57000 ? 55  TYR A CZ  1 
ATOM   64  O OH  . TYR A 1 55  ? -5.95550  -13.59766 -0.45881  1.000 39.31000 ? 55  TYR A OH  1 
ATOM   65  N N   . ASN A 1 56  ? -4.01446  -7.07029  4.71513   1.000 21.99000 ? 56  ASN A N   1 
ATOM   66  C CA  . ASN A 1 56  ? -3.98783  -6.22039  5.89310   1.000 25.66000 ? 56  ASN A CA  1 
ATOM   67  C C   . ASN A 1 56  ? -5.15906  -6.57239  6.80740   1.000 31.30000 ? 56  ASN A C   1 
ATOM   68  O O   . ASN A 1 56  ? -5.96368  -7.46268  6.51915   1.000 28.06000 ? 56  ASN A O   1 
ATOM   69  C CB  . ASN A 1 56  ? -3.97877  -4.73410  5.50965   1.000 24.88000 ? 56  ASN A CB  1 
ATOM   70  C CG  . ASN A 1 56  ? -5.28497  -4.25570  4.88930   1.000 26.88000 ? 56  ASN A CG  1 
ATOM   71  O OD1 . ASN A 1 56  ? -6.28397  -4.97259  4.84245   1.000 29.35000 ? 56  ASN A OD1 1 
ATOM   72  N ND2 . ASN A 1 56  ? -5.27363  -3.01918  4.40636   1.000 29.08000 ? 56  ASN A ND2 1 
ATOM   73  N N   . GLN A 1 57  ? -5.25776  -5.85358  7.92613   1.000 28.56000 ? 57  GLN A N   1 
ATOM   74  C CA  . GLN A 1 57  ? -6.25719  -6.16122  8.94221   1.000 26.16000 ? 57  GLN A CA  1 
ATOM   75  C C   . GLN A 1 57  ? -7.68401  -5.85160  8.49941   1.000 24.24000 ? 57  GLN A C   1 
ATOM   76  O O   . GLN A 1 57  ? -8.62060  -6.17371  9.23848   1.000 40.23000 ? 57  GLN A O   1 
ATOM   77  C CB  . GLN A 1 57  ? -5.93253  -5.41036  10.23869  1.000 22.69000 ? 57  GLN A CB  1 
ATOM   78  C CG  . GLN A 1 57  ? -6.23904  -3.91383  10.21866  1.000 28.15000 ? 57  GLN A CG  1 
ATOM   79  C CD  . GLN A 1 57  ? -5.33649  -3.12545  9.28159   1.000 26.74000 ? 57  GLN A CD  1 
ATOM   80  O OE1 . GLN A 1 57  ? -4.20487  -3.52534  8.99911   1.000 26.38000 ? 57  GLN A OE1 1 
ATOM   81  N NE2 . GLN A 1 57  ? -5.83847  -1.99880  8.79131   1.000 23.44000 ? 57  GLN A NE2 1 
ATOM   82  N N   . LEU A 1 58  ? -7.87945  -5.24937  7.32981   1.000 24.05000 ? 58  LEU A N   1 
ATOM   83  C CA  . LEU A 1 58  ? -9.20979  -4.98906  6.79722   1.000 29.32000 ? 58  LEU A CA  1 
ATOM   84  C C   . LEU A 1 58  ? -9.66413  -6.04198  5.79547   1.000 28.59000 ? 58  LEU A C   1 
ATOM   85  O O   . LEU A 1 58  ? -10.79965 -5.97431  5.31452   1.000 22.44000 ? 58  LEU A O   1 
ATOM   86  C CB  . LEU A 1 58  ? -9.25487  -3.60929  6.12842   1.000 22.42000 ? 58  LEU A CB  1 
ATOM   87  C CG  . LEU A 1 58  ? -8.91928  -2.37594  6.96627   1.000 34.59000 ? 58  LEU A CG  1 
ATOM   88  C CD1 . LEU A 1 58  ? -8.71348  -1.16589  6.06317   1.000 28.09000 ? 58  LEU A CD1 1 
ATOM   89  C CD2 . LEU A 1 58  ? -10.01236 -2.10128  7.98773   1.000 27.10000 ? 58  LEU A CD2 1 
ATOM   90  N N   . GLY A 1 59  ? -8.81124  -7.00735  5.46755   1.000 23.63000 ? 59  GLY A N   1 
ATOM   91  C CA  . GLY A 1 59  ? -9.10936  -7.92419  4.39098   1.000 26.83000 ? 59  GLY A CA  1 
ATOM   92  C C   . GLY A 1 59  ? -8.74770  -7.41831  3.01490   1.000 31.33000 ? 59  GLY A C   1 
ATOM   93  O O   . GLY A 1 59  ? -9.12636  -8.04798  2.01972   1.000 40.03000 ? 59  GLY A O   1 
ATOM   94  N N   . SER A 1 60  ? -8.03899  -6.29901  2.92264   1.000 31.85000 ? 60  SER A N   1 
ATOM   95  C CA  . SER A 1 60  ? -7.58000  -5.81365  1.63334   1.000 26.35000 ? 60  SER A CA  1 
ATOM   96  C C   . SER A 1 60  ? -6.47827  -6.71844  1.09678   1.000 27.32000 ? 60  SER A C   1 
ATOM   97  O O   . SER A 1 60  ? -5.77876  -7.39882  1.85267   1.000 26.64000 ? 60  SER A O   1 
ATOM   98  C CB  . SER A 1 60  ? -7.08024  -4.37577  1.74997   1.000 29.27000 ? 60  SER A CB  1 
ATOM   99  O OG  . SER A 1 60  ? -8.15898  -3.49396  2.00229   1.000 29.00000 ? 60  SER A OG  1 
ATOM   100 N N   . VAL A 1 61  ? -6.33711  -6.73523  -0.22470  1.000 25.50000 ? 61  VAL A N   1 
ATOM   101 C CA  . VAL A 1 61  ? -5.43515  -7.65486  -0.90921  1.000 24.67000 ? 61  VAL A CA  1 
ATOM   102 C C   . VAL A 1 61  ? -4.42362  -6.83592  -1.69452  1.000 31.74000 ? 61  VAL A C   1 
ATOM   103 O O   . VAL A 1 61  ? -4.79936  -6.06431  -2.58713  1.000 27.47000 ? 61  VAL A O   1 
ATOM   104 C CB  . VAL A 1 61  ? -6.19359  -8.61375  -1.83999  1.000 36.36000 ? 61  VAL A CB  1 
ATOM   105 C CG1 . VAL A 1 61  ? -5.27437  -9.73504  -2.30117  1.000 37.00000 ? 61  VAL A CG1 1 
ATOM   106 C CG2 . VAL A 1 61  ? -7.44226  -9.15689  -1.15245  1.000 28.51000 ? 61  VAL A CG2 1 
ATOM   107 N N   . MET A 1 62  ? -3.14700  -7.00452  -1.36424  1.000 27.78000 ? 62  MET A N   1 
ATOM   108 C CA  . MET A 1 62  ? -2.04342  -6.37963  -2.08368  1.000 28.03000 ? 62  MET A CA  1 
ATOM   109 C C   . MET A 1 62  ? -1.24430  -7.47579  -2.77502  1.000 30.77000 ? 62  MET A C   1 
ATOM   110 O O   . MET A 1 62  ? -0.75144  -8.39690  -2.11563  1.000 35.08000 ? 62  MET A O   1 
ATOM   111 C CB  . MET A 1 62  ? -1.15868  -5.57497  -1.13055  1.000 30.04000 ? 62  MET A CB  1 
ATOM   112 C CG  . MET A 1 62  ? 0.30737   -5.51093  -1.52644  1.000 34.22000 ? 62  MET A CG  1 
ATOM   113 S SD  . MET A 1 62  ? 1.22757   -4.26467  -0.60120  1.000 30.98000 ? 62  MET A SD  1 
ATOM   114 C CE  . MET A 1 62  ? 1.50547   -5.11788  0.94663   1.000 32.95000 ? 62  MET A CE  1 
ATOM   115 N N   . VAL A 1 63  ? -1.13081  -7.38628  -4.09646  1.000 28.86000 ? 63  VAL A N   1 
ATOM   116 C CA  . VAL A 1 63  ? -0.41011  -8.37107  -4.89797  1.000 26.86000 ? 63  VAL A CA  1 
ATOM   117 C C   . VAL A 1 63  ? 0.79320   -7.67569  -5.51731  1.000 26.59000 ? 63  VAL A C   1 
ATOM   118 O O   . VAL A 1 63  ? 0.64019   -6.81833  -6.39549  1.000 23.53000 ? 63  VAL A O   1 
ATOM   119 C CB  . VAL A 1 63  ? -1.30047  -8.99555  -5.98137  1.000 33.45000 ? 63  VAL A CB  1 
ATOM   120 C CG1 . VAL A 1 63  ? -0.48687  -9.95237  -6.84785  1.000 25.84000 ? 63  VAL A CG1 1 
ATOM   121 C CG2 . VAL A 1 63  ? -2.48768  -9.70957  -5.35463  1.000 29.33000 ? 63  VAL A CG2 1 
ATOM   122 N N   . VAL A 1 64  ? 1.98861   -8.04344  -5.06528  1.000 19.87000 ? 64  VAL A N   1 
ATOM   123 C CA  . VAL A 1 64  ? 3.23120   -7.55546  -5.65250  1.000 21.39000 ? 64  VAL A CA  1 
ATOM   124 C C   . VAL A 1 64  ? 3.61210   -8.51057  -6.77933  1.000 34.11000 ? 64  VAL A C   1 
ATOM   125 O O   . VAL A 1 64  ? 3.99912   -9.65591  -6.53275  1.000 27.90000 ? 64  VAL A O   1 
ATOM   126 C CB  . VAL A 1 64  ? 4.34654   -7.45196  -4.60516  1.000 21.14000 ? 64  VAL A CB  1 
ATOM   127 C CG1 . VAL A 1 64  ? 5.65601   -7.03905  -5.25952  1.000 30.93000 ? 64  VAL A CG1 1 
ATOM   128 C CG2 . VAL A 1 64  ? 3.95777   -6.47143  -3.51194  1.000 20.75000 ? 64  VAL A CG2 1 
ATOM   129 N N   . THR A 1 65  ? 3.49658   -8.04326  -8.02256  1.000 28.80000 ? 65  THR A N   1 
ATOM   130 C CA  . THR A 1 65  ? 3.73650   -8.90640  -9.17337  1.000 32.79000 ? 65  THR A CA  1 
ATOM   131 C C   . THR A 1 65  ? 5.18460   -8.88778  -9.64742  1.000 37.48000 ? 65  THR A C   1 
ATOM   132 O O   . THR A 1 65  ? 5.64313   -9.87346  -10.23621 1.000 36.83000 ? 65  THR A O   1 
ATOM   133 C CB  . THR A 1 65  ? 2.81205   -8.51349  -10.33095 1.000 27.90000 ? 65  THR A CB  1 
ATOM   134 O OG1 . THR A 1 65  ? 3.04247   -7.14567  -10.68852 1.000 36.19000 ? 65  THR A OG1 1 
ATOM   135 C CG2 . THR A 1 65  ? 1.35249   -8.69472  -9.93174  1.000 23.57000 ? 65  THR A CG2 1 
ATOM   136 N N   . ARG A 1 66  ? 5.91593   -7.79995  -9.40742  1.000 29.77000 ? 66  ARG A N   1 
ATOM   137 C CA  . ARG A 1 66  ? 7.32801   -7.72611  -9.75634  1.000 39.87000 ? 66  ARG A CA  1 
ATOM   138 C C   . ARG A 1 66  ? 8.03537   -6.81071  -8.76858  1.000 31.38000 ? 66  ARG A C   1 
ATOM   139 O O   . ARG A 1 66  ? 7.46750   -5.81527  -8.31344  1.000 37.60000 ? 66  ARG A O   1 
ATOM   140 C CB  . ARG A 1 66  ? 7.54355   -7.20755  -11.18373 1.000 40.14000 ? 66  ARG A CB  1 
ATOM   141 C CG  . ARG A 1 66  ? 7.40864   -8.25617  -12.27780 1.000 46.51000 ? 66  ARG A CG  1 
ATOM   142 C CD  . ARG A 1 66  ? 8.06700   -7.82254  -13.59009 1.000 50.03000 ? 66  ARG A CD  1 
ATOM   143 N NE  . ARG A 1 66  ? 8.54957   -6.44138  -13.57202 1.000 74.99000 ? 66  ARG A NE  1 
ATOM   144 C CZ  . ARG A 1 66  ? 7.80094   -5.37814  -13.85416 1.000 73.67000 ? 66  ARG A CZ  1 
ATOM   145 N NH1 . ARG A 1 66  ? 6.52133   -5.52930  -14.17041 1.000 62.74000 ? 66  ARG A NH1 1 
ATOM   146 N NH2 . ARG A 1 66  ? 8.33019   -4.16211  -13.81087 1.000 64.35000 ? 66  ARG A NH2 1 
ATOM   147 N N   . ALA A 1 67  ? 9.28587   -7.14757  -8.45569  1.000 25.14000 ? 67  ALA A N   1 
ATOM   148 C CA  . ALA A 1 67  ? 10.09103  -6.35460  -7.53058  1.000 26.13000 ? 67  ALA A CA  1 
ATOM   149 C C   . ALA A 1 67  ? 11.56117  -6.54166  -7.86863  1.000 33.45000 ? 67  ALA A C   1 
ATOM   150 O O   . ALA A 1 67  ? 12.06173  -7.66987  -7.82991  1.000 34.47000 ? 67  ALA A O   1 
ATOM   151 C CB  . ALA A 1 67  ? 9.81903   -6.75810  -6.08031  1.000 27.56000 ? 67  ALA A CB  1 
ATOM   152 N N   . ALA A 1 68  ? 12.25172  -5.44653  -8.18630  1.000 34.36000 ? 68  ALA A N   1 
ATOM   153 C CA  . ALA A 1 68  ? 13.66437  -5.52108  -8.53909  1.000 44.61000 ? 68  ALA A CA  1 
ATOM   154 C C   . ALA A 1 68  ? 14.27697  -4.12758  -8.52080  1.000 42.15000 ? 68  ALA A C   1 
ATOM   155 O O   . ALA A 1 68  ? 13.62056  -3.14200  -8.87103  1.000 29.17000 ? 68  ALA A O   1 
ATOM   156 C CB  . ALA A 1 68  ? 13.86485  -6.16345  -9.91785  1.000 41.37000 ? 68  ALA A CB  1 
ATOM   157 N N   . ASN A 1 69  ? 15.54610  -4.06856  -8.11001  1.000 36.96000 ? 69  ASN A N   1 
ATOM   158 C CA  . ASN A 1 69  ? 16.36995  -2.85782  -8.18459  1.000 39.97000 ? 69  ASN A CA  1 
ATOM   159 C C   . ASN A 1 69  ? 15.76744  -1.69452  -7.40221  1.000 39.65000 ? 69  ASN A C   1 
ATOM   160 O O   . ASN A 1 69  ? 15.89004  -0.53431  -7.80400  1.000 39.35000 ? 69  ASN A O   1 
ATOM   161 C CB  . ASN A 1 69  ? 16.62145  -2.44601  -9.63900  1.000 34.77000 ? 69  ASN A CB  1 
ATOM   162 C CG  . ASN A 1 69  ? 17.31884  -3.52892  -10.44085 1.000 49.07000 ? 69  ASN A CG  1 
ATOM   163 O OD1 . ASN A 1 69  ? 18.50035  -3.80967  -10.23252 1.000 41.62000 ? 69  ASN A OD1 1 
ATOM   164 N ND2 . ASN A 1 69  ? 16.58911  -4.14451  -11.36523 1.000 56.25000 ? 69  ASN A ND2 1 
ATOM   165 N N   . GLY A 1 70  ? 15.12005  -1.98861  -6.27741  1.000 38.55000 ? 70  GLY A N   1 
ATOM   166 C CA  . GLY A 1 70  ? 14.56723  -0.95545  -5.42913  1.000 35.23000 ? 70  GLY A CA  1 
ATOM   167 C C   . GLY A 1 70  ? 13.18569  -0.46823  -5.81053  1.000 31.82000 ? 70  GLY A C   1 
ATOM   168 O O   . GLY A 1 70  ? 12.66698  0.44322   -5.15465  1.000 28.65000 ? 70  GLY A O   1 
ATOM   169 N N   . GLY A 1 71  ? 12.57733  -1.03503  -6.84311  1.000 27.56000 ? 71  GLY A N   1 
ATOM   170 C CA  . GLY A 1 71  ? 11.22835  -0.67208  -7.22155  1.000 21.06000 ? 71  GLY A CA  1 
ATOM   171 C C   . GLY A 1 71  ? 10.38012  -1.91177  -7.40016  1.000 22.39000 ? 71  GLY A C   1 
ATOM   172 O O   . GLY A 1 71  ? 10.88118  -2.99451  -7.69626  1.000 29.58000 ? 71  GLY A O   1 
ATOM   173 N N   . PHE A 1 72  ? 9.07526   -1.73990  -7.20270  1.000 23.04000 ? 72  PHE A N   1 
ATOM   174 C CA  . PHE A 1 72  ? 8.15883   -2.85804  -7.35034  1.000 25.57000 ? 72  PHE A CA  1 
ATOM   175 C C   . PHE A 1 72  ? 6.81017   -2.35001  -7.83696  1.000 23.98000 ? 72  PHE A C   1 
ATOM   176 O O   . PHE A 1 72  ? 6.50221   -1.15893  -7.75830  1.000 25.21000 ? 72  PHE A O   1 
ATOM   177 C CB  . PHE A 1 72  ? 8.02462   -3.65576  -6.04369  1.000 36.56000 ? 72  PHE A CB  1 
ATOM   178 C CG  . PHE A 1 72  ? 7.27836   -2.94239  -4.95339  1.000 31.50000 ? 72  PHE A CG  1 
ATOM   179 C CD1 . PHE A 1 72  ? 7.91858   -2.02370  -4.13840  1.000 37.64000 ? 72  PHE A CD1 1 
ATOM   180 C CD2 . PHE A 1 72  ? 5.94436   -3.21511  -4.72164  1.000 27.49000 ? 72  PHE A CD2 1 
ATOM   181 C CE1 . PHE A 1 72  ? 7.23382   -1.37906  -3.12443  1.000 26.43000 ? 72  PHE A CE1 1 
ATOM   182 C CE2 . PHE A 1 72  ? 5.26390   -2.57569  -3.71531  1.000 27.93000 ? 72  PHE A CE2 1 
ATOM   183 C CZ  . PHE A 1 72  ? 5.90365   -1.65534  -2.91561  1.000 22.08000 ? 72  PHE A CZ  1 
ATOM   184 N N   . VAL A 1 73  ? 6.01447   -3.28201  -8.36527  1.000 29.64000 ? 73  VAL A N   1 
ATOM   185 C CA  . VAL A 1 73  ? 4.73507   -2.98372  -8.99571  1.000 24.57000 ? 73  VAL A CA  1 
ATOM   186 C C   . VAL A 1 73  ? 3.74127   -4.06987  -8.61003  1.000 27.98000 ? 73  VAL A C   1 
ATOM   187 O O   . VAL A 1 73  ? 4.11222   -5.14209  -8.12819  1.000 32.35000 ? 73  VAL A O   1 
ATOM   188 C CB  . VAL A 1 73  ? 4.84357   -2.90332  -10.53651 1.000 37.29000 ? 73  VAL A CB  1 
ATOM   189 C CG1 . VAL A 1 73  ? 5.73757   -1.74732  -10.95943 1.000 31.25000 ? 73  VAL A CG1 1 
ATOM   190 C CG2 . VAL A 1 73  ? 5.35542   -4.22280  -11.09478 1.000 36.01000 ? 73  VAL A CG2 1 
ATOM   191 N N   . GLY A 1 74  ? 2.46318   -3.78913  -8.84457  1.000 24.23000 ? 74  GLY A N   1 
ATOM   192 C CA  . GLY A 1 74  ? 1.44191   -4.79179  -8.58730  1.000 20.89000 ? 74  GLY A CA  1 
ATOM   193 C C   . GLY A 1 74  ? 0.05081   -4.19907  -8.59201  1.000 23.12000 ? 74  GLY A C   1 
ATOM   194 O O   . GLY A 1 74  ? -0.20979  -3.18890  -9.25404  1.000 25.41000 ? 74  GLY A O   1 
ATOM   195 N N   . THR A 1 75  ? -0.84047  -4.85117  -7.85051  1.000 31.75000 ? 75  THR A N   1 
ATOM   196 C CA  . THR A 1 75  ? -2.23242  -4.44423  -7.74523  1.000 32.71000 ? 75  THR A CA  1 
ATOM   197 C C   . THR A 1 75  ? -2.61221  -4.29011  -6.27963  1.000 31.70000 ? 75  THR A C   1 
ATOM   198 O O   . THR A 1 75  ? -2.00557  -4.89221  -5.38883  1.000 31.44000 ? 75  THR A O   1 
ATOM   199 C CB  . THR A 1 75  ? -3.18109  -5.45498  -8.41219  1.000 32.49000 ? 75  THR A CB  1 
ATOM   200 O OG1 . THR A 1 75  ? -3.08506  -6.71997  -7.74304  1.000 21.88000 ? 75  THR A OG1 1 
ATOM   201 C CG2 . THR A 1 75  ? -2.84008  -5.63211  -9.88630  1.000 23.62000 ? 75  THR A CG2 1 
ATOM   202 N N   . TYR A 1 76  ? -3.63413  -3.47425  -6.04058  1.000 27.75000 ? 76  TYR A N   1 
ATOM   203 C CA  . TYR A 1 76  ? -4.20057  -3.29935  -4.71159  1.000 24.25000 ? 76  TYR A CA  1 
ATOM   204 C C   . TYR A 1 76  ? -5.71346  -3.38836  -4.81202  1.000 30.63000 ? 76  TYR A C   1 
ATOM   205 O O   . TYR A 1 76  ? -6.32189  -2.74418  -5.67311  1.000 31.35000 ? 76  TYR A O   1 
ATOM   206 C CB  . TYR A 1 76  ? -3.78707  -1.95900  -4.09107  1.000 30.63000 ? 76  TYR A CB  1 
ATOM   207 C CG  . TYR A 1 76  ? -3.93841  -1.92089  -2.58497  1.000 23.97000 ? 76  TYR A CG  1 
ATOM   208 C CD1 . TYR A 1 76  ? -5.18710  -1.75232  -1.99528  1.000 23.61000 ? 76  TYR A CD1 1 
ATOM   209 C CD2 . TYR A 1 76  ? -2.83610  -2.06059  -1.75353  1.000 22.15000 ? 76  TYR A CD2 1 
ATOM   210 C CE1 . TYR A 1 76  ? -5.32990  -1.72139  -0.61967  1.000 19.94000 ? 76  TYR A CE1 1 
ATOM   211 C CE2 . TYR A 1 76  ? -2.96993  -2.03043  -0.37651  1.000 19.83000 ? 76  TYR A CE2 1 
ATOM   212 C CZ  . TYR A 1 76  ? -4.21751  -1.86045  0.18244   1.000 18.77000 ? 76  TYR A CZ  1 
ATOM   213 O OH  . TYR A 1 76  ? -4.35197  -1.83037  1.55129   1.000 27.15000 ? 76  TYR A OH  1 
ATOM   214 N N   . GLU A 1 77  ? -6.31395  -4.18650  -3.93576  1.000 20.68000 ? 77  GLU A N   1 
ATOM   215 C CA  . GLU A 1 77  ? -7.76124  -4.33230  -3.85943  1.000 26.49000 ? 77  GLU A CA  1 
ATOM   216 C C   . GLU A 1 77  ? -8.19309  -4.01982  -2.43608  1.000 29.62000 ? 77  GLU A C   1 
ATOM   217 O O   . GLU A 1 77  ? -7.82491  -4.73877  -1.50093  1.000 31.19000 ? 77  GLU A O   1 
ATOM   218 C CB  . GLU A 1 77  ? -8.19285  -5.74075  -4.27011  1.000 35.06000 ? 77  GLU A CB  1 
ATOM   219 C CG  . GLU A 1 77  ? -9.68991  -5.98389  -4.21353  1.000 39.70000 ? 77  GLU A CG  1 
ATOM   220 C CD  . GLU A 1 77  ? -10.03407 -7.46038  -4.27097  1.000 57.38000 ? 77  GLU A CD  1 
ATOM   221 O OE1 . GLU A 1 77  ? -10.90009 -7.90193  -3.48537  1.000 67.85000 ? 77  GLU A OE1 1 
ATOM   222 O OE2 . GLU A 1 77  ? -9.43992  -8.17923  -5.10189  1.000 47.27000 ? 77  GLU A OE2 1 
ATOM   223 N N   . SER A 1 78  ? -8.96445  -2.94847  -2.27270  1.000 22.87000 ? 78  SER A N   1 
ATOM   224 C CA  . SER A 1 78  ? -9.36513  -2.48478  -0.95190  1.000 30.47000 ? 78  SER A CA  1 
ATOM   225 C C   . SER A 1 78  ? -10.71101 -3.08960  -0.57270  1.000 30.92000 ? 78  SER A C   1 
ATOM   226 O O   . SER A 1 78  ? -11.67208 -3.02107  -1.34522  1.000 26.11000 ? 78  SER A O   1 
ATOM   227 C CB  . SER A 1 78  ? -9.43407  -0.95747  -0.91836  1.000 27.44000 ? 78  SER A CB  1 
ATOM   228 O OG  . SER A 1 78  ? -10.34719 -0.50568  0.06681   1.000 23.00000 ? 78  SER A OG  1 
ATOM   229 N N   . ALA A 1 79  ? -10.77270 -3.68045  0.62063   1.000 30.68000 ? 79  ALA A N   1 
ATOM   230 C CA  . ALA A 1 79  ? -11.99729 -4.29711  1.11150   1.000 37.35000 ? 79  ALA A CA  1 
ATOM   231 C C   . ALA A 1 79  ? -13.00322 -3.28819  1.64799   1.000 37.35000 ? 79  ALA A C   1 
ATOM   232 O O   . ALA A 1 79  ? -14.13275 -3.67498  1.96436   1.000 39.97000 ? 79  ALA A O   1 
ATOM   233 C CB  . ALA A 1 79  ? -11.66923 -5.31884  2.20321   1.000 22.55000 ? 79  ALA A CB  1 
ATOM   234 N N   . VAL A 1 80  ? -12.62780 -2.01461  1.77084   1.000 39.60000 ? 80  VAL A N   1 
ATOM   235 C CA  . VAL A 1 80  ? -13.50603 -0.98234  2.30920   1.000 34.35000 ? 80  VAL A CA  1 
ATOM   236 C C   . VAL A 1 80  ? -13.41960 0.25028   1.41842   1.000 29.25000 ? 80  VAL A C   1 
ATOM   237 O O   . VAL A 1 80  ? -12.57232 0.34987   0.52944   1.000 26.17000 ? 80  VAL A O   1 
ATOM   238 C CB  . VAL A 1 80  ? -13.15875 -0.61522  3.76938   1.000 35.76000 ? 80  VAL A CB  1 
ATOM   239 C CG1 . VAL A 1 80  ? -13.21214 -1.84770  4.66507   1.000 21.50000 ? 80  VAL A CG1 1 
ATOM   240 C CG2 . VAL A 1 80  ? -11.78910 0.04305   3.84143   1.000 28.02000 ? 80  VAL A CG2 1 
ATOM   241 N N   . GLY A 1 81  ? -14.31976 1.19779   1.67054   1.000 28.20000 ? 81  GLY A N   1 
ATOM   242 C CA  . GLY A 1 81  ? -14.32811 2.44588   0.93951   1.000 24.51000 ? 81  GLY A CA  1 
ATOM   243 C C   . GLY A 1 81  ? -14.89648 2.31093   -0.45979  1.000 34.68000 ? 81  GLY A C   1 
ATOM   244 O O   . GLY A 1 81  ? -15.41044 1.27084   -0.87523  1.000 37.39000 ? 81  GLY A O   1 
ATOM   245 N N   . ASN A 1 82  ? -14.78802 3.41078   -1.20517  1.000 29.52000 ? 82  ASN A N   1 
ATOM   246 C CA  . ASN A 1 82  ? -15.31316 3.50443   -2.56625  1.000 26.73000 ? 82  ASN A CA  1 
ATOM   247 C C   . ASN A 1 82  ? -14.32677 2.83542   -3.52172  1.000 37.84000 ? 82  ASN A C   1 
ATOM   248 O O   . ASN A 1 82  ? -13.53026 3.48235   -4.20730  1.000 35.86000 ? 82  ASN A O   1 
ATOM   249 C CB  . ASN A 1 82  ? -15.55631 4.96401   -2.93490  1.000 34.77000 ? 82  ASN A CB  1 
ATOM   250 C CG  . ASN A 1 82  ? -16.24454 5.12850   -4.27711  1.000 44.66000 ? 82  ASN A CG  1 
ATOM   251 O OD1 . ASN A 1 82  ? -16.96550 4.24255   -4.73156  1.000 43.61000 ? 82  ASN A OD1 1 
ATOM   252 N ND2 . ASN A 1 82  ? -16.02822 6.27370   -4.91687  1.000 41.39000 ? 82  ASN A ND2 1 
ATOM   253 N N   . ALA A 1 83  ? -14.39013 1.50499   -3.57502  1.000 31.58000 ? 83  ALA A N   1 
ATOM   254 C CA  . ALA A 1 83  ? -13.46577 0.74820   -4.40748  1.000 41.00000 ? 83  ALA A CA  1 
ATOM   255 C C   . ALA A 1 83  ? -14.08464 -0.58243  -4.81195  1.000 34.97000 ? 83  ALA A C   1 
ATOM   256 O O   . ALA A 1 83  ? -14.91400 -1.14504  -4.09090  1.000 31.53000 ? 83  ALA A O   1 
ATOM   257 C CB  . ALA A 1 83  ? -12.13540 0.50542   -3.68636  1.000 25.10000 ? 83  ALA A CB  1 
ATOM   258 N N   . GLU A 1 84  ? -13.66664 -1.07993  -5.97407  1.000 36.12000 ? 84  GLU A N   1 
ATOM   259 C CA  . GLU A 1 84  ? -14.07059 -2.40285  -6.43363  1.000 34.18000 ? 84  GLU A CA  1 
ATOM   260 C C   . GLU A 1 84  ? -13.07529 -2.88386  -7.48087  1.000 33.84000 ? 84  GLU A C   1 
ATOM   261 O O   . GLU A 1 84  ? -12.50991 -2.08309  -8.23251  1.000 31.68000 ? 84  GLU A O   1 
ATOM   262 C CB  . GLU A 1 84  ? -15.49708 -2.40551  -6.99851  1.000 44.02000 ? 84  GLU A CB  1 
ATOM   263 C CG  . GLU A 1 84  ? -15.71540 -1.50206  -8.20163  1.000 52.52000 ? 84  GLU A CG  1 
ATOM   264 C CD  . GLU A 1 84  ? -16.77356 -2.04214  -9.15099  1.000 61.17000 ? 84  GLU A CD  1 
ATOM   265 O OE1 . GLU A 1 84  ? -17.41254 -3.06207  -8.81446  1.000 62.43000 ? 84  GLU A OE1 1 
ATOM   266 O OE2 . GLU A 1 84  ? -16.98076 -1.43583  -10.22413 1.000 54.30000 ? 84  GLU A OE2 1 
ATOM   267 N N   . LYS A 1 85  ? -12.87425 -4.19858  -7.51806  1.000 34.73000 ? 85  LYS A N   1 
ATOM   268 C CA  . LYS A 1 85  ? -11.86440 -4.84971  -8.36794  1.000 38.80000 ? 85  LYS A CA  1 
ATOM   269 C C   . LYS A 1 85  ? -10.48213 -4.31754  -7.96957  1.000 38.55000 ? 85  LYS A C   1 
ATOM   270 O O   . LYS A 1 85  ? -10.27216 -3.91201  -6.81863  1.000 36.28000 ? 85  LYS A O   1 
ATOM   271 C CB  . LYS A 1 85  ? -12.22073 -4.68206  -9.84313  1.000 43.10000 ? 85  LYS A CB  1 
ATOM   272 C CG  . LYS A 1 85  ? -13.70985 -4.78521  -10.15137 1.000 40.04000 ? 85  LYS A CG  1 
ATOM   273 C CD  . LYS A 1 85  ? -14.12130 -6.23044  -10.39240 1.000 43.01000 ? 85  LYS A CD  1 
ATOM   274 C CE  . LYS A 1 85  ? -15.62110 -6.44093  -10.23571 1.000 54.30000 ? 85  LYS A CE  1 
ATOM   275 N NZ  . LYS A 1 85  ? -16.27547 -6.79482  -11.52995 1.000 52.63000 ? 85  LYS A NZ  1 
ATOM   276 N N   . ARG A 1 86  ? -9.53706  -4.29724  -8.90744  1.000 33.22000 ? 86  ARG A N   1 
ATOM   277 C CA  . ARG A 1 86  ? -8.13732  -4.03732  -8.60534  1.000 32.55000 ? 86  ARG A CA  1 
ATOM   278 C C   . ARG A 1 86  ? -7.69442  -2.68345  -9.14453  1.000 33.55000 ? 86  ARG A C   1 
ATOM   279 O O   . ARG A 1 86  ? -8.25914  -2.16119  -10.11016 1.000 47.23000 ? 86  ARG A O   1 
ATOM   280 C CB  . ARG A 1 86  ? -7.24322  -5.13594  -9.19054  1.000 32.61000 ? 86  ARG A CB  1 
ATOM   281 C CG  . ARG A 1 86  ? -7.45442  -6.50364  -8.56536  1.000 46.50000 ? 86  ARG A CG  1 
ATOM   282 C CD  . ARG A 1 86  ? -6.85592  -7.60252  -9.42470  1.000 38.05000 ? 86  ARG A CD  1 
ATOM   283 N NE  . ARG A 1 86  ? -7.29740  -8.92554  -8.99647  1.000 41.85000 ? 86  ARG A NE  1 
ATOM   284 C CZ  . ARG A 1 86  ? -7.17455  -10.02597 -9.73168  1.000 55.03000 ? 86  ARG A CZ  1 
ATOM   285 N NH1 . ARG A 1 86  ? -7.60351  -11.19105 -9.26309  1.000 39.50000 ? 86  ARG A NH1 1 
ATOM   286 N NH2 . ARG A 1 86  ? -6.62314  -9.96054  -10.93755 1.000 51.13000 ? 86  ARG A NH2 1 
ATOM   287 N N   . TYR A 1 87  ? -6.65877  -2.12949  -8.51562  1.000 27.29000 ? 87  TYR A N   1 
ATOM   288 C CA  . TYR A 1 87  ? -6.08066  -0.85281  -8.90529  1.000 26.93000 ? 87  TYR A CA  1 
ATOM   289 C C   . TYR A 1 87  ? -4.57405  -1.00143  -9.05246  1.000 25.81000 ? 87  TYR A C   1 
ATOM   290 O O   . TYR A 1 87  ? -3.94168  -1.79364  -8.34949  1.000 23.58000 ? 87  TYR A O   1 
ATOM   291 C CB  . TYR A 1 87  ? -6.39886  0.24277   -7.87893  1.000 21.60000 ? 87  TYR A CB  1 
ATOM   292 C CG  . TYR A 1 87  ? -7.87507  0.47879   -7.68051  1.000 21.68000 ? 87  TYR A CG  1 
ATOM   293 C CD1 . TYR A 1 87  ? -8.60701  -0.29338  -6.78980  1.000 18.78000 ? 87  TYR A CD1 1 
ATOM   294 C CD2 . TYR A 1 87  ? -8.53805  1.47417   -8.38632  1.000 23.73000 ? 87  TYR A CD2 1 
ATOM   295 C CE1 . TYR A 1 87  ? -9.95836  -0.08410  -6.60825  1.000 22.88000 ? 87  TYR A CE1 1 
ATOM   296 C CE2 . TYR A 1 87  ? -9.88757  1.69424   -8.20980  1.000 22.95000 ? 87  TYR A CE2 1 
ATOM   297 C CZ  . TYR A 1 87  ? -10.59316 0.91222   -7.32054  1.000 27.03000 ? 87  TYR A CZ  1 
ATOM   298 O OH  . TYR A 1 87  ? -11.94044 1.12875   -7.14820  1.000 34.75000 ? 87  TYR A OH  1 
ATOM   299 N N   . VAL A 1 88  ? -4.00198  -0.22191  -9.97056  1.000 24.10000 ? 88  VAL A N   1 
ATOM   300 C CA  . VAL A 1 88  ? -2.56612  -0.28931  -10.20428 1.000 30.46000 ? 88  VAL A CA  1 
ATOM   301 C C   . VAL A 1 88  ? -1.82313  0.18689   -8.96354  1.000 30.19000 ? 88  VAL A C   1 
ATOM   302 O O   . VAL A 1 88  ? -2.27687  1.08714   -8.24419  1.000 26.07000 ? 88  VAL A O   1 
ATOM   303 C CB  . VAL A 1 88  ? -2.18846  0.53431   -11.44625 1.000 25.93000 ? 88  VAL A CB  1 
ATOM   304 C CG1 . VAL A 1 88  ? -0.67814  0.67514   -11.57140 1.000 28.54000 ? 88  VAL A CG1 1 
ATOM   305 C CG2 . VAL A 1 88  ? -2.76177  -0.11122  -12.69798 1.000 33.05000 ? 88  VAL A CG2 1 
ATOM   306 N N   . MET A 1 89  ? -0.67644  -0.43603  -8.69742  1.000 37.33000 ? 89  MET A N   1 
ATOM   307 C CA  . MET A 1 89  ? 0.14213   -0.10922  -7.54122  1.000 23.26000 ? 89  MET A CA  1 
ATOM   308 C C   . MET A 1 89  ? 1.59932   -0.02264  -7.96093  1.000 24.04000 ? 89  MET A C   1 
ATOM   309 O O   . MET A 1 89  ? 2.09728   -0.90354  -8.66933  1.000 32.57000 ? 89  MET A O   1 
ATOM   310 C CB  . MET A 1 89  ? -0.03601  -1.15917  -6.44601  1.000 29.06000 ? 89  MET A CB  1 
ATOM   311 C CG  . MET A 1 89  ? 0.82668   -0.95093  -5.23548  1.000 23.23000 ? 89  MET A CG  1 
ATOM   312 S SD  . MET A 1 89  ? 0.40791   -2.17391  -3.99480  1.000 55.75000 ? 89  MET A SD  1 
ATOM   313 C CE  . MET A 1 89  ? 2.02388   -2.48008  -3.32284  1.000 41.26000 ? 89  MET A CE  1 
ATOM   314 N N   . THR A 1 90  ? 2.27509   1.03956   -7.53217  1.000 24.14000 ? 90  THR A N   1 
ATOM   315 C CA  . THR A 1 90  ? 3.69142   1.22194   -7.80770  1.000 25.48000 ? 90  THR A CA  1 
ATOM   316 C C   . THR A 1 90  ? 4.36412   1.74553   -6.54547  1.000 29.99000 ? 90  THR A C   1 
ATOM   317 O O   . THR A 1 90  ? 3.76606   2.50131   -5.77371  1.000 30.49000 ? 90  THR A O   1 
ATOM   318 C CB  . THR A 1 90  ? 3.92244   2.17037   -9.00495  1.000 28.92000 ? 90  THR A CB  1 
ATOM   319 O OG1 . THR A 1 90  ? 5.27088   2.03919   -9.47348  1.000 27.21000 ? 90  THR A OG1 1 
ATOM   320 C CG2 . THR A 1 90  ? 3.64296   3.62634   -8.63291  1.000 22.73000 ? 90  THR A CG2 1 
ATOM   321 N N   . GLY A 1 91  ? 5.60363   1.31717   -6.32353  1.000 27.08000 ? 91  GLY A N   1 
ATOM   322 C CA  . GLY A 1 91  ? 6.26220   1.68308   -5.08623  1.000 25.20000 ? 91  GLY A CA  1 
ATOM   323 C C   . GLY A 1 91  ? 7.75813   1.47753   -5.14888  1.000 20.36000 ? 91  GLY A C   1 
ATOM   324 O O   . GLY A 1 91  ? 8.32134   1.11312   -6.18347  1.000 28.33000 ? 91  GLY A O   1 
ATOM   325 N N   . ARG A 1 92  ? 8.39774   1.72581   -4.00935  1.000 20.16000 ? 92  ARG A N   1 
ATOM   326 C CA  . ARG A 1 92  ? 9.84207   1.62897   -3.87824  1.000 21.90000 ? 92  ARG A CA  1 
ATOM   327 C C   . ARG A 1 92  ? 10.17813  0.94610   -2.55999  1.000 30.67000 ? 92  ARG A C   1 
ATOM   328 O O   . ARG A 1 92  ? 9.33832   0.83825   -1.66195  1.000 29.03000 ? 92  ARG A O   1 
ATOM   329 C CB  . ARG A 1 92  ? 10.50102  3.01229   -3.94346  1.000 22.49000 ? 92  ARG A CB  1 
ATOM   330 C CG  . ARG A 1 92  ? 10.16263  3.82258   -5.18580  1.000 27.77000 ? 92  ARG A CG  1 
ATOM   331 C CD  . ARG A 1 92  ? 10.87836  3.27767   -6.40455  1.000 25.88000 ? 92  ARG A CD  1 
ATOM   332 N NE  . ARG A 1 92  ? 12.32715  3.41582   -6.28558  1.000 29.15000 ? 92  ARG A NE  1 
ATOM   333 C CZ  . ARG A 1 92  ? 13.19658  2.85755   -7.12041  1.000 29.41000 ? 92  ARG A CZ  1 
ATOM   334 N NH1 . ARG A 1 92  ? 12.76258  2.12569   -8.13805  1.000 25.16000 ? 92  ARG A NH1 1 
ATOM   335 N NH2 . ARG A 1 92  ? 14.49874  3.03100   -6.94034  1.000 23.05000 ? 92  ARG A NH2 1 
ATOM   336 N N   . TYR A 1 93  ? 11.42228  0.48185   -2.45138  1.000 31.80000 ? 93  TYR A N   1 
ATOM   337 C CA  . TYR A 1 93  ? 11.89904  -0.16496  -1.23718  1.000 27.69000 ? 93  TYR A CA  1 
ATOM   338 C C   . TYR A 1 93  ? 13.40508  0.01541   -1.13756  1.000 36.81000 ? 93  TYR A C   1 
ATOM   339 O O   . TYR A 1 93  ? 14.09254  0.21726   -2.14157  1.000 42.04000 ? 93  TYR A O   1 
ATOM   340 C CB  . TYR A 1 93  ? 11.53173  -1.65787  -1.20370  1.000 26.65000 ? 93  TYR A CB  1 
ATOM   341 C CG  . TYR A 1 93  ? 12.20660  -2.49771  -2.26960  1.000 32.25000 ? 93  TYR A CG  1 
ATOM   342 C CD1 . TYR A 1 93  ? 13.44162  -3.09453  -2.04014  1.000 37.41000 ? 93  TYR A CD1 1 
ATOM   343 C CD2 . TYR A 1 93  ? 11.60521  -2.69475  -3.50540  1.000 32.63000 ? 93  TYR A CD2 1 
ATOM   344 C CE1 . TYR A 1 93  ? 14.05997  -3.86126  -3.01494  1.000 38.61000 ? 93  TYR A CE1 1 
ATOM   345 C CE2 . TYR A 1 93  ? 12.21457  -3.46049  -4.48491  1.000 41.48000 ? 93  TYR A CE2 1 
ATOM   346 C CZ  . TYR A 1 93  ? 13.44075  -4.04116  -4.23557  1.000 45.79000 ? 93  TYR A CZ  1 
ATOM   347 O OH  . TYR A 1 93  ? 14.04393  -4.80212  -5.21502  1.000 44.43000 ? 93  TYR A OH  1 
ATOM   348 N N   . ASP A 1 94  ? 13.91382  -0.05384  0.09170   1.000 40.01000 ? 94  ASP A N   1 
ATOM   349 C CA  . ASP A 1 94  ? 15.35583  -0.03965  0.32120   1.000 33.31000 ? 94  ASP A CA  1 
ATOM   350 C C   . ASP A 1 94  ? 15.94168  -1.36831  -0.13818  1.000 38.23000 ? 94  ASP A C   1 
ATOM   351 O O   . ASP A 1 94  ? 15.65561  -2.41596  0.45057   1.000 43.59000 ? 94  ASP A O   1 
ATOM   352 C CB  . ASP A 1 94  ? 15.65636  0.20555   1.79744   1.000 44.37000 ? 94  ASP A CB  1 
ATOM   353 C CG  . ASP A 1 94  ? 17.14735  0.31221   2.08626   1.000 39.60000 ? 94  ASP A CG  1 
ATOM   354 O OD1 . ASP A 1 94  ? 17.95589  0.24894   1.13289   1.000 38.38000 ? 94  ASP A OD1 1 
ATOM   355 O OD2 . ASP A 1 94  ? 17.51214  0.45183   3.27336   1.000 33.62000 ? 94  ASP A OD2 1 
ATOM   356 N N   . SER A 1 95  ? 16.76511  -1.33247  -1.18626  1.000 38.30000 ? 95  SER A N   1 
ATOM   357 C CA  . SER A 1 95  ? 17.35837  -2.55008  -1.72863  1.000 44.91000 ? 95  SER A CA  1 
ATOM   358 C C   . SER A 1 95  ? 18.61525  -2.98376  -0.98166  1.000 36.57000 ? 95  SER A C   1 
ATOM   359 O O   . SER A 1 95  ? 19.22235  -3.99015  -1.36105  1.000 36.22000 ? 95  SER A O   1 
ATOM   360 C CB  . SER A 1 95  ? 17.67689  -2.36693  -3.21903  1.000 42.77000 ? 95  SER A CB  1 
ATOM   361 O OG  . SER A 1 95  ? 18.29548  -1.11391  -3.45645  1.000 38.64000 ? 95  SER A OG  1 
ATOM   362 N N   . ALA A 1 96  ? 19.02858  -2.25162  0.05215   1.000 44.88000 ? 96  ALA A N   1 
ATOM   363 C CA  . ALA A 1 96  ? 20.18334  -2.61696  0.87481   1.000 41.50000 ? 96  ALA A CA  1 
ATOM   364 C C   . ALA A 1 96  ? 19.90770  -2.22065  2.31776   1.000 38.61000 ? 96  ALA A C   1 
ATOM   365 O O   . ALA A 1 96  ? 20.50028  -1.27414  2.84757   1.000 35.57000 ? 96  ALA A O   1 
ATOM   366 C CB  . ALA A 1 96  ? 21.46094  -1.95362  0.35495   1.000 32.22000 ? 96  ALA A CB  1 
ATOM   367 N N   . PRO A 1 97  ? 19.00441  -2.93344  2.99123   1.000 34.77000 ? 97  PRO A N   1 
ATOM   368 C CA  . PRO A 1 97  ? 18.65179  -2.55979  4.36613   1.000 37.70000 ? 97  PRO A CA  1 
ATOM   369 C C   . PRO A 1 97  ? 19.79116  -2.84325  5.33065   1.000 29.21000 ? 97  PRO A C   1 
ATOM   370 O O   . PRO A 1 97  ? 20.50551  -3.83996  5.20227   1.000 42.26000 ? 97  PRO A O   1 
ATOM   371 C CB  . PRO A 1 97  ? 17.43269  -3.43706  4.66792   1.000 31.61000 ? 97  PRO A CB  1 
ATOM   372 C CG  . PRO A 1 97  ? 17.63005  -4.63959  3.80449   1.000 34.77000 ? 97  PRO A CG  1 
ATOM   373 C CD  . PRO A 1 97  ? 18.28696  -4.14088  2.54310   1.000 38.32000 ? 97  PRO A CD  1 
ATOM   374 N N   . ALA A 1 98  ? 19.95550  -1.94984  6.30265   1.000 37.53000 ? 98  ALA A N   1 
ATOM   375 C CA  . ALA A 1 98  ? 20.97251  -2.13963  7.32566   1.000 34.61000 ? 98  ALA A CA  1 
ATOM   376 C C   . ALA A 1 98  ? 20.73039  -3.44239  8.07717   1.000 44.98000 ? 98  ALA A C   1 
ATOM   377 O O   . ALA A 1 98  ? 19.59500  -3.90175  8.22284   1.000 43.90000 ? 98  ALA A O   1 
ATOM   378 C CB  . ALA A 1 98  ? 20.97677  -0.96167  8.30055   1.000 31.36000 ? 98  ALA A CB  1 
ATOM   379 N N   . ASP A 1 99  ? 21.81999  -4.04832  8.54397   1.000 55.40000 ? 99  ASP A N   1 
ATOM   380 C CA  . ASP A 1 99  ? 21.71446  -5.30807  9.26324   1.000 48.41000 ? 99  ASP A CA  1 
ATOM   381 C C   . ASP A 1 99  ? 20.93253  -5.11576  10.55593  1.000 41.95000 ? 99  ASP A C   1 
ATOM   382 O O   . ASP A 1 99  ? 21.13060  -4.13862  11.28216  1.000 39.44000 ? 99  ASP A O   1 
ATOM   383 C CB  . ASP A 1 99  ? 23.10568  -5.86691  9.56304   1.000 47.04000 ? 99  ASP A CB  1 
ATOM   384 C CG  . ASP A 1 99  ? 23.63667  -6.74070  8.44149   1.000 52.12000 ? 99  ASP A CG  1 
ATOM   385 O OD1 . ASP A 1 99  ? 22.81771  -7.29264  7.67641   1.000 45.91000 ? 99  ASP A OD1 1 
ATOM   386 O OD2 . ASP A 1 99  ? 24.87316  -6.87811  8.32629   1.000 60.67000 ? 99  ASP A OD2 1 
ATOM   387 N N   . GLY A 1 100 ? 20.02505  -6.04942  10.83001  1.000 40.29000 ? 100 GLY A N   1 
ATOM   388 C CA  . GLY A 1 100 ? 19.22799  -6.01134  12.03665  1.000 39.80000 ? 100 GLY A CA  1 
ATOM   389 C C   . GLY A 1 100 ? 18.00781  -5.11753  11.99100  1.000 42.01000 ? 100 GLY A C   1 
ATOM   390 O O   . GLY A 1 100 ? 17.25407  -5.08548  12.97121  1.000 42.29000 ? 100 GLY A O   1 
ATOM   391 N N   . THR A 1 101 ? 17.78220  -4.39229  10.89903  1.000 49.20000 ? 101 THR A N   1 
ATOM   392 C CA  . THR A 1 101 ? 16.64092  -3.49687  10.78070  1.000 47.65000 ? 101 THR A CA  1 
ATOM   393 C C   . THR A 1 101 ? 15.66868  -4.00615  9.72461   1.000 35.48000 ? 101 THR A C   1 
ATOM   394 O O   . THR A 1 101 ? 15.96170  -4.92686  8.95789   1.000 29.75000 ? 101 THR A O   1 
ATOM   395 C CB  . THR A 1 101 ? 17.08649  -2.07020  10.43280  1.000 33.27000 ? 101 THR A CB  1 
ATOM   396 O OG1 . THR A 1 101 ? 17.44607  -2.00645  9.04746   1.000 43.82000 ? 101 THR A OG1 1 
ATOM   397 C CG2 . THR A 1 101 ? 18.27402  -1.65419  11.28472  1.000 35.93000 ? 101 THR A CG2 1 
ATOM   398 N N   . GLY A 1 102 ? 14.48827  -3.38442  9.69738   1.000 37.62000 ? 102 GLY A N   1 
ATOM   399 C CA  . GLY A 1 102 ? 13.51528  -3.67367  8.66867   1.000 31.45000 ? 102 GLY A CA  1 
ATOM   400 C C   . GLY A 1 102 ? 13.84817  -2.98654  7.35687   1.000 37.59000 ? 102 GLY A C   1 
ATOM   401 O O   . GLY A 1 102 ? 14.74446  -2.14704  7.26455   1.000 30.14000 ? 102 GLY A O   1 
ATOM   402 N N   . THR A 1 103 ? 13.10067  -3.35800  6.32320   1.000 27.42000 ? 103 THR A N   1 
ATOM   403 C CA  . THR A 1 103 ? 13.30222  -2.83866  4.97543   1.000 35.40000 ? 103 THR A CA  1 
ATOM   404 C C   . THR A 1 103 ? 12.26029  -1.75794  4.70922   1.000 31.67000 ? 103 THR A C   1 
ATOM   405 O O   . THR A 1 103 ? 11.07284  -2.06069  4.55385   1.000 29.95000 ? 103 THR A O   1 
ATOM   406 C CB  . THR A 1 103 ? 13.20455  -3.96047  3.94481   1.000 34.55000 ? 103 THR A CB  1 
ATOM   407 O OG1 . THR A 1 103 ? 14.26815  -4.89657  4.15586   1.000 35.04000 ? 103 THR A OG1 1 
ATOM   408 C CG2 . THR A 1 103 ? 13.30216  -3.40119  2.53336   1.000 28.17000 ? 103 THR A CG2 1 
ATOM   409 N N   . ALA A 1 104 ? 12.70433  -0.50205  4.65514   1.000 25.47000 ? 104 ALA A N   1 
ATOM   410 C CA  . ALA A 1 104 ? 11.79003  0.60271   4.39446   1.000 20.41000 ? 104 ALA A CA  1 
ATOM   411 C C   . ALA A 1 104 ? 11.11168  0.42233   3.04276   1.000 29.15000 ? 104 ALA A C   1 
ATOM   412 O O   . ALA A 1 104 ? 11.76510  0.11783   2.03964   1.000 28.81000 ? 104 ALA A O   1 
ATOM   413 C CB  . ALA A 1 104 ? 12.53652  1.93522   4.43855   1.000 28.04000 ? 104 ALA A CB  1 
ATOM   414 N N   . VAL A 1 105 ? 9.79246   0.59343   3.02481   1.000 22.59000 ? 105 VAL A N   1 
ATOM   415 C CA  . VAL A 1 105 ? 8.99047   0.45118   1.82310   1.000 24.83000 ? 105 VAL A CA  1 
ATOM   416 C C   . VAL A 1 105 ? 8.06965   1.65806   1.70436   1.000 22.56000 ? 105 VAL A C   1 
ATOM   417 O O   . VAL A 1 105 ? 8.00727   2.51321   2.58686   1.000 29.04000 ? 105 VAL A O   1 
ATOM   418 C CB  . VAL A 1 105 ? 8.17288   -0.85851  1.80792   1.000 25.68000 ? 105 VAL A CB  1 
ATOM   419 C CG1 . VAL A 1 105 ? 9.03171   -2.01920  1.35270   1.000 23.98000 ? 105 VAL A CG1 1 
ATOM   420 C CG2 . VAL A 1 105 ? 7.57259   -1.12874  3.17966   1.000 20.89000 ? 105 VAL A CG2 1 
ATOM   421 N N   . GLY A 1 106 ? 7.34963   1.70847   0.59229   1.000 25.31000 ? 106 GLY A N   1 
ATOM   422 C CA  . GLY A 1 106 ? 6.40183   2.76490   0.31744   1.000 22.53000 ? 106 GLY A CA  1 
ATOM   423 C C   . GLY A 1 106 ? 5.77370   2.53794   -1.03803  1.000 20.53000 ? 106 GLY A C   1 
ATOM   424 O O   . GLY A 1 106 ? 6.46694   2.13004   -1.97158  1.000 24.24000 ? 106 GLY A O   1 
ATOM   425 N N   . TRP A 1 107 ? 4.47011   2.77044   -1.16984  1.000 18.80000 ? 107 TRP A N   1 
ATOM   426 C CA  . TRP A 1 107 ? 3.83078   2.58114   -2.46197  1.000 23.21000 ? 107 TRP A CA  1 
ATOM   427 C C   . TRP A 1 107 ? 2.61903   3.49259   -2.57783  1.000 22.74000 ? 107 TRP A C   1 
ATOM   428 O O   . TRP A 1 107 ? 2.08537   3.98583   -1.58108  1.000 22.90000 ? 107 TRP A O   1 
ATOM   429 C CB  . TRP A 1 107 ? 3.44476   1.11258   -2.69235  1.000 22.28000 ? 107 TRP A CB  1 
ATOM   430 C CG  . TRP A 1 107 ? 2.42897   0.55115   -1.74266  1.000 17.38000 ? 107 TRP A CG  1 
ATOM   431 C CD1 . TRP A 1 107 ? 1.07594   0.52712   -1.91180  1.000 18.87000 ? 107 TRP A CD1 1 
ATOM   432 C CD2 . TRP A 1 107 ? 2.68769   -0.10421  -0.49395  1.000 14.85000 ? 107 TRP A CD2 1 
ATOM   433 N NE1 . TRP A 1 107 ? 0.47480   -0.09063  -0.84157  1.000 19.48000 ? 107 TRP A NE1 1 
ATOM   434 C CE2 . TRP A 1 107 ? 1.44310   -0.48557  0.04389   1.000 19.52000 ? 107 TRP A CE2 1 
ATOM   435 C CE3 . TRP A 1 107 ? 3.85106   -0.39770  0.22496   1.000 16.14000 ? 107 TRP A CE3 1 
ATOM   436 C CZ2 . TRP A 1 107 ? 1.32679   -1.14591  1.26621   1.000 20.09000 ? 107 TRP A CZ2 1 
ATOM   437 C CZ3 . TRP A 1 107 ? 3.73373   -1.05420  1.43726   1.000 15.59000 ? 107 TRP A CZ3 1 
ATOM   438 C CH2 . TRP A 1 107 ? 2.48194   -1.42023  1.94536   1.000 16.08000 ? 107 TRP A CH2 1 
ATOM   439 N N   . THR A 1 108 ? 2.20142   3.71452   -3.82201  1.000 23.08000 ? 108 THR A N   1 
ATOM   440 C CA  . THR A 1 108 ? 1.11785   4.62272   -4.16442  1.000 17.36000 ? 108 THR A CA  1 
ATOM   441 C C   . THR A 1 108 ? 0.04152   3.86602   -4.92957  1.000 25.07000 ? 108 THR A C   1 
ATOM   442 O O   . THR A 1 108 ? 0.34922   2.99721   -5.75336  1.000 24.63000 ? 108 THR A O   1 
ATOM   443 C CB  . THR A 1 108 ? 1.63685   5.79385   -5.01038  1.000 20.87000 ? 108 THR A CB  1 
ATOM   444 O OG1 . THR A 1 108 ? 2.70137   6.45459   -4.31682  1.000 22.15000 ? 108 THR A OG1 1 
ATOM   445 C CG2 . THR A 1 108 ? 0.52680   6.78972   -5.29689  1.000 19.83000 ? 108 THR A CG2 1 
ATOM   446 N N   . VAL A 1 109 ? -1.22107  4.19063   -4.64938  1.000 22.35000 ? 109 VAL A N   1 
ATOM   447 C CA  . VAL A 1 109 ? -2.36148  3.58907   -5.33634  1.000 20.07000 ? 109 VAL A CA  1 
ATOM   448 C C   . VAL A 1 109 ? -3.35550  4.69649   -5.66427  1.000 24.47000 ? 109 VAL A C   1 
ATOM   449 O O   . VAL A 1 109 ? -3.95567  5.28316   -4.75661  1.000 31.17000 ? 109 VAL A O   1 
ATOM   450 C CB  . VAL A 1 109 ? -3.04110  2.49277   -4.50298  1.000 24.64000 ? 109 VAL A CB  1 
ATOM   451 C CG1 . VAL A 1 109 ? -4.36300  2.08475   -5.14189  1.000 20.67000 ? 109 VAL A CG1 1 
ATOM   452 C CG2 . VAL A 1 109 ? -2.12311  1.28582   -4.35462  1.000 26.52000 ? 109 VAL A CG2 1 
ATOM   453 N N   . ALA A 1 110 ? -3.52482  4.98917   -6.95111  1.000 24.35000 ? 110 ALA A N   1 
ATOM   454 C CA  . ALA A 1 110 ? -4.60260  5.86280   -7.39347  1.000 23.42000 ? 110 ALA A CA  1 
ATOM   455 C C   . ALA A 1 110 ? -5.86996  5.03198   -7.52309  1.000 22.41000 ? 110 ALA A C   1 
ATOM   456 O O   . ALA A 1 110 ? -5.89405  4.03600   -8.25513  1.000 25.99000 ? 110 ALA A O   1 
ATOM   457 C CB  . ALA A 1 110 ? -4.25798  6.53350   -8.72096  1.000 23.18000 ? 110 ALA A CB  1 
ATOM   458 N N   . TYR A 1 111 ? -6.91844  5.42590   -6.81038  1.000 26.00000 ? 111 TYR A N   1 
ATOM   459 C CA  . TYR A 1 111 ? -8.13137  4.61501   -6.75804  1.000 27.78000 ? 111 TYR A CA  1 
ATOM   460 C C   . TYR A 1 111 ? -9.06961  4.91654   -7.92252  1.000 29.50000 ? 111 TYR A C   1 
ATOM   461 O O   . TYR A 1 111 ? -10.25583 5.19280   -7.74492  1.000 27.38000 ? 111 TYR A O   1 
ATOM   462 C CB  . TYR A 1 111 ? -8.82658  4.80434   -5.41751  1.000 26.66000 ? 111 TYR A CB  1 
ATOM   463 C CG  . TYR A 1 111 ? -8.31335  3.85574   -4.35698  1.000 32.76000 ? 111 TYR A CG  1 
ATOM   464 C CD1 . TYR A 1 111 ? -8.56758  2.49138   -4.43900  1.000 29.28000 ? 111 TYR A CD1 1 
ATOM   465 C CD2 . TYR A 1 111 ? -7.56677  4.31985   -3.28206  1.000 20.72000 ? 111 TYR A CD2 1 
ATOM   466 C CE1 . TYR A 1 111 ? -8.09677  1.61677   -3.47265  1.000 30.16000 ? 111 TYR A CE1 1 
ATOM   467 C CE2 . TYR A 1 111 ? -7.09181  3.45499   -2.31479  1.000 23.22000 ? 111 TYR A CE2 1 
ATOM   468 C CZ  . TYR A 1 111 ? -7.36050  2.10542   -2.41325  1.000 30.85000 ? 111 TYR A CZ  1 
ATOM   469 O OH  . TYR A 1 111 ? -6.88898  1.24326   -1.44820  1.000 21.44000 ? 111 TYR A OH  1 
ATOM   470 N N   . ARG A 1 112 ? -8.52708  4.85929   -9.13682  1.000 24.66000 ? 112 ARG A N   1 
ATOM   471 C CA  . ARG A 1 112 ? -9.32446  4.84436   -10.35666 1.000 37.22000 ? 112 ARG A CA  1 
ATOM   472 C C   . ARG A 1 112 ? -8.88530  3.66460   -11.20819 1.000 44.66000 ? 112 ARG A C   1 
ATOM   473 O O   . ARG A 1 112 ? -7.74001  3.62443   -11.67223 1.000 35.16000 ? 112 ARG A O   1 
ATOM   474 C CB  . ARG A 1 112 ? -9.18952  6.14148   -11.15826 1.000 37.41000 ? 112 ARG A CB  1 
ATOM   475 C CG  . ARG A 1 112 ? -10.01000 6.10531   -12.44765 1.000 45.89000 ? 112 ARG A CG  1 
ATOM   476 C CD  . ARG A 1 112 ? -9.52964  7.08486   -13.50708 1.000 55.00000 ? 112 ARG A CD  1 
ATOM   477 N NE  . ARG A 1 112 ? -10.50578 7.19581   -14.59125 1.000 58.48000 ? 112 ARG A NE  1 
ATOM   478 C CZ  . ARG A 1 112 ? -10.20869 7.53111   -15.84288 1.000 51.31000 ? 112 ARG A CZ  1 
ATOM   479 N NH1 . ARG A 1 112 ? -8.95514  7.79391   -16.18140 1.000 50.69000 ? 112 ARG A NH1 1 
ATOM   480 N NH2 . ARG A 1 112 ? -11.16563 7.60532   -16.75769 1.000 59.76000 ? 112 ARG A NH2 1 
ATOM   481 N N   . ASN A 1 113 ? -9.78401  2.70928   -11.40341 1.000 31.30000 ? 113 ASN A N   1 
ATOM   482 C CA  . ASN A 1 113 ? -9.61702  1.68659   -12.41871 1.000 44.72000 ? 113 ASN A CA  1 
ATOM   483 C C   . ASN A 1 113 ? -10.65468 1.92217   -13.51376 1.000 39.94000 ? 113 ASN A C   1 
ATOM   484 O O   . ASN A 1 113 ? -11.35956 2.93850   -13.52345 1.000 36.91000 ? 113 ASN A O   1 
ATOM   485 C CB  . ASN A 1 113 ? -9.71726  0.28478   -11.80324 1.000 25.56000 ? 113 ASN A CB  1 
ATOM   486 C CG  . ASN A 1 113 ? -10.96815 0.09377   -10.96375 1.000 32.12000 ? 113 ASN A CG  1 
ATOM   487 O OD1 . ASN A 1 113 ? -11.96470 0.79468   -11.13657 1.000 27.03000 ? 113 ASN A OD1 1 
ATOM   488 N ND2 . ASN A 1 113 ? -10.91641 -0.86344  -10.04015 1.000 24.96000 ? 113 ASN A ND2 1 
ATOM   489 N N   . ALA A 1 114 ? -10.75285 0.97522   -14.44326 1.000 36.05000 ? 114 ALA A N   1 
ATOM   490 C CA  . ALA A 1 114 ? -11.72901 1.10629   -15.51551 1.000 36.88000 ? 114 ALA A CA  1 
ATOM   491 C C   . ALA A 1 114 ? -13.16102 0.87338   -15.04681 1.000 37.79000 ? 114 ALA A C   1 
ATOM   492 O O   . ALA A 1 114 ? -14.08627 1.01542   -15.85488 1.000 34.10000 ? 114 ALA A O   1 
ATOM   493 C CB  . ALA A 1 114 ? -11.38394 0.14387   -16.64891 1.000 29.31000 ? 114 ALA A CB  1 
ATOM   494 N N   . HIS A 1 115 ? -13.36902 0.53349   -13.77557 1.000 36.72000 ? 115 HIS A N   1 
ATOM   495 C CA  . HIS A 1 115 ? -14.70546 0.31815   -13.23506 1.000 37.46000 ? 115 HIS A CA  1 
ATOM   496 C C   . HIS A 1 115 ? -15.20975 1.47147   -12.38152 1.000 43.28000 ? 115 HIS A C   1 
ATOM   497 O O   . HIS A 1 115 ? -16.42560 1.66524   -12.28113 1.000 50.91000 ? 115 HIS A O   1 
ATOM   498 C CB  . HIS A 1 115 ? -14.74382 -0.95542  -12.38482 1.000 32.59000 ? 115 HIS A CB  1 
ATOM   499 C CG  . HIS A 1 115 ? -14.31093 -2.18818  -13.11141 1.000 34.73000 ? 115 HIS A CG  1 
ATOM   500 N ND1 . HIS A 1 115 ? -15.16584 -3.23955  -13.36171 1.000 41.50000 ? 115 HIS A ND1 1 
ATOM   501 C CD2 . HIS A 1 115 ? -13.11084 -2.54836  -13.62350 1.000 33.85000 ? 115 HIS A CD2 1 
ATOM   502 C CE1 . HIS A 1 115 ? -14.51412 -4.18971  -14.00751 1.000 47.30000 ? 115 HIS A CE1 1 
ATOM   503 N NE2 . HIS A 1 115 ? -13.26506 -3.79613  -14.17772 1.000 40.61000 ? 115 HIS A NE2 1 
ATOM   504 N N   . ARG A 1 116 ? -14.31322 2.23383   -11.75947 1.000 38.46000 ? 116 ARG A N   1 
ATOM   505 C CA  . ARG A 1 116 ? -14.72085 3.18861   -10.73976 1.000 33.52000 ? 116 ARG A CA  1 
ATOM   506 C C   . ARG A 1 116 ? -13.60214 4.19547   -10.52059 1.000 38.72000 ? 116 ARG A C   1 
ATOM   507 O O   . ARG A 1 116 ? -12.42935 3.91951   -10.78722 1.000 45.04000 ? 116 ARG A O   1 
ATOM   508 C CB  . ARG A 1 116 ? -15.07128 2.47586   -9.42742  1.000 32.64000 ? 116 ARG A CB  1 
ATOM   509 C CG  . ARG A 1 116 ? -15.77542 3.34242   -8.40365  1.000 40.68000 ? 116 ARG A CG  1 
ATOM   510 C CD  . ARG A 1 116 ? -16.32642 2.50371   -7.26965  1.000 40.04000 ? 116 ARG A CD  1 
ATOM   511 N NE  . ARG A 1 116 ? -17.21355 1.45214   -7.75212  1.000 54.09000 ? 116 ARG A NE  1 
ATOM   512 C CZ  . ARG A 1 116 ? -18.10120 0.81854   -6.99369  1.000 51.72000 ? 116 ARG A CZ  1 
ATOM   513 N NH1 . ARG A 1 116 ? -18.86879 -0.12489  -7.51904  1.000 47.07000 ? 116 ARG A NH1 1 
ATOM   514 N NH2 . ARG A 1 116 ? -18.22029 1.12835   -5.70962  1.000 53.17000 ? 116 ARG A NH2 1 
ATOM   515 N N   . ASN A 1 117 ? -13.98734 5.37319   -10.03190 1.000 41.31000 ? 117 ASN A N   1 
ATOM   516 C CA  . ASN A 1 117 ? -13.03851 6.41993   -9.66201  1.000 38.05000 ? 117 ASN A CA  1 
ATOM   517 C C   . ASN A 1 117 ? -13.54643 7.09051   -8.39402  1.000 38.66000 ? 117 ASN A C   1 
ATOM   518 O O   . ASN A 1 117 ? -14.58205 7.76268   -8.41830  1.000 29.85000 ? 117 ASN A O   1 
ATOM   519 C CB  . ASN A 1 117 ? -12.86518 7.44037   -10.78484 1.000 26.85000 ? 117 ASN A CB  1 
ATOM   520 C CG  . ASN A 1 117 ? -11.72272 8.40187   -10.52413 1.000 38.69000 ? 117 ASN A CG  1 
ATOM   521 O OD1 . ASN A 1 117 ? -11.05026 8.32013   -9.49480  1.000 37.05000 ? 117 ASN A OD1 1 
ATOM   522 N ND2 . ASN A 1 117 ? -11.49023 9.31354   -11.46033 1.000 31.18000 ? 117 ASN A ND2 1 
ATOM   523 N N   . ALA A 1 118 ? -12.82296 6.90470   -7.29071  1.000 35.70000 ? 118 ALA A N   1 
ATOM   524 C CA  . ALA A 1 118 ? -13.11334 7.61892   -6.05610  1.000 33.84000 ? 118 ALA A CA  1 
ATOM   525 C C   . ALA A 1 118 ? -12.46381 8.99516   -6.00962  1.000 30.27000 ? 118 ALA A C   1 
ATOM   526 O O   . ALA A 1 118 ? -12.65702 9.71802   -5.02563  1.000 32.99000 ? 118 ALA A O   1 
ATOM   527 C CB  . ALA A 1 118 ? -12.66105 6.79328   -4.84853  1.000 23.79000 ? 118 ALA A CB  1 
ATOM   528 N N   . HIS A 1 119 ? -11.68774 9.34295   -7.01751  1.000 32.14000 ? 119 HIS A N   1 
ATOM   529 C CA  . HIS A 1 119 ? -10.94750 10.62360  -7.11735  1.000 34.47000 ? 119 HIS A CA  1 
ATOM   530 C C   . HIS A 1 119 ? -9.96351  10.77906  -5.96530  1.000 33.93000 ? 119 HIS A C   1 
ATOM   531 O O   . HIS A 1 119 ? -9.68142  11.90125  -5.60923  1.000 31.14000 ? 119 HIS A O   1 
ATOM   532 C CB  . HIS A 1 119 ? -11.84859 11.85670  -7.22662  1.000 39.85000 ? 119 HIS A CB  1 
ATOM   533 C CG  . HIS A 1 119 ? -12.80985 11.82557  -8.34365  1.000 35.02000 ? 119 HIS A CG  1 
ATOM   534 N ND1 . HIS A 1 119 ? -12.41422 11.90503  -9.62030  1.000 39.32000 ? 119 HIS A ND1 1 
ATOM   535 C CD2 . HIS A 1 119 ? -14.13552 11.74251  -8.36159  1.000 28.32000 ? 119 HIS A CD2 1 
ATOM   536 C CE1 . HIS A 1 119 ? -13.44466 11.84558  -10.38879 1.000 38.19000 ? 119 HIS A CE1 1 
ATOM   537 N NE2 . HIS A 1 119 ? -14.48799 11.73220  -9.64954  1.000 39.57000 ? 119 HIS A NE2 1 
ATOM   538 N N   . SER A 1 120 ? -9.44380  9.66969   -5.45979  1.000 30.00000 ? 120 SER A N   1 
ATOM   539 C CA  . SER A 1 120 ? -8.50893  9.70131   -4.31474  1.000 30.00000 ? 120 SER A CA  1 
ATOM   540 C C   . SER A 1 120 ? -7.21557  8.95296   -4.62101  1.000 30.00000 ? 120 SER A C   1 
ATOM   541 O O   . SER A 1 120 ? -7.20968  8.15045   -5.46182  1.000 30.00000 ? 120 SER A O   1 
ATOM   542 C CB  . SER A 1 120 ? -9.16718  9.26639   -3.04032  1.000 30.00000 ? 120 SER A CB  1 
ATOM   543 O OG  . SER A 1 120 ? -9.57544  7.93834   -3.07108  1.000 30.00000 ? 120 SER A OG  1 
ATOM   544 N N   . VAL A 1 121 ? -6.12770  9.36322   -4.00357  1.000 25.77000 ? 121 VAL A N   1 
ATOM   545 C CA  . VAL A 1 121 ? -4.83594  8.65260   -4.14836  1.000 22.48000 ? 121 VAL A CA  1 
ATOM   546 C C   . VAL A 1 121 ? -4.33901  8.30678   -2.75375  1.000 27.82000 ? 121 VAL A C   1 
ATOM   547 O O   . VAL A 1 121 ? -4.35580  9.14663   -1.92547  1.000 24.12000 ? 121 VAL A O   1 
ATOM   548 C CB  . VAL A 1 121 ? -3.78198  9.41656   -4.95365  1.000 21.91000 ? 121 VAL A CB  1 
ATOM   549 C CG1 . VAL A 1 121 ? -2.45243  8.71066   -4.90106  1.000 20.92000 ? 121 VAL A CG1 1 
ATOM   550 C CG2 . VAL A 1 121 ? -4.19900  9.56486   -6.38618  1.000 31.38000 ? 121 VAL A CG2 1 
ATOM   551 N N   . ALA A 1 122 ? -3.96419  7.05983   -2.55073  1.000 26.11000 ? 122 ALA A N   1 
ATOM   552 C CA  . ALA A 1 122 ? -3.43718  6.64147   -1.26332  1.000 17.05000 ? 122 ALA A CA  1 
ATOM   553 C C   . ALA A 1 122 ? -1.95994  6.29578   -1.38566  1.000 23.56000 ? 122 ALA A C   1 
ATOM   554 O O   . ALA A 1 122 ? -1.49583  5.83506   -2.43263  1.000 26.84000 ? 122 ALA A O   1 
ATOM   555 C CB  . ALA A 1 122 ? -4.20983  5.44005   -0.71464  1.000 23.88000 ? 122 ALA A CB  1 
ATOM   556 N N   . THR A 1 123 ? -1.21915  6.53874   -0.30673  1.000 23.59000 ? 123 THR A N   1 
ATOM   557 C CA  . THR A 1 123 ? 0.18862   6.18016   -0.22123  1.000 19.37000 ? 123 THR A CA  1 
ATOM   558 C C   . THR A 1 123 ? 0.45193   5.53070   1.12877   1.000 22.97000 ? 123 THR A C   1 
ATOM   559 O O   . THR A 1 123 ? -0.02834  6.01072   2.15840   1.000 24.73000 ? 123 THR A O   1 
ATOM   560 C CB  . THR A 1 123 ? 1.11216   7.40073   -0.39800  1.000 20.55000 ? 123 THR A CB  1 
ATOM   561 O OG1 . THR A 1 123 ? 0.78496   8.40103   0.57493   1.000 23.01000 ? 123 THR A OG1 1 
ATOM   562 C CG2 . THR A 1 123 ? 0.98172   7.98943   -1.79711  1.000 20.86000 ? 123 THR A CG2 1 
ATOM   563 N N   . TRP A 1 124 ? 1.20734   4.43787   1.11758   1.000 18.82000 ? 124 TRP A N   1 
ATOM   564 C CA  . TRP A 1 124 ? 1.61280   3.73621   2.32771   1.000 16.82000 ? 124 TRP A CA  1 
ATOM   565 C C   . TRP A 1 124 ? 3.10844   3.91969   2.54306   1.000 20.48000 ? 124 TRP A C   1 
ATOM   566 O O   . TRP A 1 124 ? 3.88642   3.89354   1.58664   1.000 25.54000 ? 124 TRP A O   1 
ATOM   567 C CB  . TRP A 1 124 ? 1.29130   2.24170   2.23929   1.000 17.08000 ? 124 TRP A CB  1 
ATOM   568 C CG  . TRP A 1 124 ? -0.16683  1.90085   2.30419   1.000 13.61000 ? 124 TRP A CG  1 
ATOM   569 C CD1 . TRP A 1 124 ? -0.84000  1.38818   3.37227   1.000 15.40000 ? 124 TRP A CD1 1 
ATOM   570 C CD2 . TRP A 1 124 ? -1.12762  2.02749   1.24967   1.000 14.91000 ? 124 TRP A CD2 1 
ATOM   571 N NE1 . TRP A 1 124 ? -2.15959  1.19335   3.05309   1.000 14.54000 ? 124 TRP A NE1 1 
ATOM   572 C CE2 . TRP A 1 124 ? -2.36264  1.57921   1.75427   1.000 13.50000 ? 124 TRP A CE2 1 
ATOM   573 C CE3 . TRP A 1 124 ? -1.06479  2.48294   -0.07086  1.000 15.52000 ? 124 TRP A CE3 1 
ATOM   574 C CZ2 . TRP A 1 124 ? -3.52318  1.57129   0.98772   1.000 15.20000 ? 124 TRP A CZ2 1 
ATOM   575 C CZ3 . TRP A 1 124 ? -2.21585  2.47233   -0.83101  1.000 14.97000 ? 124 TRP A CZ3 1 
ATOM   576 C CH2 . TRP A 1 124 ? -3.42944  2.01941   -0.30118  1.000 19.38000 ? 124 TRP A CH2 1 
ATOM   577 N N   . SER A 1 125 ? 3.51033   4.09696   3.79979   1.000 23.30000 ? 125 SER A N   1 
ATOM   578 C CA  . SER A 1 125 ? 4.91738   4.27092   4.13570   1.000 23.11000 ? 125 SER A CA  1 
ATOM   579 C C   . SER A 1 125 ? 5.21280   3.53141   5.43172   1.000 24.47000 ? 125 SER A C   1 
ATOM   580 O O   . SER A 1 125 ? 4.50306   3.70425   6.42675   1.000 23.59000 ? 125 SER A O   1 
ATOM   581 C CB  . SER A 1 125 ? 5.27328   5.75811   4.26479   1.000 22.10000 ? 125 SER A CB  1 
ATOM   582 O OG  . SER A 1 125 ? 6.61971   5.93196   4.66851   1.000 28.68000 ? 125 SER A OG  1 
ATOM   583 N N   . GLY A 1 126 ? 6.25459   2.70519   5.41304   1.000 20.48000 ? 126 GLY A N   1 
ATOM   584 C CA  . GLY A 1 126 ? 6.58532   1.88804   6.56401   1.000 27.70000 ? 126 GLY A CA  1 
ATOM   585 C C   . GLY A 1 126 ? 7.80731   1.01997   6.34726   1.000 30.06000 ? 126 GLY A C   1 
ATOM   586 O O   . GLY A 1 126 ? 8.81223   1.48880   5.80304   1.000 23.94000 ? 126 GLY A O   1 
ATOM   587 N N   . GLN A 1 127 ? 7.74262   -0.24383  6.76318   1.000 28.55000 ? 127 GLN A N   1 
ATOM   588 C CA  . GLN A 1 127 ? 8.89605   -1.12184  6.62905   1.000 28.70000 ? 127 GLN A CA  1 
ATOM   589 C C   . GLN A 1 127 ? 8.45105   -2.57699  6.59156   1.000 27.70000 ? 127 GLN A C   1 
ATOM   590 O O   . GLN A 1 127 ? 7.49287   -2.96924  7.26234   1.000 28.48000 ? 127 GLN A O   1 
ATOM   591 C CB  . GLN A 1 127 ? 9.89888   -0.91112  7.76864   1.000 32.34000 ? 127 GLN A CB  1 
ATOM   592 C CG  . GLN A 1 127 ? 9.27775   -0.88773  9.15408   1.000 25.32000 ? 127 GLN A CG  1 
ATOM   593 C CD  . GLN A 1 127 ? 10.31248  -0.68871  10.24342  1.000 30.02000 ? 127 GLN A CD  1 
ATOM   594 O OE1 . GLN A 1 127 ? 11.43178  -1.19079  10.14912  1.000 29.08000 ? 127 GLN A OE1 1 
ATOM   595 N NE2 . GLN A 1 127 ? 9.94288   0.04860   11.28491  1.000 40.63000 ? 127 GLN A NE2 1 
ATOM   596 N N   . TYR A 1 128 ? 9.16712   -3.36765  5.79730   1.000 26.23000 ? 128 TYR A N   1 
ATOM   597 C CA  . TYR A 1 128 ? 8.98989   -4.81254  5.75771   1.000 27.92000 ? 128 TYR A CA  1 
ATOM   598 C C   . TYR A 1 128 ? 9.87172   -5.45063  6.82609   1.000 29.65000 ? 128 TYR A C   1 
ATOM   599 O O   . TYR A 1 128 ? 11.07768  -5.18918  6.87704   1.000 26.08000 ? 128 TYR A O   1 
ATOM   600 C CB  . TYR A 1 128 ? 9.34197   -5.35620  4.37056   1.000 28.73000 ? 128 TYR A CB  1 
ATOM   601 C CG  . TYR A 1 128 ? 9.59613   -6.84733  4.32303   1.000 25.39000 ? 128 TYR A CG  1 
ATOM   602 C CD1 . TYR A 1 128 ? 8.54338   -7.75179  4.35047   1.000 30.39000 ? 128 TYR A CD1 1 
ATOM   603 C CD2 . TYR A 1 128 ? 10.88993  -7.35027  4.24316   1.000 34.66000 ? 128 TYR A CD2 1 
ATOM   604 C CE1 . TYR A 1 128 ? 8.76942   -9.11528  4.30621   1.000 30.61000 ? 128 TYR A CE1 1 
ATOM   605 C CE2 . TYR A 1 128 ? 11.12637  -8.71288  4.19919   1.000 35.23000 ? 128 TYR A CE2 1 
ATOM   606 C CZ  . TYR A 1 128 ? 10.06128  -9.59129  4.23148   1.000 40.58000 ? 128 TYR A CZ  1 
ATOM   607 O OH  . TYR A 1 128 ? 10.28238  -10.94965 4.18669   1.000 44.12000 ? 128 TYR A OH  1 
ATOM   608 N N   . VAL A 1 129 ? 9.26854   -6.27725  7.67811   1.000 25.39000 ? 129 VAL A N   1 
ATOM   609 C CA  . VAL A 1 129 ? 9.96986   -6.94098  8.77325   1.000 37.76000 ? 129 VAL A CA  1 
ATOM   610 C C   . VAL A 1 129 ? 10.00156  -8.43608  8.49252   1.000 40.22000 ? 129 VAL A C   1 
ATOM   611 O O   . VAL A 1 129 ? 8.95123   -9.08807  8.44100   1.000 42.23000 ? 129 VAL A O   1 
ATOM   612 C CB  . VAL A 1 129 ? 9.30874   -6.65653  10.12986  1.000 37.80000 ? 129 VAL A CB  1 
ATOM   613 C CG1 . VAL A 1 129 ? 10.19595  -7.13837  11.25487  1.000 45.33000 ? 129 VAL A CG1 1 
ATOM   614 C CG2 . VAL A 1 129 ? 9.00380   -5.17182  10.27735  1.000 29.17000 ? 129 VAL A CG2 1 
ATOM   615 N N   . GLY A 1 130 ? 11.21469  -8.98285  8.33445   1.000 47.21000 ? 130 GLY A N   1 
ATOM   616 C CA  . GLY A 1 130 ? 11.38321  -10.38761 8.02463   1.000 49.40000 ? 130 GLY A CA  1 
ATOM   617 C C   . GLY A 1 130 ? 11.43222  -11.26116 9.26691   1.000 54.58000 ? 130 GLY A C   1 
ATOM   618 O O   . GLY A 1 130 ? 11.44887  -10.78782 10.39866  1.000 55.79000 ? 130 GLY A O   1 
ATOM   619 N N   . GLY A 1 131 ? 11.44332  -12.57423 9.04773   1.000 62.66000 ? 131 GLY A N   1 
ATOM   620 C CA  . GLY A 1 131 ? 11.44569  -13.51223 10.15730  1.000 63.16000 ? 131 GLY A CA  1 
ATOM   621 C C   . GLY A 1 131 ? 10.04650  -13.70250 10.70657  1.000 78.12000 ? 131 GLY A C   1 
ATOM   622 O O   . GLY A 1 131 ? 9.41928   -12.74088 11.16470  1.000 81.92000 ? 131 GLY A O   1 
ATOM   623 N N   . SER A 1 132 ? 9.53496   -14.92776 10.63897  1.000 67.66000 ? 132 SER A N   1 
ATOM   624 C CA  . SER A 1 132 ? 8.14256   -15.19360 10.97615  1.000 74.03000 ? 132 SER A CA  1 
ATOM   625 C C   . SER A 1 132 ? 7.83880   -14.78902 12.41592  1.000 72.09000 ? 132 SER A C   1 
ATOM   626 O O   . SER A 1 132 ? 8.53773   -15.20042 13.34902  1.000 69.61000 ? 132 SER A O   1 
ATOM   627 C CB  . SER A 1 132 ? 7.84393   -16.67899 10.74947  1.000 88.55000 ? 132 SER A CB  1 
ATOM   628 O OG  . SER A 1 132 ? 6.56349   -17.04794 11.24155  1.000 98.22000 ? 132 SER A OG  1 
ATOM   629 N N   . GLN A 1 133 ? 6.81356   -13.95868 12.60912  1.000 83.06000 ? 133 GLN A N   1 
ATOM   630 C CA  . GLN A 1 133 ? 5.84509   -13.53637 11.59373  1.000 86.73000 ? 133 GLN A CA  1 
ATOM   631 C C   . GLN A 1 133 ? 6.34368   -12.39452 10.71303  1.000 64.19000 ? 133 GLN A C   1 
ATOM   632 O O   . GLN A 1 133 ? 6.65039   -11.31284 11.21368  1.000 72.63000 ? 133 GLN A O   1 
ATOM   633 C CB  . GLN A 1 133 ? 4.54021   -13.09262 12.27653  1.000 77.80000 ? 133 GLN A CB  1 
ATOM   634 C CG  . GLN A 1 133 ? 4.66582   -11.88535 13.19269  1.000 78.33000 ? 133 GLN A CG  1 
ATOM   635 C CD  . GLN A 1 133 ? 5.51790   -12.17583 14.40687  1.000 88.97000 ? 133 GLN A CD  1 
ATOM   636 O OE1 . GLN A 1 133 ? 6.73027   -12.34660 14.29928  1.000 90.69000 ? 133 GLN A OE1 1 
ATOM   637 N NE2 . GLN A 1 133 ? 4.87612   -12.28651 15.56593  1.000 92.17000 ? 133 GLN A NE2 1 
ATOM   638 N N   . GLU A 1 134 ? 6.41798   -12.63827 9.40648   1.000 65.40000 ? 134 GLU A N   1 
ATOM   639 C CA  . GLU A 1 134 ? 6.74785   -11.56599 8.48334   1.000 54.41000 ? 134 GLU A CA  1 
ATOM   640 C C   . GLU A 1 134 ? 5.55526   -10.63262 8.32741   1.000 41.04000 ? 134 GLU A C   1 
ATOM   641 O O   . GLU A 1 134 ? 4.39855   -11.06649 8.28244   1.000 43.66000 ? 134 GLU A O   1 
ATOM   642 C CB  . GLU A 1 134 ? 7.15622   -12.11014 7.11390   1.000 46.55000 ? 134 GLU A CB  1 
ATOM   643 C CG  . GLU A 1 134 ? 6.29988   -13.24470 6.56191   1.000 54.95000 ? 134 GLU A CG  1 
ATOM   644 C CD  . GLU A 1 134 ? 6.94209   -13.88424 5.34643   1.000 66.11000 ? 134 GLU A CD  1 
ATOM   645 O OE1 . GLU A 1 134 ? 7.92203   -13.29702 4.84897   1.000 53.20000 ? 134 GLU A OE1 1 
ATOM   646 O OE2 . GLU A 1 134 ? 6.47611   -14.95129 4.88504   1.000 79.05000 ? 134 GLU A OE2 1 
ATOM   647 N N   . ARG A 1 135 ? 5.84852   -9.33868  8.22224   1.000 34.03000 ? 135 ARG A N   1 
ATOM   648 C CA  . ARG A 1 135 ? 4.79157   -8.34142  8.20561   1.000 31.56000 ? 135 ARG A CA  1 
ATOM   649 C C   . ARG A 1 135 ? 5.31024   -7.05941  7.57405   1.000 27.98000 ? 135 ARG A C   1 
ATOM   650 O O   . ARG A 1 135 ? 6.50368   -6.75674  7.63509   1.000 33.23000 ? 135 ARG A O   1 
ATOM   651 C CB  . ARG A 1 135 ? 4.27868   -8.05846  9.62121   1.000 27.15000 ? 135 ARG A CB  1 
ATOM   652 C CG  . ARG A 1 135 ? 5.38111   -7.62228  10.57118  1.000 45.56000 ? 135 ARG A CG  1 
ATOM   653 C CD  . ARG A 1 135 ? 4.95947   -7.73404  12.02506  1.000 52.13000 ? 135 ARG A CD  1 
ATOM   654 N NE  . ARG A 1 135 ? 5.97218   -7.16442  12.91022  1.000 53.12000 ? 135 ARG A NE  1 
ATOM   655 C CZ  . ARG A 1 135 ? 7.08579   -7.79617  13.27299  1.000 68.96000 ? 135 ARG A CZ  1 
ATOM   656 N NH1 . ARG A 1 135 ? 7.95721   -7.20461  14.08175  1.000 46.80000 ? 135 ARG A NH1 1 
ATOM   657 N NH2 . ARG A 1 135 ? 7.33053   -9.01948  12.82215  1.000 54.86000 ? 135 ARG A NH2 1 
ATOM   658 N N   . ILE A 1 136 ? 4.39128   -6.30917  6.97939   1.000 22.41000 ? 136 ILE A N   1 
ATOM   659 C CA  . ILE A 1 136 ? 4.64342   -4.95330  6.50937   1.000 27.07000 ? 136 ILE A CA  1 
ATOM   660 C C   . ILE A 1 136 ? 3.79425   -4.02643  7.36655   1.000 24.09000 ? 136 ILE A C   1 
ATOM   661 O O   . ILE A 1 136 ? 2.56051   -4.04159  7.26969   1.000 23.42000 ? 136 ILE A O   1 
ATOM   662 C CB  . ILE A 1 136 ? 4.31256   -4.78291  5.01968   1.000 28.42000 ? 136 ILE A CB  1 
ATOM   663 C CG1 . ILE A 1 136 ? 4.97070   -5.88406  4.18063   1.000 26.23000 ? 136 ILE A CG1 1 
ATOM   664 C CG2 . ILE A 1 136 ? 4.74453   -3.40748  4.53821   1.000 22.54000 ? 136 ILE A CG2 1 
ATOM   665 C CD1 . ILE A 1 136 ? 4.69296   -5.76077  2.69467   1.000 19.53000 ? 136 ILE A CD1 1 
ATOM   666 N N   . VAL A 1 137 ? 4.44514   -3.22527  8.20868   1.000 22.89000 ? 137 VAL A N   1 
ATOM   667 C CA  . VAL A 1 137 ? 3.76714   -2.24163  9.04820   1.000 24.67000 ? 137 VAL A CA  1 
ATOM   668 C C   . VAL A 1 137 ? 3.84686   -0.88816  8.35591   1.000 30.51000 ? 137 VAL A C   1 
ATOM   669 O O   . VAL A 1 137 ? 4.92112   -0.47582  7.89809   1.000 27.50000 ? 137 VAL A O   1 
ATOM   670 C CB  . VAL A 1 137 ? 4.37843   -2.19303  10.46077  1.000 27.71000 ? 137 VAL A CB  1 
ATOM   671 C CG1 . VAL A 1 137 ? 4.16248   -3.52063  11.16934  1.000 24.23000 ? 137 VAL A CG1 1 
ATOM   672 C CG2 . VAL A 1 137 ? 5.86540   -1.86129  10.40685  1.000 25.54000 ? 137 VAL A CG2 1 
ATOM   673 N N   . THR A 1 138 ? 2.70681   -0.20758  8.24650   1.000 21.56000 ? 138 THR A N   1 
ATOM   674 C CA  . THR A 1 138 ? 2.62352   1.01669   7.46455   1.000 20.82000 ? 138 THR A CA  1 
ATOM   675 C C   . THR A 1 138 ? 1.75202   2.04278   8.17106   1.000 23.58000 ? 138 THR A C   1 
ATOM   676 O O   . THR A 1 138 ? 0.96398   1.72302   9.06366   1.000 22.39000 ? 138 THR A O   1 
ATOM   677 C CB  . THR A 1 138 ? 2.03399   0.77764   6.06419   1.000 22.24000 ? 138 THR A CB  1 
ATOM   678 O OG1 . THR A 1 138 ? 0.66842   0.35650   6.18563   1.000 14.73000 ? 138 THR A OG1 1 
ATOM   679 C CG2 . THR A 1 138 ? 2.83105   -0.26769  5.29526   1.000 20.02000 ? 138 THR A CG2 1 
ATOM   680 N N   . GLN A 1 139 ? 1.91766   3.29066   7.74884   1.000 22.50000 ? 139 GLN A N   1 
ATOM   681 C CA  . GLN A 1 139 ? 0.94949   4.35091   7.96937   1.000 24.50000 ? 139 GLN A CA  1 
ATOM   682 C C   . GLN A 1 139 ? 0.65315   4.97383   6.61572   1.000 22.57000 ? 139 GLN A C   1 
ATOM   683 O O   . GLN A 1 139 ? 1.55413   5.11343   5.78343   1.000 19.87000 ? 139 GLN A O   1 
ATOM   684 C CB  . GLN A 1 139 ? 1.46932   5.39338   8.96150   1.000 23.65000 ? 139 GLN A CB  1 
ATOM   685 C CG  . GLN A 1 139 ? 1.02032   5.11948   10.38209  1.000 28.01000 ? 139 GLN A CG  1 
ATOM   686 C CD  . GLN A 1 139 ? 1.95349   5.69805   11.41437  1.000 30.58000 ? 139 GLN A CD  1 
ATOM   687 O OE1 . GLN A 1 139 ? 3.16990   5.71638   11.22751  1.000 40.14000 ? 139 GLN A OE1 1 
ATOM   688 N NE2 . GLN A 1 139 ? 1.38963   6.17565   12.51485  1.000 26.42000 ? 139 GLN A NE2 1 
ATOM   689 N N   . TRP A 1 140 ? -0.61157  5.31376   6.37657   1.000 20.89000 ? 140 TRP A N   1 
ATOM   690 C CA  . TRP A 1 140 ? -1.03676  5.70028   5.04129   1.000 21.88000 ? 140 TRP A CA  1 
ATOM   691 C C   . TRP A 1 140 ? -1.76158  7.03730   5.04801   1.000 19.06000 ? 140 TRP A C   1 
ATOM   692 O O   . TRP A 1 140 ? -2.33419  7.45643   6.05640   1.000 25.62000 ? 140 TRP A O   1 
ATOM   693 C CB  . TRP A 1 140 ? -1.93060  4.62490   4.39833   1.000 19.84000 ? 140 TRP A CB  1 
ATOM   694 C CG  . TRP A 1 140 ? -3.10621  4.17537   5.21670   1.000 20.81000 ? 140 TRP A CG  1 
ATOM   695 C CD1 . TRP A 1 140 ? -3.20575  3.01873   5.93859   1.000 20.88000 ? 140 TRP A CD1 1 
ATOM   696 C CD2 . TRP A 1 140 ? -4.36648  4.84592   5.36131   1.000 19.14000 ? 140 TRP A CD2 1 
ATOM   697 N NE1 . TRP A 1 140 ? -4.43989  2.93963   6.53884   1.000 17.00000 ? 140 TRP A NE1 1 
ATOM   698 C CE2 . TRP A 1 140 ? -5.17324  4.04515   6.19685   1.000 18.77000 ? 140 TRP A CE2 1 
ATOM   699 C CE3 . TRP A 1 140 ? -4.88922  6.04660   4.86978   1.000 17.28000 ? 140 TRP A CE3 1 
ATOM   700 C CZ2 . TRP A 1 140 ? -6.46999  4.40853   6.55391   1.000 19.72000 ? 140 TRP A CZ2 1 
ATOM   701 C CZ3 . TRP A 1 140 ? -6.17646  6.40681   5.22625   1.000 17.45000 ? 140 TRP A CZ3 1 
ATOM   702 C CH2 . TRP A 1 140 ? -6.95200  5.59198   6.06123   1.000 22.14000 ? 140 TRP A CH2 1 
ATOM   703 N N   . LEU A 1 141 ? -1.71979  7.70006   3.89468   1.000 18.71000 ? 141 LEU A N   1 
ATOM   704 C CA  . LEU A 1 141 ? -2.43327  8.94347   3.64577   1.000 22.17000 ? 141 LEU A CA  1 
ATOM   705 C C   . LEU A 1 141 ? -3.36137  8.74164   2.45789   1.000 17.67000 ? 141 LEU A C   1 
ATOM   706 O O   . LEU A 1 141 ? -2.93210  8.25328   1.40962   1.000 21.67000 ? 141 LEU A O   1 
ATOM   707 C CB  . LEU A 1 141 ? -1.46304  10.09391  3.36245   1.000 12.95000 ? 141 LEU A CB  1 
ATOM   708 C CG  . LEU A 1 141 ? -0.48436  10.44693  4.47999   1.000 18.67000 ? 141 LEU A CG  1 
ATOM   709 C CD1 . LEU A 1 141 ? 0.56068   11.43198  3.99080   1.000 20.54000 ? 141 LEU A CD1 1 
ATOM   710 C CD2 . LEU A 1 141 ? -1.23369  11.00419  5.67291   1.000 13.23000 ? 141 LEU A CD2 1 
ATOM   711 N N   . LEU A 1 142 ? -4.62830  9.11080   2.62654   1.000 21.78000 ? 142 LEU A N   1 
ATOM   712 C CA  . LEU A 1 142 ? -5.63036  9.02514   1.56963   1.000 17.62000 ? 142 LEU A CA  1 
ATOM   713 C C   . LEU A 1 142 ? -6.10899  10.43958  1.27215   1.000 23.29000 ? 142 LEU A C   1 
ATOM   714 O O   . LEU A 1 142 ? -6.77390  11.06150  2.10738   1.000 24.73000 ? 142 LEU A O   1 
ATOM   715 C CB  . LEU A 1 142 ? -6.78955  8.12010   1.98398   1.000 22.76000 ? 142 LEU A CB  1 
ATOM   716 C CG  . LEU A 1 142 ? -7.89968  7.91602   0.95225   1.000 33.56000 ? 142 LEU A CG  1 
ATOM   717 C CD1 . LEU A 1 142 ? -7.38728  7.14610   -0.25682  1.000 23.04000 ? 142 LEU A CD1 1 
ATOM   718 C CD2 . LEU A 1 142 ? -9.08324  7.20039   1.58400   1.000 30.68000 ? 142 LEU A CD2 1 
ATOM   719 N N   . SER A 1 143 ? -5.76698  10.94629  0.08937   1.000 25.95000 ? 143 SER A N   1 
ATOM   720 C CA  . SER A 1 143 ? -6.01484  12.33243  -0.28022  1.000 22.58000 ? 143 SER A CA  1 
ATOM   721 C C   . SER A 1 143 ? -6.97822  12.39258  -1.45430  1.000 25.18000 ? 143 SER A C   1 
ATOM   722 O O   . SER A 1 143 ? -6.75105  11.74594  -2.48118  1.000 33.44000 ? 143 SER A O   1 
ATOM   723 C CB  . SER A 1 143 ? -4.70999  13.04735  -0.63939  1.000 19.33000 ? 143 SER A CB  1 
ATOM   724 O OG  . SER A 1 143 ? -4.16167  13.71075  0.48407   1.000 28.38000 ? 143 SER A OG  1 
ATOM   725 N N   . TYR A 1 144 ? -8.03611  13.18216  -1.30800  1.000 24.29000 ? 144 TYR A N   1 
ATOM   726 C CA  . TYR A 1 144 ? -9.01945  13.39822  -2.35670  1.000 28.70000 ? 144 TYR A CA  1 
ATOM   727 C C   . TYR A 1 144 ? -8.75045  14.71910  -3.06821  1.000 23.34000 ? 144 TYR A C   1 
ATOM   728 O O   . TYR A 1 144 ? -8.27557  15.68434  -2.46379  1.000 23.91000 ? 144 TYR A O   1 
ATOM   729 C CB  . TYR A 1 144 ? -10.43835 13.41355  -1.78087  1.000 28.30000 ? 144 TYR A CB  1 
ATOM   730 C CG  . TYR A 1 144 ? -10.90098 12.10023  -1.18776  1.000 24.54000 ? 144 TYR A CG  1 
ATOM   731 C CD1 . TYR A 1 144 ? -10.48089 11.70014  0.07111   1.000 20.88000 ? 144 TYR A CD1 1 
ATOM   732 C CD2 . TYR A 1 144 ? -11.78377 11.27697  -1.87652  1.000 22.88000 ? 144 TYR A CD2 1 
ATOM   733 C CE1 . TYR A 1 144 ? -10.90720 10.50461  0.62045   1.000 35.06000 ? 144 TYR A CE1 1 
ATOM   734 C CE2 . TYR A 1 144 ? -12.21596 10.07980  -1.33541  1.000 20.97000 ? 144 TYR A CE2 1 
ATOM   735 C CZ  . TYR A 1 144 ? -11.77642 9.69871   -0.08719  1.000 32.93000 ? 144 TYR A CZ  1 
ATOM   736 O OH  . TYR A 1 144 ? -12.20424 8.50899   0.46074   1.000 25.63000 ? 144 TYR A OH  1 
ATOM   737 N N   . GLY A 1 145 ? -9.05301  14.75140  -4.36182  1.000 28.81000 ? 145 GLY A N   1 
ATOM   738 C CA  . GLY A 1 145 ? -9.07460  16.01836  -5.07549  1.000 25.76000 ? 145 GLY A CA  1 
ATOM   739 C C   . GLY A 1 145 ? -10.24529 16.86007  -4.59553  1.000 30.32000 ? 145 GLY A C   1 
ATOM   740 O O   . GLY A 1 145 ? -11.37409 16.37157  -4.48389  1.000 30.90000 ? 145 GLY A O   1 
ATOM   741 N N   . THR A 1 146 ? -9.97439  18.12517  -4.27639  1.000 32.33000 ? 146 THR A N   1 
ATOM   742 C CA  . THR A 1 146 ? -10.98150 18.98460  -3.67009  1.000 35.58000 ? 146 THR A CA  1 
ATOM   743 C C   . THR A 1 146 ? -10.95696 20.36401  -4.31009  1.000 39.46000 ? 146 THR A C   1 
ATOM   744 O O   . THR A 1 146 ? -10.08976 20.69032  -5.12605  1.000 38.58000 ? 146 THR A O   1 
ATOM   745 C CB  . THR A 1 146 ? -10.77671 19.14180  -2.15523  1.000 35.69000 ? 146 THR A CB  1 
ATOM   746 O OG1 . THR A 1 146 ? -9.58641  19.90254  -1.91008  1.000 37.30000 ? 146 THR A OG1 1 
ATOM   747 C CG2 . THR A 1 146 ? -10.68058 17.78979  -1.45955  1.000 30.75000 ? 146 THR A CG2 1 
ATOM   748 N N   . THR A 1 147 ? -11.93316 21.17131  -3.91751  1.000 47.14000 ? 147 THR A N   1 
ATOM   749 C CA  . THR A 1 147 ? -11.93242 22.59266  -4.20098  1.000 45.02000 ? 147 THR A CA  1 
ATOM   750 C C   . THR A 1 147 ? -11.01037 23.31001  -3.21980  1.000 38.79000 ? 147 THR A C   1 
ATOM   751 O O   . THR A 1 147 ? -10.71977 22.79149  -2.13836  1.000 44.54000 ? 147 THR A O   1 
ATOM   752 C CB  . THR A 1 147 ? -13.34842 23.14760  -4.09382  1.000 45.33000 ? 147 THR A CB  1 
ATOM   753 O OG1 . THR A 1 147 ? -13.79845 23.05290  -2.73680  1.000 37.49000 ? 147 THR A OG1 1 
ATOM   754 C CG2 . THR A 1 147 ? -14.30102 22.37175  -4.99408  1.000 44.34000 ? 147 THR A CG2 1 
ATOM   755 N N   . PRO A 1 148 ? -10.52165 24.50197  -3.57763  1.000 40.37000 ? 148 PRO A N   1 
ATOM   756 C CA  . PRO A 1 148 ? -9.65260  25.23827  -2.64375  1.000 39.11000 ? 148 PRO A CA  1 
ATOM   757 C C   . PRO A 1 148 ? -10.28808 25.49726  -1.28751  1.000 33.46000 ? 148 PRO A C   1 
ATOM   758 O O   . PRO A 1 148 ? -9.56774  25.62823  -0.29086  1.000 47.04000 ? 148 PRO A O   1 
ATOM   759 C CB  . PRO A 1 148 ? -9.36681  26.54288  -3.39757  1.000 32.45000 ? 148 PRO A CB  1 
ATOM   760 C CG  . PRO A 1 148 ? -9.45470  26.14769  -4.83576  1.000 32.69000 ? 148 PRO A CG  1 
ATOM   761 C CD  . PRO A 1 148 ? -10.58646 25.15877  -4.89530  1.000 31.35000 ? 148 PRO A CD  1 
ATOM   762 N N   . ALA A 1 149 ? -11.61622 25.56654  -1.21338  1.000 35.44000 ? 149 ALA A N   1 
ATOM   763 C CA  . ALA A 1 149 ? -12.28176 25.77406  0.06620   1.000 41.33000 ? 149 ALA A CA  1 
ATOM   764 C C   . ALA A 1 149 ? -12.29148 24.52327  0.93408   1.000 34.72000 ? 149 ALA A C   1 
ATOM   765 O O   . ALA A 1 149 ? -12.49464 24.62930  2.14802   1.000 40.71000 ? 149 ALA A O   1 
ATOM   766 C CB  . ALA A 1 149 ? -13.71750 26.25436  -0.15995  1.000 40.64000 ? 149 ALA A CB  1 
ATOM   767 N N   . ASP A 1 150 ? -12.06920 23.34759  0.34575   1.000 40.40000 ? 150 ASP A N   1 
ATOM   768 C CA  . ASP A 1 150 ? -12.18065 22.07988  1.05637   1.000 41.57000 ? 150 ASP A CA  1 
ATOM   769 C C   . ASP A 1 150 ? -10.83784 21.38588  1.25743   1.000 32.74000 ? 150 ASP A C   1 
ATOM   770 O O   . ASP A 1 150 ? -10.81195 20.24469  1.72925   1.000 27.84000 ? 150 ASP A O   1 
ATOM   771 C CB  . ASP A 1 150 ? -13.13908 21.14724  0.31189   1.000 46.90000 ? 150 ASP A CB  1 
ATOM   772 C CG  . ASP A 1 150 ? -14.59026 21.55928  0.46386   1.000 37.33000 ? 150 ASP A CG  1 
ATOM   773 O OD1 . ASP A 1 150 ? -14.92288 22.22540  1.46770   1.000 29.95000 ? 150 ASP A OD1 1 
ATOM   774 O OD2 . ASP A 1 150 ? -15.39721 21.21586  -0.42519  1.000 37.68000 ? 150 ASP A OD2 1 
ATOM   775 N N   . GLN A 1 151 ? -9.72434  22.04232  0.90992   1.000 34.64000 ? 151 GLN A N   1 
ATOM   776 C CA  . GLN A 1 151 ? -8.41430  21.41131  1.05256   1.000 27.58000 ? 151 GLN A CA  1 
ATOM   777 C C   . GLN A 1 151 ? -8.15241  20.96260  2.48155   1.000 29.58000 ? 151 GLN A C   1 
ATOM   778 O O   . GLN A 1 151 ? -7.49046  19.94152  2.69852   1.000 33.92000 ? 151 GLN A O   1 
ATOM   779 C CB  . GLN A 1 151 ? -7.30841  22.36836  0.60821   1.000 30.32000 ? 151 GLN A CB  1 
ATOM   780 C CG  . GLN A 1 151 ? -7.53376  23.01621  -0.73944  1.000 40.27000 ? 151 GLN A CG  1 
ATOM   781 C CD  . GLN A 1 151 ? -6.24893  23.54065  -1.34871  1.000 51.25000 ? 151 GLN A CD  1 
ATOM   782 O OE1 . GLN A 1 151 ? -5.20835  23.57631  -0.69006  1.000 56.14000 ? 151 GLN A OE1 1 
ATOM   783 N NE2 . GLN A 1 151 ? -6.31428  23.95502  -2.60973  1.000 46.93000 ? 151 GLN A NE2 1 
ATOM   784 N N   . TRP A 1 152 ? -8.66735  21.70448  3.46514   1.000 31.02000 ? 152 TRP A N   1 
ATOM   785 C CA  . TRP A 1 152 ? -8.37337  21.40472  4.86335   1.000 24.65000 ? 152 TRP A CA  1 
ATOM   786 C C   . TRP A 1 152 ? -8.85105  20.01510  5.27107   1.000 23.69000 ? 152 TRP A C   1 
ATOM   787 O O   . TRP A 1 152 ? -8.31559  19.43346  6.22146   1.000 25.09000 ? 152 TRP A O   1 
ATOM   788 C CB  . TRP A 1 152 ? -9.00500  22.46506  5.76598   1.000 27.78000 ? 152 TRP A CB  1 
ATOM   789 C CG  . TRP A 1 152 ? -10.49139 22.34939  5.84943   1.000 22.63000 ? 152 TRP A CG  1 
ATOM   790 C CD1 . TRP A 1 152 ? -11.40567 22.95669  5.04062   1.000 22.15000 ? 152 TRP A CD1 1 
ATOM   791 C CD2 . TRP A 1 152 ? -11.23951 21.57057  6.78877   1.000 22.23000 ? 152 TRP A CD2 1 
ATOM   792 N NE1 . TRP A 1 152 ? -12.67818 22.60695  5.42000   1.000 26.98000 ? 152 TRP A NE1 1 
ATOM   793 C CE2 . TRP A 1 152 ? -12.60315 21.75579  6.49104   1.000 29.25000 ? 152 TRP A CE2 1 
ATOM   794 C CE3 . TRP A 1 152 ? -10.88795 20.73435  7.85341   1.000 20.62000 ? 152 TRP A CE3 1 
ATOM   795 C CZ2 . TRP A 1 152 ? -13.61756 21.13867  7.22064   1.000 26.57000 ? 152 TRP A CZ2 1 
ATOM   796 C CZ3 . TRP A 1 152 ? -11.89573 20.12088  8.57535   1.000 22.33000 ? 152 TRP A CZ3 1 
ATOM   797 C CH2 . TRP A 1 152 ? -13.24381 20.32586  8.25586   1.000 28.10000 ? 152 TRP A CH2 1 
ATOM   798 N N   . LYS A 1 153 ? -9.84993  19.46822  4.58102   1.000 23.06000 ? 153 LYS A N   1 
ATOM   799 C CA  . LYS A 1 153 ? -10.41412 18.16196  4.90940   1.000 33.30000 ? 153 LYS A CA  1 
ATOM   800 C C   . LYS A 1 153 ? -10.19601 17.16855  3.77451   1.000 23.05000 ? 153 LYS A C   1 
ATOM   801 O O   . LYS A 1 153 ? -11.04158 16.31769  3.49674   1.000 26.32000 ? 153 LYS A O   1 
ATOM   802 C CB  . LYS A 1 153 ? -11.90075 18.27571  5.24055   1.000 29.16000 ? 153 LYS A CB  1 
ATOM   803 C CG  . LYS A 1 153 ? -12.73814 18.91738  4.14368   1.000 28.58000 ? 153 LYS A CG  1 
ATOM   804 C CD  . LYS A 1 153 ? -14.22420 18.81638  4.45868   1.000 38.94000 ? 153 LYS A CD  1 
ATOM   805 C CE  . LYS A 1 153 ? -15.06619 19.54947  3.42175   1.000 47.24000 ? 153 LYS A CE  1 
ATOM   806 N NZ  . LYS A 1 153 ? -16.52143 19.51804  3.75114   1.000 39.95000 ? 153 LYS A NZ  1 
ATOM   807 N N   . SER A 1 154 ? -9.04426  17.25510  3.11611   1.000 25.92000 ? 154 SER A N   1 
ATOM   808 C CA  . SER A 1 154 ? -8.78385  16.46608  1.92175   1.000 22.62000 ? 154 SER A CA  1 
ATOM   809 C C   . SER A 1 154 ? -8.03939  15.16474  2.19105   1.000 29.03000 ? 154 SER A C   1 
ATOM   810 O O   . SER A 1 154 ? -7.98843  14.31255  1.29825   1.000 27.01000 ? 154 SER A O   1 
ATOM   811 C CB  . SER A 1 154 ? -7.98514  17.29320  0.91033   1.000 20.25000 ? 154 SER A CB  1 
ATOM   812 O OG  . SER A 1 154 ? -6.60686  17.30346  1.24126   1.000 26.55000 ? 154 SER A OG  1 
ATOM   813 N N   . THR A 1 155 ? -7.46708  14.97896  3.38095   1.000 16.31000 ? 155 THR A N   1 
ATOM   814 C CA  . THR A 1 155 ? -6.56804  13.85761  3.62522   1.000 19.20000 ? 155 THR A CA  1 
ATOM   815 C C   . THR A 1 155 ? -6.97133  13.08926  4.87680   1.000 22.23000 ? 155 THR A C   1 
ATOM   816 O O   . THR A 1 155 ? -7.08137  13.67105  5.95987   1.000 17.37000 ? 155 THR A O   1 
ATOM   817 C CB  . THR A 1 155 ? -5.11940  14.33517  3.75899   1.000 21.17000 ? 155 THR A CB  1 
ATOM   818 O OG1 . THR A 1 155 ? -4.74882  15.07740  2.58779   1.000 16.77000 ? 155 THR A OG1 1 
ATOM   819 C CG2 . THR A 1 155 ? -4.18793  13.14344  3.91583   1.000 13.09000 ? 155 THR A CG2 1 
ATOM   820 N N   . PHE A 1 156 ? -7.18009  11.78356  4.71980   1.000 20.05000 ? 156 PHE A N   1 
ATOM   821 C CA  . PHE A 1 156 ? -7.33175  10.86504  5.83840   1.000 18.00000 ? 156 PHE A CA  1 
ATOM   822 C C   . PHE A 1 156 ? -5.97937  10.26451  6.21003   1.000 17.92000 ? 156 PHE A C   1 
ATOM   823 O O   . PHE A 1 156 ? -5.07170  10.15556  5.38316   1.000 18.39000 ? 156 PHE A O   1 
ATOM   824 C CB  . PHE A 1 156 ? -8.29799  9.73182   5.49761   1.000 24.49000 ? 156 PHE A CB  1 
ATOM   825 C CG  . PHE A 1 156 ? -9.73632  10.14742  5.42429   1.000 25.69000 ? 156 PHE A CG  1 
ATOM   826 C CD1 . PHE A 1 156 ? -10.22156 10.81710  4.31442   1.000 22.91000 ? 156 PHE A CD1 1 
ATOM   827 C CD2 . PHE A 1 156 ? -10.61095 9.83707   6.45290   1.000 30.25000 ? 156 PHE A CD2 1 
ATOM   828 C CE1 . PHE A 1 156 ? -11.54758 11.18788  4.23974   1.000 29.50000 ? 156 PHE A CE1 1 
ATOM   829 C CE2 . PHE A 1 156 ? -11.93981 10.20432  6.38375   1.000 29.21000 ? 156 PHE A CE2 1 
ATOM   830 C CZ  . PHE A 1 156 ? -12.40844 10.87642  5.27453   1.000 36.58000 ? 156 PHE A CZ  1 
ATOM   831 N N   . LEU A 1 157 ? -5.86399  9.84850   7.46817   1.000 18.43000 ? 157 LEU A N   1 
ATOM   832 C CA  . LEU A 1 157 ? -4.66381  9.18950   7.96237   1.000 19.39000 ? 157 LEU A CA  1 
ATOM   833 C C   . LEU A 1 157 ? -5.04615  7.91106   8.69202   1.000 18.29000 ? 157 LEU A C   1 
ATOM   834 O O   . LEU A 1 157 ? -5.99158  7.90008   9.48547   1.000 16.95000 ? 157 LEU A O   1 
ATOM   835 C CB  . LEU A 1 157 ? -3.85860  10.10456  8.90077   1.000 15.90000 ? 157 LEU A CB  1 
ATOM   836 C CG  . LEU A 1 157 ? -2.77599  9.39514   9.72213   1.000 24.81000 ? 157 LEU A CG  1 
ATOM   837 C CD1 . LEU A 1 157 ? -1.47011  9.29804   8.94552   1.000 25.15000 ? 157 LEU A CD1 1 
ATOM   838 C CD2 . LEU A 1 157 ? -2.55945  10.07458  11.06144  1.000 22.75000 ? 157 LEU A CD2 1 
ATOM   839 N N   . GLY A 1 158 ? -4.30993  6.84090   8.41837   1.000 21.97000 ? 158 GLY A N   1 
ATOM   840 C CA  . GLY A 1 158 ? -4.50486  5.58896   9.11250   1.000 14.32000 ? 158 GLY A CA  1 
ATOM   841 C C   . GLY A 1 158 ? -3.23257  4.77087   9.10724   1.000 17.87000 ? 158 GLY A C   1 
ATOM   842 O O   . GLY A 1 158 ? -2.17366  5.23744   8.68337   1.000 15.58000 ? 158 GLY A O   1 
ATOM   843 N N   . HIS A 1 159 ? -3.34929  3.53336   9.58905   1.000 24.75000 ? 159 HIS A N   1 
ATOM   844 C CA  . HIS A 1 159 ? -2.21847  2.61400   9.62033   1.000 24.24000 ? 159 HIS A CA  1 
ATOM   845 C C   . HIS A 1 159 ? -2.68802  1.21386   9.25882   1.000 22.02000 ? 159 HIS A C   1 
ATOM   846 O O   . HIS A 1 159 ? -3.73513  0.76377   9.73417   1.000 23.14000 ? 159 HIS A O   1 
ATOM   847 C CB  . HIS A 1 159 ? -1.53351  2.61290   10.99341  1.000 15.22000 ? 159 HIS A CB  1 
ATOM   848 C CG  . HIS A 1 159 ? -2.43931  2.25401   12.12960  1.000 25.07000 ? 159 HIS A CG  1 
ATOM   849 N ND1 . HIS A 1 159 ? -2.58793  0.96138   12.58469  1.000 26.91000 ? 159 HIS A ND1 1 
ATOM   850 C CD2 . HIS A 1 159 ? -3.23240  3.02288   12.91389  1.000 23.77000 ? 159 HIS A CD2 1 
ATOM   851 C CE1 . HIS A 1 159 ? -3.43832  0.94806   13.59639  1.000 24.32000 ? 159 HIS A CE1 1 
ATOM   852 N NE2 . HIS A 1 159 ? -3.84383  2.18664   13.81580  1.000 21.13000 ? 159 HIS A NE2 1 
ATOM   853 N N   . ASP A 1 160 ? -1.90965  0.53507   8.41749   1.000 24.03000 ? 160 ASP A N   1 
ATOM   854 C CA  . ASP A 1 160 ? -2.21303  -0.80641  7.93905   1.000 19.88000 ? 160 ASP A CA  1 
ATOM   855 C C   . ASP A 1 160 ? -1.07722  -1.75239  8.30244   1.000 24.77000 ? 160 ASP A C   1 
ATOM   856 O O   . ASP A 1 160 ? 0.10041   -1.39879  8.18085   1.000 24.06000 ? 160 ASP A O   1 
ATOM   857 C CB  . ASP A 1 160 ? -2.41661  -0.82723  6.41788   1.000 18.03000 ? 160 ASP A CB  1 
ATOM   858 C CG  . ASP A 1 160 ? -3.79064  -0.34909  6.00106   1.000 22.60000 ? 160 ASP A CG  1 
ATOM   859 O OD1 . ASP A 1 160 ? -4.62969  -0.08402  6.88652   1.000 25.19000 ? 160 ASP A OD1 1 
ATOM   860 O OD2 . ASP A 1 160 ? -4.03162  -0.24293  4.77873   1.000 18.56000 ? 160 ASP A OD2 1 
ATOM   861 N N   . GLU A 1 161 ? -1.43316  -2.95705  8.74129   1.000 20.65000 ? 161 GLU A N   1 
ATOM   862 C CA  . GLU A 1 161 ? -0.46978  -4.02033  8.99895   1.000 18.97000 ? 161 GLU A CA  1 
ATOM   863 C C   . GLU A 1 161 ? -0.77312  -5.17339  8.05261   1.000 18.99000 ? 161 GLU A C   1 
ATOM   864 O O   . GLU A 1 161 ? -1.86756  -5.74241  8.10031   1.000 19.05000 ? 161 GLU A O   1 
ATOM   865 C CB  . GLU A 1 161 ? -0.52915  -4.48119  10.45750  1.000 19.45000 ? 161 GLU A CB  1 
ATOM   866 C CG  . GLU A 1 161 ? -0.09889  -3.43203  11.47941  1.000 23.64000 ? 161 GLU A CG  1 
ATOM   867 C CD  . GLU A 1 161 ? -1.15827  -2.37121  11.73115  1.000 31.28000 ? 161 GLU A CD  1 
ATOM   868 O OE1 . GLU A 1 161 ? -2.34045  -2.73334  11.91446  1.000 28.89000 ? 161 GLU A OE1 1 
ATOM   869 O OE2 . GLU A 1 161 ? -0.80652  -1.17275  11.75125  1.000 26.18000 ? 161 GLU A OE2 1 
ATOM   870 N N   . PHE A 1 162 ? 0.18767   -5.51184  7.19403   1.000 17.46000 ? 162 PHE A N   1 
ATOM   871 C CA  . PHE A 1 162 ? 0.00051   -6.54513  6.18264   1.000 24.49000 ? 162 PHE A CA  1 
ATOM   872 C C   . PHE A 1 162 ? 0.68050   -7.84236  6.60407   1.000 22.01000 ? 162 PHE A C   1 
ATOM   873 O O   . PHE A 1 162 ? 1.78205   -7.82686  7.16152   1.000 22.20000 ? 162 PHE A O   1 
ATOM   874 C CB  . PHE A 1 162 ? 0.54587   -6.09958  4.82360   1.000 18.57000 ? 162 PHE A CB  1 
ATOM   875 C CG  . PHE A 1 162 ? -0.12283  -4.87457  4.26763   1.000 26.65000 ? 162 PHE A CG  1 
ATOM   876 C CD1 . PHE A 1 162 ? 0.28644   -3.60766  4.65422   1.000 19.97000 ? 162 PHE A CD1 1 
ATOM   877 C CD2 . PHE A 1 162 ? -1.15809  -4.98737  3.35388   1.000 30.13000 ? 162 PHE A CD2 1 
ATOM   878 C CE1 . PHE A 1 162 ? -0.32316  -2.47856  4.13978   1.000 19.31000 ? 162 PHE A CE1 1 
ATOM   879 C CE2 . PHE A 1 162 ? -1.77391  -3.85642  2.83599   1.000 28.74000 ? 162 PHE A CE2 1 
ATOM   880 C CZ  . PHE A 1 162 ? -1.35501  -2.60374  3.23092   1.000 21.39000 ? 162 PHE A CZ  1 
ATOM   881 N N   . THR A 1 163 ? 0.01950   -8.96479  6.32651   1.000 24.21000 ? 163 THR A N   1 
ATOM   882 C CA  . THR A 1 163 ? 0.54670   -10.28270 6.65094   1.000 30.77000 ? 163 THR A CA  1 
ATOM   883 C C   . THR A 1 163 ? 0.30024   -11.23189 5.48542   1.000 31.11000 ? 163 THR A C   1 
ATOM   884 O O   . THR A 1 163 ? -0.53300  -10.97659 4.61204   1.000 29.01000 ? 163 THR A O   1 
ATOM   885 C CB  . THR A 1 163 ? -0.08233  -10.85002 7.93173   1.000 30.69000 ? 163 THR A CB  1 
ATOM   886 O OG1 . THR A 1 163 ? -1.50902  -10.72467 7.86132   1.000 35.29000 ? 163 THR A OG1 1 
ATOM   887 C CG2 . THR A 1 163 ? 0.43639   -10.11241 9.16098   1.000 21.22000 ? 163 THR A CG2 1 
ATOM   888 N N   . ARG A 1 164 ? 1.04487   -12.34149 5.48406   1.000 35.99000 ? 164 ARG A N   1 
ATOM   889 C CA  . ARG A 1 164 ? 0.91830   -13.31802 4.40623   1.000 41.98000 ? 164 ARG A CA  1 
ATOM   890 C C   . ARG A 1 164 ? -0.43230  -14.02175 4.44886   1.000 33.82000 ? 164 ARG A C   1 
ATOM   891 O O   . ARG A 1 164 ? -1.02788  -14.30114 3.40184   1.000 27.09000 ? 164 ARG A O   1 
ATOM   892 C CB  . ARG A 1 164 ? 2.05284   -14.33882 4.48511   1.000 27.55000 ? 164 ARG A CB  1 
ATOM   893 C CG  . ARG A 1 164 ? 3.36855   -13.85127 3.90852   1.000 32.37000 ? 164 ARG A CG  1 
ATOM   894 C CD  . ARG A 1 164 ? 3.20791   -13.44501 2.45302   1.000 36.77000 ? 164 ARG A CD  1 
ATOM   895 N NE  . ARG A 1 164 ? 4.49481   -13.24390 1.79678   1.000 38.84000 ? 164 ARG A NE  1 
ATOM   896 C CZ  . ARG A 1 164 ? 4.63650   -12.96789 0.50451   1.000 35.04000 ? 164 ARG A CZ  1 
ATOM   897 N NH1 . ARG A 1 164 ? 3.56678   -12.85957 -0.27214  1.000 35.19000 ? 164 ARG A NH1 1 
ATOM   898 N NH2 . ARG A 1 164 ? 5.84513   -12.80105 -0.01234  1.000 36.83000 ? 164 ARG A NH2 1 
ATOM   899 N N   . VAL A 1 165 ? -0.92863  -14.31713 5.64383   1.000 31.97000 ? 165 VAL A N   1 
ATOM   900 C CA  . VAL A 1 165 ? -2.19573  -15.01620 5.81008   1.000 36.81000 ? 165 VAL A CA  1 
ATOM   901 C C   . VAL A 1 165 ? -3.29751  -13.99037 6.03350   1.000 41.19000 ? 165 VAL A C   1 
ATOM   902 O O   . VAL A 1 165 ? -3.13196  -13.04804 6.81837   1.000 34.44000 ? 165 VAL A O   1 
ATOM   903 C CB  . VAL A 1 165 ? -2.12299  -16.01173 6.97877   1.000 30.42000 ? 165 VAL A CB  1 
ATOM   904 C CG1 . VAL A 1 165 ? -3.46886  -16.68410 7.19239   1.000 37.12000 ? 165 VAL A CG1 1 
ATOM   905 C CG2 . VAL A 1 165 ? -1.03883  -17.04613 6.72348   1.000 30.11000 ? 165 VAL A CG2 1 
ATOM   906 N N   . LYS A 1 166 ? -4.41687  -14.16881 5.34019   1.000 45.13000 ? 166 LYS A N   1 
ATOM   907 C CA  . LYS A 1 166 ? -5.56195  -13.29460 5.53535   1.000 37.83000 ? 166 LYS A CA  1 
ATOM   908 C C   . LYS A 1 166 ? -6.09310  -13.45060 6.95714   1.000 41.31000 ? 166 LYS A C   1 
ATOM   909 O O   . LYS A 1 166 ? -6.32928  -14.58220 7.40395   1.000 42.30000 ? 166 LYS A O   1 
ATOM   910 C CB  . LYS A 1 166 ? -6.66562  -13.61558 4.53084   1.000 27.29000 ? 166 LYS A CB  1 
ATOM   911 C CG  . LYS A 1 166 ? -7.91526  -12.76745 4.70656   1.000 38.83000 ? 166 LYS A CG  1 
ATOM   912 C CD  . LYS A 1 166 ? -9.07836  -13.31540 3.89703   1.000 31.35000 ? 166 LYS A CD  1 
ATOM   913 C CE  . LYS A 1 166 ? -10.28918 -12.39591 3.96937   1.000 51.33000 ? 166 LYS A CE  1 
ATOM   914 N NZ  . LYS A 1 166 ? -10.22112 -11.30055 2.95684   1.000 49.01000 ? 166 LYS A NZ  1 
ATOM   915 N N   . PRO A 1 167 ? -6.29133  -12.35247 7.69907   1.000 47.50000 ? 167 PRO A N   1 
ATOM   916 C CA  . PRO A 1 167 ? -6.82656  -12.42660 9.06259   1.000 48.02000 ? 167 PRO A CA  1 
ATOM   917 C C   . PRO A 1 167 ? -8.30110  -12.82196 9.08105   1.000 34.00000 ? 167 PRO A C   1 
ATOM   918 O O   . PRO A 1 167 ? -8.72857  -13.52256 9.99827   1.000 48.02000 ? 167 PRO A O   1 
ATOM   919 C CB  . PRO A 1 167 ? -6.63400  -11.00239 9.59175   1.000 29.24000 ? 167 PRO A CB  1 
ATOM   920 C CG  . PRO A 1 167 ? -6.66038  -10.15277 8.36918   1.000 41.41000 ? 167 PRO A CG  1 
ATOM   921 C CD  . PRO A 1 167 ? -5.99469  -10.96653 7.29783   1.000 43.64000 ? 167 PRO A CD  1 
HETATM 922 C C11 . BTN B 2 .   ? -11.86283 5.67843   -1.40686  1.000 28.80000 ? 201 BTN A C11 1 
HETATM 923 O O11 . BTN B 2 .   ? -12.78702 5.39634   -0.61292  1.000 32.20000 ? 201 BTN A O11 1 
HETATM 924 O O12 . BTN B 2 .   ? -11.58265 6.87962   -1.60304  1.000 25.08000 ? 201 BTN A O12 1 
HETATM 925 C C10 . BTN B 2 .   ? -11.10181 4.58520   -2.12040  1.000 26.75000 ? 201 BTN A C10 1 
HETATM 926 C C9  . BTN B 2 .   ? -10.84040 3.42281   -1.16725  1.000 28.06000 ? 201 BTN A C9  1 
HETATM 927 C C8  . BTN B 2 .   ? -9.85332  3.81732   -0.07360  1.000 25.20000 ? 201 BTN A C8  1 
HETATM 928 C C7  . BTN B 2 .   ? -9.44257  2.61742   0.77536   1.000 33.91000 ? 201 BTN A C7  1 
HETATM 929 C C2  . BTN B 2 .   ? -8.44792  3.04554   1.85398   1.000 27.79000 ? 201 BTN A C2  1 
HETATM 930 S S1  . BTN B 2 .   ? -6.95352  3.37172   1.17984   1.000 24.46000 ? 201 BTN A S1  1 
HETATM 931 C C6  . BTN B 2 .   ? -6.16187  3.19070   2.80035   1.000 16.08000 ? 201 BTN A C6  1 
HETATM 932 C C5  . BTN B 2 .   ? -6.96219  2.23354   3.65653   1.000 22.28000 ? 201 BTN A C5  1 
HETATM 933 N N1  . BTN B 2 .   ? -6.35366  0.92312   3.62520   1.000 25.64000 ? 201 BTN A N1  1 
HETATM 934 C C3  . BTN B 2 .   ? -7.06119  0.08391   2.88247   1.000 26.20000 ? 201 BTN A C3  1 
HETATM 935 O O3  . BTN B 2 .   ? -6.65964  -1.22995  2.57103   1.000 24.29000 ? 201 BTN A O3  1 
HETATM 936 N N2  . BTN B 2 .   ? -8.18664  0.65995   2.47195   1.000 23.19000 ? 201 BTN A N2  1 
HETATM 937 C C4  . BTN B 2 .   ? -8.29536  2.01557   2.96783   1.000 18.29000 ? 201 BTN A C4  1 
HETATM 938 O O   . HOH C 3 .   ? -9.28853  -15.52935 10.73162  1.000 43.51000 ? 301 HOH A O   1 
HETATM 939 O O   . HOH C 3 .   ? -4.36547  -1.68608  12.27304  1.000 49.80000 ? 302 HOH A O   1 
HETATM 940 O O   . HOH C 3 .   ? -6.94093  -13.16155 -2.54442  1.000 44.84000 ? 303 HOH A O   1 
HETATM 941 O O   . HOH C 3 .   ? 17.65564  -0.27482  7.33785   1.000 39.29000 ? 304 HOH A O   1 
HETATM 942 O O   . HOH C 3 .   ? -2.49802  15.83053  1.86791   1.000 26.87000 ? 305 HOH A O   1 
HETATM 943 O O   . HOH C 3 .   ? -4.79026  18.72684  0.29721   1.000 32.97000 ? 306 HOH A O   1 
HETATM 944 O O   . HOH C 3 .   ? -13.19983 -5.37271  -5.24915  1.000 34.21000 ? 307 HOH A O   1 
HETATM 945 O O   . HOH C 3 .   ? 16.65250  0.80082   -2.85984  1.000 27.87000 ? 308 HOH A O   1 
HETATM 946 O O   . HOH C 3 .   ? -12.58863 3.63973   -6.82433  1.000 28.50000 ? 309 HOH A O   1 
HETATM 947 O O   . HOH C 3 .   ? -3.63207  -12.76028 -5.03586  1.000 42.77000 ? 310 HOH A O   1 
HETATM 948 O O   . HOH C 3 .   ? 15.65498  -5.05872  0.54796   1.000 43.02000 ? 311 HOH A O   1 
HETATM 949 O O   . HOH C 3 .   ? -10.76147 -2.52151  -4.60915  1.000 24.86000 ? 312 HOH A O   1 
HETATM 950 O O   . HOH C 3 .   ? 15.07614  -6.25116  6.82448   1.000 26.57000 ? 313 HOH A O   1 
HETATM 951 O O   . HOH C 3 .   ? 22.71595  -1.97292  11.38954  1.000 35.14000 ? 314 HOH A O   1 
HETATM 952 O O   . HOH C 3 .   ? 1.49780   -14.80686 -3.02927  1.000 31.05000 ? 315 HOH A O   1 
HETATM 953 O O   . HOH C 3 .   ? 2.96498   -13.17066 7.37004   1.000 31.23000 ? 316 HOH A O   1 
HETATM 954 O O   . HOH C 3 .   ? 1.41008   -5.70758  -12.31648 1.000 34.18000 ? 317 HOH A O   1 
HETATM 955 O O   . HOH C 3 .   ? -10.48500 -7.86270  -0.33626  1.000 41.85000 ? 318 HOH A O   1 
HETATM 956 O O   . HOH C 3 .   ? -16.66737 -1.00712  -0.05533  1.000 38.35000 ? 319 HOH A O   1 
HETATM 957 O O   . HOH C 3 .   ? 15.26177  0.45679   5.07188   1.000 26.81000 ? 320 HOH A O   1 
HETATM 958 O O   . HOH C 3 .   ? -8.04041  22.58586  -4.99797  1.000 46.56000 ? 321 HOH A O   1 
HETATM 959 O O   . HOH C 3 .   ? 13.72414  -7.71302  8.17395   1.000 32.64000 ? 322 HOH A O   1 
HETATM 960 O O   . HOH C 3 .   ? -6.72877  -8.68423  -5.69021  1.000 35.55000 ? 323 HOH A O   1 
HETATM 961 O O   . HOH C 3 .   ? 1.72645   0.06950   11.46092  1.000 22.77000 ? 324 HOH A O   1 
HETATM 962 O O   . HOH C 3 .   ? -14.06737 19.76261  -2.65748  1.000 27.67000 ? 325 HOH A O   1 
HETATM 963 O O   . HOH C 3 .   ? 7.94913   -11.21237 -11.34543 1.000 48.55000 ? 326 HOH A O   1 
HETATM 964 O O   . HOH C 3 .   ? -11.65672 -13.46954 10.32254  1.000 47.77000 ? 327 HOH A O   1 
HETATM 965 O O   . HOH C 3 .   ? -5.23962  -16.35461 3.51690   1.000 38.60000 ? 328 HOH A O   1 
HETATM 966 O O   . HOH C 3 .   ? -13.24554 14.95462  -6.31162  1.000 29.90000 ? 329 HOH A O   1 
HETATM 967 O O   . HOH C 3 .   ? -5.43605  16.19461  -1.29631  1.000 27.29000 ? 330 HOH A O   1 
HETATM 968 O O   . HOH C 3 .   ? -6.41701  -2.30268  -12.53562 1.000 49.53000 ? 331 HOH A O   1 
HETATM 969 O O   . HOH C 3 .   ? -3.59583  -13.02012 9.85386   1.000 37.30000 ? 332 HOH A O   1 
HETATM 970 O O   . HOH C 3 .   ? -9.00706  24.70622  2.90457   1.000 26.29000 ? 333 HOH A O   1 
HETATM 971 O O   . HOH C 3 .   ? -17.50580 11.12019  -9.80660  1.000 38.20000 ? 334 HOH A O   1 
HETATM 972 O O   . HOH C 3 .   ? 21.62726  -5.51927  2.82490   1.000 36.60000 ? 335 HOH A O   1 
HETATM 973 O O   . HOH C 3 .   ? -5.22778  -7.19495  -5.46631  1.000 32.51000 ? 336 HOH A O   1 
HETATM 974 O O   . HOH C 3 .   ? -7.98856  -0.14107  10.10328  1.000 30.48000 ? 337 HOH A O   1 
HETATM 975 O O   . HOH C 3 .   ? -7.97686  8.57138   -8.81314  1.000 36.97000 ? 338 HOH A O   1 
HETATM 976 O O   . HOH C 3 .   ? 8.31856   1.26644   -9.80675  1.000 26.60000 ? 339 HOH A O   1 
HETATM 977 O O   . HOH C 3 .   ? -16.93541 23.39166  -2.43822  1.000 42.01000 ? 340 HOH A O   1 
HETATM 978 O O   . HOH C 3 .   ? 9.83239   2.25686   -9.66912  1.000 33.92000 ? 341 HOH A O   1 
HETATM 979 O O   . HOH C 3 .   ? 4.89625   2.11612   10.42171  1.000 31.85000 ? 342 HOH A O   1 
HETATM 980 O O   . HOH C 3 .   ? 21.59015  -9.08021  12.12700  1.000 28.92000 ? 343 HOH A O   1 
HETATM 981 O O   . HOH C 3 .   ? 13.59364  -7.09568  10.89197  1.000 30.63000 ? 344 HOH A O   1 
HETATM 982 O O   . HOH C 3 .   ? -8.97769  -6.32323  -12.23775 1.000 37.32000 ? 345 HOH A O   1 
HETATM 983 O O   . HOH C 3 .   ? -5.03864  -3.62050  -12.03195 1.000 35.50000 ? 346 HOH A O   1 
HETATM 984 O O   . HOH C 3 .   ? -6.81185  -17.49669 -2.27655  1.000 39.80000 ? 347 HOH A O   1 
HETATM 985 O O   . HOH C 3 .   ? -13.15127 -12.19611 9.76082   1.000 53.91000 ? 348 HOH A O   1 
HETATM 986 O O   . HOH C 3 .   ? -3.81427  -12.01026 11.92029  1.000 40.47000 ? 349 HOH A O   1 
# 
loop_
_pdbx_poly_seq_scheme.asym_id 
_pdbx_poly_seq_scheme.entity_id 
_pdbx_poly_seq_scheme.seq_id 
_pdbx_poly_seq_scheme.mon_id 
_pdbx_poly_seq_scheme.ndb_seq_num 
_pdbx_poly_seq_scheme.pdb_seq_num 
_pdbx_poly_seq_scheme.auth_seq_num 
_pdbx_poly_seq_scheme.pdb_mon_id 
_pdbx_poly_seq_scheme.auth_mon_id 
_pdbx_poly_seq_scheme.pdb_strand_id 
_pdbx_poly_seq_scheme.pdb_ins_code 
_pdbx_poly_seq_scheme.hetero 
A 1 1   MET 1   1   ?   ?   ?   A . n 
A 1 2   THR 2   2   ?   ?   ?   A . n 
A 1 3   ARG 3   3   ?   ?   ?   A . n 
A 1 4   VAL 4   4   ?   ?   ?   A . n 
A 1 5   ARG 5   5   ?   ?   ?   A . n 
A 1 6   GLN 6   6   ?   ?   ?   A . n 
A 1 7   ALA 7   7   ?   ?   ?   A . n 
A 1 8   LEU 8   8   ?   ?   ?   A . n 
A 1 9   VAL 9   9   ?   ?   ?   A . n 
A 1 10  ALA 10  10  ?   ?   ?   A . n 
A 1 11  LEU 11  11  ?   ?   ?   A . n 
A 1 12  CYS 12  12  ?   ?   ?   A . n 
A 1 13  ALA 13  13  ?   ?   ?   A . n 
A 1 14  LEU 14  14  ?   ?   ?   A . n 
A 1 15  SER 15  15  ?   ?   ?   A . n 
A 1 16  LEU 16  16  ?   ?   ?   A . n 
A 1 17  THR 17  17  ?   ?   ?   A . n 
A 1 18  PHE 18  18  ?   ?   ?   A . n 
A 1 19  VAL 19  19  ?   ?   ?   A . n 
A 1 20  THR 20  20  ?   ?   ?   A . n 
A 1 21  VAL 21  21  ?   ?   ?   A . n 
A 1 22  SER 22  22  ?   ?   ?   A . n 
A 1 23  ALA 23  23  ?   ?   ?   A . n 
A 1 24  SER 24  24  ?   ?   ?   A . n 
A 1 25  ALA 25  25  ?   ?   ?   A . n 
A 1 26  SER 26  26  ?   ?   ?   A . n 
A 1 27  ALA 27  27  ?   ?   ?   A . n 
A 1 28  ASP 28  28  ?   ?   ?   A . n 
A 1 29  PRO 29  29  ?   ?   ?   A . n 
A 1 30  ARG 30  30  ?   ?   ?   A . n 
A 1 31  GLU 31  31  ?   ?   ?   A . n 
A 1 32  THR 32  32  ?   ?   ?   A . n 
A 1 33  VAL 33  33  ?   ?   ?   A . n 
A 1 34  SER 34  34  ?   ?   ?   A . n 
A 1 35  ALA 35  35  ?   ?   ?   A . n 
A 1 36  ASP 36  36  ?   ?   ?   A . n 
A 1 37  ALA 37  37  ?   ?   ?   A . n 
A 1 38  ALA 38  38  ?   ?   ?   A . n 
A 1 39  GLU 39  39  ?   ?   ?   A . n 
A 1 40  THR 40  40  ?   ?   ?   A . n 
A 1 41  GLY 41  41  ?   ?   ?   A . n 
A 1 42  SER 42  42  ?   ?   ?   A . n 
A 1 43  ALA 43  43  ?   ?   ?   A . n 
A 1 44  THR 44  44  ?   ?   ?   A . n 
A 1 45  GLU 45  45  ?   ?   ?   A . n 
A 1 46  SER 46  46  ?   ?   ?   A . n 
A 1 47  ARG 47  47  ?   ?   ?   A . n 
A 1 48  PRO 48  48  48  PRO PRO A . n 
A 1 49  GLY 49  49  49  GLY GLY A . n 
A 1 50  ILE 50  50  50  ILE ILE A . n 
A 1 51  LEU 51  51  51  LEU LEU A . n 
A 1 52  GLY 52  52  52  GLY GLY A . n 
A 1 53  THR 53  53  53  THR THR A . n 
A 1 54  TRP 54  54  54  TRP TRP A . n 
A 1 55  TYR 55  55  55  TYR TYR A . n 
A 1 56  ASN 56  56  56  ASN ASN A . n 
A 1 57  GLN 57  57  57  GLN GLN A . n 
A 1 58  LEU 58  58  58  LEU LEU A . n 
A 1 59  GLY 59  59  59  GLY GLY A . n 
A 1 60  SER 60  60  60  SER SER A . n 
A 1 61  VAL 61  61  61  VAL VAL A . n 
A 1 62  MET 62  62  62  MET MET A . n 
A 1 63  VAL 63  63  63  VAL VAL A . n 
A 1 64  VAL 64  64  64  VAL VAL A . n 
A 1 65  THR 65  65  65  THR THR A . n 
A 1 66  ARG 66  66  66  ARG ARG A . n 
A 1 67  ALA 67  67  67  ALA ALA A . n 
A 1 68  ALA 68  68  68  ALA ALA A . n 
A 1 69  ASN 69  69  69  ASN ASN A . n 
A 1 70  GLY 70  70  70  GLY GLY A . n 
A 1 71  GLY 71  71  71  GLY GLY A . n 
A 1 72  PHE 72  72  72  PHE PHE A . n 
A 1 73  VAL 73  73  73  VAL VAL A . n 
A 1 74  GLY 74  74  74  GLY GLY A . n 
A 1 75  THR 75  75  75  THR THR A . n 
A 1 76  TYR 76  76  76  TYR TYR A . n 
A 1 77  GLU 77  77  77  GLU GLU A . n 
A 1 78  SER 78  78  78  SER SER A . n 
A 1 79  ALA 79  79  79  ALA ALA A . n 
A 1 80  VAL 80  80  80  VAL VAL A . n 
A 1 81  GLY 81  81  81  GLY GLY A . n 
A 1 82  ASN 82  82  82  ASN ASN A . n 
A 1 83  ALA 83  83  83  ALA ALA A . n 
A 1 84  GLU 84  84  84  GLU GLU A . n 
A 1 85  LYS 85  85  85  LYS LYS A . n 
A 1 86  ARG 86  86  86  ARG ARG A . n 
A 1 87  TYR 87  87  87  TYR TYR A . n 
A 1 88  VAL 88  88  88  VAL VAL A . n 
A 1 89  MET 89  89  89  MET MET A . n 
A 1 90  THR 90  90  90  THR THR A . n 
A 1 91  GLY 91  91  91  GLY GLY A . n 
A 1 92  ARG 92  92  92  ARG ARG A . n 
A 1 93  TYR 93  93  93  TYR TYR A . n 
A 1 94  ASP 94  94  94  ASP ASP A . n 
A 1 95  SER 95  95  95  SER SER A . n 
A 1 96  ALA 96  96  96  ALA ALA A . n 
A 1 97  PRO 97  97  97  PRO PRO A . n 
A 1 98  ALA 98  98  98  ALA ALA A . n 
A 1 99  ASP 99  99  99  ASP ASP A . n 
A 1 100 GLY 100 100 100 GLY GLY A . n 
A 1 101 THR 101 101 101 THR THR A . n 
A 1 102 GLY 102 102 102 GLY GLY A . n 
A 1 103 THR 103 103 103 THR THR A . n 
A 1 104 ALA 104 104 104 ALA ALA A . n 
A 1 105 VAL 105 105 105 VAL VAL A . n 
A 1 106 GLY 106 106 106 GLY GLY A . n 
A 1 107 TRP 107 107 107 TRP TRP A . n 
A 1 108 THR 108 108 108 THR THR A . n 
A 1 109 VAL 109 109 109 VAL VAL A . n 
A 1 110 ALA 110 110 110 ALA ALA A . n 
A 1 111 TYR 111 111 111 TYR TYR A . n 
A 1 112 ARG 112 112 112 ARG ARG A . n 
A 1 113 ASN 113 113 113 ASN ASN A . n 
A 1 114 ALA 114 114 114 ALA ALA A . n 
A 1 115 HIS 115 115 115 HIS HIS A . n 
A 1 116 ARG 116 116 116 ARG ARG A . n 
A 1 117 ASN 117 117 117 ASN ASN A . n 
A 1 118 ALA 118 118 118 ALA ALA A . n 
A 1 119 HIS 119 119 119 HIS HIS A . n 
A 1 120 SER 120 120 120 SER SER A . n 
A 1 121 VAL 121 121 121 VAL VAL A . n 
A 1 122 ALA 122 122 122 ALA ALA A . n 
A 1 123 THR 123 123 123 THR THR A . n 
A 1 124 TRP 124 124 124 TRP TRP A . n 
A 1 125 SER 125 125 125 SER SER A . n 
A 1 126 GLY 126 126 126 GLY GLY A . n 
A 1 127 GLN 127 127 127 GLN GLN A . n 
A 1 128 TYR 128 128 128 TYR TYR A . n 
A 1 129 VAL 129 129 129 VAL VAL A . n 
A 1 130 GLY 130 130 130 GLY GLY A . n 
A 1 131 GLY 131 131 131 GLY GLY A . n 
A 1 132 SER 132 132 132 SER SER A . n 
A 1 133 GLN 133 133 133 GLN GLN A . n 
A 1 134 GLU 134 134 134 GLU GLU A . n 
A 1 135 ARG 135 135 135 ARG ARG A . n 
A 1 136 ILE 136 136 136 ILE ILE A . n 
A 1 137 VAL 137 137 137 VAL VAL A . n 
A 1 138 THR 138 138 138 THR THR A . n 
A 1 139 GLN 139 139 139 GLN GLN A . n 
A 1 140 TRP 140 140 140 TRP TRP A . n 
A 1 141 LEU 141 141 141 LEU LEU A . n 
A 1 142 LEU 142 142 142 LEU LEU A . n 
A 1 143 SER 143 143 143 SER SER A . n 
A 1 144 TYR 144 144 144 TYR TYR A . n 
A 1 145 GLY 145 145 145 GLY GLY A . n 
A 1 146 THR 146 146 146 THR THR A . n 
A 1 147 THR 147 147 147 THR THR A . n 
A 1 148 PRO 148 148 148 PRO PRO A . n 
A 1 149 ALA 149 149 149 ALA ALA A . n 
A 1 150 ASP 150 150 150 ASP ASP A . n 
A 1 151 GLN 151 151 151 GLN GLN A . n 
A 1 152 TRP 152 152 152 TRP TRP A . n 
A 1 153 LYS 153 153 153 LYS LYS A . n 
A 1 154 SER 154 154 154 SER SER A . n 
A 1 155 THR 155 155 155 THR THR A . n 
A 1 156 PHE 156 156 156 PHE PHE A . n 
A 1 157 LEU 157 157 157 LEU LEU A . n 
A 1 158 GLY 158 158 158 GLY GLY A . n 
A 1 159 HIS 159 159 159 HIS HIS A . n 
A 1 160 ASP 160 160 160 ASP ASP A . n 
A 1 161 GLU 161 161 161 GLU GLU A . n 
A 1 162 PHE 162 162 162 PHE PHE A . n 
A 1 163 THR 163 163 163 THR THR A . n 
A 1 164 ARG 164 164 164 ARG ARG A . n 
A 1 165 VAL 165 165 165 VAL VAL A . n 
A 1 166 LYS 166 166 166 LYS LYS A . n 
A 1 167 PRO 167 167 167 PRO PRO A . n 
A 1 168 SER 168 168 ?   ?   ?   A . n 
A 1 169 ALA 169 169 ?   ?   ?   A . n 
A 1 170 ALA 170 170 ?   ?   ?   A . n 
A 1 171 ASP 171 171 ?   ?   ?   A . n 
A 1 172 VAL 172 172 ?   ?   ?   A . n 
A 1 173 GLU 173 173 ?   ?   ?   A . n 
A 1 174 LYS 174 174 ?   ?   ?   A . n 
A 1 175 ALA 175 175 ?   ?   ?   A . n 
A 1 176 ARG 176 176 ?   ?   ?   A . n 
A 1 177 GLN 177 177 ?   ?   ?   A . n 
A 1 178 LEU 178 178 ?   ?   ?   A . n 
A 1 179 GLY 179 179 ?   ?   ?   A . n 
A 1 180 VAL 180 180 ?   ?   ?   A . n 
A 1 181 THR 181 181 ?   ?   ?   A . n 
A 1 182 SER 182 182 ?   ?   ?   A . n 
A 1 183 ALA 183 183 ?   ?   ?   A . n 
A 1 184 ASN 184 184 ?   ?   ?   A . n 
A 1 185 PRO 185 185 ?   ?   ?   A . n 
A 1 186 PRO 186 186 ?   ?   ?   A . n 
A 1 187 ALA 187 187 ?   ?   ?   A . n 
A 1 188 SER 188 188 ?   ?   ?   A . n 
A 1 189 ASP 189 189 ?   ?   ?   A . n 
A 1 190 GLY 190 190 ?   ?   ?   A . n 
A 1 191 GLU 191 191 ?   ?   ?   A . n 
# 
loop_
_pdbx_nonpoly_scheme.asym_id 
_pdbx_nonpoly_scheme.entity_id 
_pdbx_nonpoly_scheme.mon_id 
_pdbx_nonpoly_scheme.ndb_seq_num 
_pdbx_nonpoly_scheme.pdb_seq_num 
_pdbx_nonpoly_scheme.auth_seq_num 
_pdbx_nonpoly_scheme.pdb_mon_id 
_pdbx_nonpoly_scheme.auth_mon_id 
_pdbx_nonpoly_scheme.pdb_strand_id 
_pdbx_nonpoly_scheme.pdb_ins_code 
B 2 BTN 1  201 1  BTN BTN A . 
C 3 HOH 1  301 33 HOH HOH A . 
C 3 HOH 2  302 41 HOH HOH A . 
C 3 HOH 3  303 38 HOH HOH A . 
C 3 HOH 4  304 23 HOH HOH A . 
C 3 HOH 5  305 6  HOH HOH A . 
C 3 HOH 6  306 13 HOH HOH A . 
C 3 HOH 7  307 7  HOH HOH A . 
C 3 HOH 8  308 1  HOH HOH A . 
C 3 HOH 9  309 3  HOH HOH A . 
C 3 HOH 10 310 20 HOH HOH A . 
C 3 HOH 11 311 19 HOH HOH A . 
C 3 HOH 12 312 12 HOH HOH A . 
C 3 HOH 13 313 14 HOH HOH A . 
C 3 HOH 14 314 15 HOH HOH A . 
C 3 HOH 15 315 5  HOH HOH A . 
C 3 HOH 16 316 10 HOH HOH A . 
C 3 HOH 17 317 17 HOH HOH A . 
C 3 HOH 18 318 48 HOH HOH A . 
C 3 HOH 19 319 21 HOH HOH A . 
C 3 HOH 20 320 4  HOH HOH A . 
C 3 HOH 21 321 27 HOH HOH A . 
C 3 HOH 22 322 22 HOH HOH A . 
C 3 HOH 23 323 8  HOH HOH A . 
C 3 HOH 24 324 2  HOH HOH A . 
C 3 HOH 25 325 30 HOH HOH A . 
C 3 HOH 26 326 28 HOH HOH A . 
C 3 HOH 27 327 32 HOH HOH A . 
C 3 HOH 28 328 18 HOH HOH A . 
C 3 HOH 29 329 11 HOH HOH A . 
C 3 HOH 30 330 31 HOH HOH A . 
C 3 HOH 31 331 43 HOH HOH A . 
C 3 HOH 32 332 40 HOH HOH A . 
C 3 HOH 33 333 26 HOH HOH A . 
C 3 HOH 34 334 49 HOH HOH A . 
C 3 HOH 35 335 42 HOH HOH A . 
C 3 HOH 36 336 16 HOH HOH A . 
C 3 HOH 37 337 39 HOH HOH A . 
C 3 HOH 38 338 9  HOH HOH A . 
C 3 HOH 39 339 44 HOH HOH A . 
C 3 HOH 40 340 34 HOH HOH A . 
C 3 HOH 41 341 46 HOH HOH A . 
C 3 HOH 42 342 29 HOH HOH A . 
C 3 HOH 43 343 36 HOH HOH A . 
C 3 HOH 44 344 37 HOH HOH A . 
C 3 HOH 45 345 35 HOH HOH A . 
C 3 HOH 46 346 25 HOH HOH A . 
C 3 HOH 47 347 24 HOH HOH A . 
C 3 HOH 48 348 45 HOH HOH A . 
C 3 HOH 49 349 47 HOH HOH A . 
# 
_pdbx_struct_assembly.id                   1 
_pdbx_struct_assembly.details              author_and_software_defined_assembly 
_pdbx_struct_assembly.method_details       PISA 
_pdbx_struct_assembly.oligomeric_details   tetrameric 
_pdbx_struct_assembly.oligomeric_count     4 
# 
_pdbx_struct_assembly_gen.assembly_id       1 
_pdbx_struct_assembly_gen.oper_expression   1,2,3,4 
_pdbx_struct_assembly_gen.asym_id_list      A,B,C 
# 
loop_
_pdbx_struct_assembly_prop.biol_id 
_pdbx_struct_assembly_prop.type 
_pdbx_struct_assembly_prop.value 
_pdbx_struct_assembly_prop.details 
1 'ABSA (A^2)' 9540  ? 
1 MORE         -49   ? 
1 'SSA (A^2)'  19140 ? 
# 
loop_
_pdbx_struct_oper_list.id 
_pdbx_struct_oper_list.type 
_pdbx_struct_oper_list.name 
_pdbx_struct_oper_list.symmetry_operation 
_pdbx_struct_oper_list.matrix[1][1] 
_pdbx_struct_oper_list.matrix[1][2] 
_pdbx_struct_oper_list.matrix[1][3] 
_pdbx_struct_oper_list.vector[1] 
_pdbx_struct_oper_list.matrix[2][1] 
_pdbx_struct_oper_list.matrix[2][2] 
_pdbx_struct_oper_list.matrix[2][3] 
_pdbx_struct_oper_list.vector[2] 
_pdbx_struct_oper_list.matrix[3][1] 
_pdbx_struct_oper_list.matrix[3][2] 
_pdbx_struct_oper_list.matrix[3][3] 
_pdbx_struct_oper_list.vector[3] 
1 'identity operation'         1_555 x,y,z       1.0000000000  0.0000000000  0.0000000000  0.0000000000  0.0000000000  1.0000000000  0.0000000000  0.0000000000  0.0000000000  0.0000000000  1.0000000000  0.0000000000  
2 'crystal symmetry operation' 2_645 -x+1,-y-1,z 0.8261534624  -0.0462685337 0.5615422329  -4.9952833585 -0.0462685337 -0.9988277123 -0.0142275752 24.1578932424 0.5615422329  -0.0142275752 -0.8273257501 18.2353235424 
3 'crystal symmetry operation' 7_645 y+1,x-1,-z  -0.9629338139 0.2505580613  -0.0998955852 -1.9718994448 0.2505580613  0.6937092457  -0.6752689393 10.3544873130 -0.0998955852 -0.6752689393 -0.7307754318 25.2394484677 
4 'crystal symmetry operation' 8_555 -y,-x,-z    -0.8632196485 -0.2042895276 -0.4616466476 7.0695543909  -0.2042895276 -0.6948815334 0.6894965145  13.5476851120 -0.4616466476 0.6894965145  0.5581011819  -3.9005461581 
# 
loop_
_pdbx_audit_revision_history.ordinal 
_pdbx_audit_revision_history.data_content_type 
_pdbx_audit_revision_history.major_revision 
_pdbx_audit_revision_history.minor_revision 
_pdbx_audit_revision_history.revision_date 
1 'Structure model' 1 0 2021-07-14 
2 'Structure model' 1 1 2021-07-21 
3 'Structure model' 1 2 2023-11-29 
# 
_pdbx_audit_revision_details.ordinal             1 
_pdbx_audit_revision_details.revision_ordinal    1 
_pdbx_audit_revision_details.data_content_type   'Structure model' 
_pdbx_audit_revision_details.provider            repository 
_pdbx_audit_revision_details.type                'Initial release' 
_pdbx_audit_revision_details.description         ? 
_pdbx_audit_revision_details.details             ? 
# 
loop_
_pdbx_audit_revision_group.ordinal 
_pdbx_audit_revision_group.revision_ordinal 
_pdbx_audit_revision_group.data_content_type 
_pdbx_audit_revision_group.group 
1 2 'Structure model' 'Derived calculations'   
2 3 'Structure model' 'Data collection'        
3 3 'Structure model' 'Database references'    
4 3 'Structure model' 'Refinement description' 
# 
loop_
_pdbx_audit_revision_category.ordinal 
_pdbx_audit_revision_category.revision_ordinal 
_pdbx_audit_revision_category.data_content_type 
_pdbx_audit_revision_category.category 
1 2 'Structure model' pdbx_struct_assembly          
2 2 'Structure model' pdbx_struct_assembly_gen      
3 2 'Structure model' pdbx_struct_assembly_prop     
4 2 'Structure model' pdbx_struct_oper_list         
5 3 'Structure model' chem_comp_atom                
6 3 'Structure model' chem_comp_bond                
7 3 'Structure model' database_2                    
8 3 'Structure model' pdbx_initial_refinement_model 
# 
loop_
_pdbx_audit_revision_item.ordinal 
_pdbx_audit_revision_item.revision_ordinal 
_pdbx_audit_revision_item.data_content_type 
_pdbx_audit_revision_item.item 
1 2 'Structure model' '_pdbx_struct_assembly.details'             
2 2 'Structure model' '_pdbx_struct_assembly.method_details'      
3 2 'Structure model' '_pdbx_struct_assembly.oligomeric_count'    
4 2 'Structure model' '_pdbx_struct_assembly.oligomeric_details'  
5 2 'Structure model' '_pdbx_struct_assembly_gen.oper_expression' 
6 3 'Structure model' '_database_2.pdbx_DOI'                      
7 3 'Structure model' '_database_2.pdbx_database_accession'       
# 
loop_
_space_group_symop.id 
_space_group_symop.operation_xyz 
1 x,y,z               
2 -y+1/2,x+1/2,z+1/2  
3 y+1/2,-x+1/2,z+1/2  
4 x+1/2,-y+1/2,-z+1/2 
5 -x+1/2,y+1/2,-z+1/2 
6 -x,-y,z             
7 y,x,-z              
8 -y,-x,-z            
# 
loop_
_software.citation_id 
_software.classification 
_software.compiler_name 
_software.compiler_version 
_software.contact_author 
_software.contact_author_email 
_software.date 
_software.description 
_software.dependencies 
_software.hardware 
_software.language 
_software.location 
_software.mods 
_software.name 
_software.os 
_software.os_version 
_software.type 
_software.version 
_software.pdbx_ordinal 
? refinement       ? ? ? ? ? ? ? ? ? ? ? PHENIX ? ? ? 1.18.2-3874 1 
? 'data reduction' ? ? ? ? ? ? ? ? ? ? ? DIALS  ? ? ? .           2 
? 'data scaling'   ? ? ? ? ? ? ? ? ? ? ? DIALS  ? ? ? .           3 
? phasing          ? ? ? ? ? ? ? ? ? ? ? PHASER ? ? ? .           4 
# 
_pdbx_entry_details.entry_id                 7CPZ 
_pdbx_entry_details.has_ligand_of_interest   Y 
_pdbx_entry_details.compound_details         ? 
_pdbx_entry_details.source_details           ? 
_pdbx_entry_details.nonpolymer_details       ? 
_pdbx_entry_details.sequence_details         ? 
# 
loop_
_pdbx_validate_close_contact.id 
_pdbx_validate_close_contact.PDB_model_num 
_pdbx_validate_close_contact.auth_atom_id_1 
_pdbx_validate_close_contact.auth_asym_id_1 
_pdbx_validate_close_contact.auth_comp_id_1 
_pdbx_validate_close_contact.auth_seq_id_1 
_pdbx_validate_close_contact.PDB_ins_code_1 
_pdbx_validate_close_contact.label_alt_id_1 
_pdbx_validate_close_contact.auth_atom_id_2 
_pdbx_validate_close_contact.auth_asym_id_2 
_pdbx_validate_close_contact.auth_comp_id_2 
_pdbx_validate_close_contact.auth_seq_id_2 
_pdbx_validate_close_contact.PDB_ins_code_2 
_pdbx_validate_close_contact.label_alt_id_2 
_pdbx_validate_close_contact.dist 
1 1 O A HOH 339 ? ? O A HOH 341 ? ? 1.81 
2 1 O A HOH 331 ? ? O A HOH 346 ? ? 1.97 
3 1 O A HOH 327 ? ? O A HOH 348 ? ? 2.04 
4 1 O A HOH 323 ? ? O A HOH 336 ? ? 2.13 
# 
_pdbx_validate_torsion.id              1 
_pdbx_validate_torsion.PDB_model_num   1 
_pdbx_validate_torsion.auth_comp_id    LYS 
_pdbx_validate_torsion.auth_asym_id    A 
_pdbx_validate_torsion.auth_seq_id     85 
_pdbx_validate_torsion.PDB_ins_code    ? 
_pdbx_validate_torsion.label_alt_id    ? 
_pdbx_validate_torsion.phi             60.40 
_pdbx_validate_torsion.psi             -151.75 
# 
loop_
_pdbx_unobs_or_zero_occ_residues.id 
_pdbx_unobs_or_zero_occ_residues.PDB_model_num 
_pdbx_unobs_or_zero_occ_residues.polymer_flag 
_pdbx_unobs_or_zero_occ_residues.occupancy_flag 
_pdbx_unobs_or_zero_occ_residues.auth_asym_id 
_pdbx_unobs_or_zero_occ_residues.auth_comp_id 
_pdbx_unobs_or_zero_occ_residues.auth_seq_id 
_pdbx_unobs_or_zero_occ_residues.PDB_ins_code 
_pdbx_unobs_or_zero_occ_residues.label_asym_id 
_pdbx_unobs_or_zero_occ_residues.label_comp_id 
_pdbx_unobs_or_zero_occ_residues.label_seq_id 
1  1 Y 1 A MET 1   ? A MET 1   
2  1 Y 1 A THR 2   ? A THR 2   
3  1 Y 1 A ARG 3   ? A ARG 3   
4  1 Y 1 A VAL 4   ? A VAL 4   
5  1 Y 1 A ARG 5   ? A ARG 5   
6  1 Y 1 A GLN 6   ? A GLN 6   
7  1 Y 1 A ALA 7   ? A ALA 7   
8  1 Y 1 A LEU 8   ? A LEU 8   
9  1 Y 1 A VAL 9   ? A VAL 9   
10 1 Y 1 A ALA 10  ? A ALA 10  
11 1 Y 1 A LEU 11  ? A LEU 11  
12 1 Y 1 A CYS 12  ? A CYS 12  
13 1 Y 1 A ALA 13  ? A ALA 13  
14 1 Y 1 A LEU 14  ? A LEU 14  
15 1 Y 1 A SER 15  ? A SER 15  
16 1 Y 1 A LEU 16  ? A LEU 16  
17 1 Y 1 A THR 17  ? A THR 17  
18 1 Y 1 A PHE 18  ? A PHE 18  
19 1 Y 1 A VAL 19  ? A VAL 19  
20 1 Y 1 A THR 20  ? A THR 20  
21 1 Y 1 A VAL 21  ? A VAL 21  
22 1 Y 1 A SER 22  ? A SER 22  
23 1 Y 1 A ALA 23  ? A ALA 23  
24 1 Y 1 A SER 24  ? A SER 24  
25 1 Y 1 A ALA 25  ? A ALA 25  
26 1 Y 1 A SER 26  ? A SER 26  
27 1 Y 1 A ALA 27  ? A ALA 27  
28 1 Y 1 A ASP 28  ? A ASP 28  
29 1 Y 1 A PRO 29  ? A PRO 29  
30 1 Y 1 A ARG 30  ? A ARG 30  
31 1 Y 1 A GLU 31  ? A GLU 31  
32 1 Y 1 A THR 32  ? A THR 32  
33 1 Y 1 A VAL 33  ? A VAL 33  
34 1 Y 1 A SER 34  ? A SER 34  
35 1 Y 1 A ALA 35  ? A ALA 35  
36 1 Y 1 A ASP 36  ? A ASP 36  
37 1 Y 1 A ALA 37  ? A ALA 37  
38 1 Y 1 A ALA 38  ? A ALA 38  
39 1 Y 1 A GLU 39  ? A GLU 39  
40 1 Y 1 A THR 40  ? A THR 40  
41 1 Y 1 A GLY 41  ? A GLY 41  
42 1 Y 1 A SER 42  ? A SER 42  
43 1 Y 1 A ALA 43  ? A ALA 43  
44 1 Y 1 A THR 44  ? A THR 44  
45 1 Y 1 A GLU 45  ? A GLU 45  
46 1 Y 1 A SER 46  ? A SER 46  
47 1 Y 1 A ARG 47  ? A ARG 47  
48 1 Y 1 A SER 168 ? A SER 168 
49 1 Y 1 A ALA 169 ? A ALA 169 
50 1 Y 1 A ALA 170 ? A ALA 170 
51 1 Y 1 A ASP 171 ? A ASP 171 
52 1 Y 1 A VAL 172 ? A VAL 172 
53 1 Y 1 A GLU 173 ? A GLU 173 
54 1 Y 1 A LYS 174 ? A LYS 174 
55 1 Y 1 A ALA 175 ? A ALA 175 
56 1 Y 1 A ARG 176 ? A ARG 176 
57 1 Y 1 A GLN 177 ? A GLN 177 
58 1 Y 1 A LEU 178 ? A LEU 178 
59 1 Y 1 A GLY 179 ? A GLY 179 
60 1 Y 1 A VAL 180 ? A VAL 180 
61 1 Y 1 A THR 181 ? A THR 181 
62 1 Y 1 A SER 182 ? A SER 182 
63 1 Y 1 A ALA 183 ? A ALA 183 
64 1 Y 1 A ASN 184 ? A ASN 184 
65 1 Y 1 A PRO 185 ? A PRO 185 
66 1 Y 1 A PRO 186 ? A PRO 186 
67 1 Y 1 A ALA 187 ? A ALA 187 
68 1 Y 1 A SER 188 ? A SER 188 
69 1 Y 1 A ASP 189 ? A ASP 189 
70 1 Y 1 A GLY 190 ? A GLY 190 
71 1 Y 1 A GLU 191 ? A GLU 191 
# 
loop_
_chem_comp_atom.comp_id 
_chem_comp_atom.atom_id 
_chem_comp_atom.type_symbol 
_chem_comp_atom.pdbx_aromatic_flag 
_chem_comp_atom.pdbx_stereo_config 
_chem_comp_atom.pdbx_ordinal 
ALA N    N N N 1   
ALA CA   C N S 2   
ALA C    C N N 3   
ALA O    O N N 4   
ALA CB   C N N 5   
ALA OXT  O N N 6   
ALA H    H N N 7   
ALA H2   H N N 8   
ALA HA   H N N 9   
ALA HB1  H N N 10  
ALA HB2  H N N 11  
ALA HB3  H N N 12  
ALA HXT  H N N 13  
ARG N    N N N 14  
ARG CA   C N S 15  
ARG C    C N N 16  
ARG O    O N N 17  
ARG CB   C N N 18  
ARG CG   C N N 19  
ARG CD   C N N 20  
ARG NE   N N N 21  
ARG CZ   C N N 22  
ARG NH1  N N N 23  
ARG NH2  N N N 24  
ARG OXT  O N N 25  
ARG H    H N N 26  
ARG H2   H N N 27  
ARG HA   H N N 28  
ARG HB2  H N N 29  
ARG HB3  H N N 30  
ARG HG2  H N N 31  
ARG HG3  H N N 32  
ARG HD2  H N N 33  
ARG HD3  H N N 34  
ARG HE   H N N 35  
ARG HH11 H N N 36  
ARG HH12 H N N 37  
ARG HH21 H N N 38  
ARG HH22 H N N 39  
ARG HXT  H N N 40  
ASN N    N N N 41  
ASN CA   C N S 42  
ASN C    C N N 43  
ASN O    O N N 44  
ASN CB   C N N 45  
ASN CG   C N N 46  
ASN OD1  O N N 47  
ASN ND2  N N N 48  
ASN OXT  O N N 49  
ASN H    H N N 50  
ASN H2   H N N 51  
ASN HA   H N N 52  
ASN HB2  H N N 53  
ASN HB3  H N N 54  
ASN HD21 H N N 55  
ASN HD22 H N N 56  
ASN HXT  H N N 57  
ASP N    N N N 58  
ASP CA   C N S 59  
ASP C    C N N 60  
ASP O    O N N 61  
ASP CB   C N N 62  
ASP CG   C N N 63  
ASP OD1  O N N 64  
ASP OD2  O N N 65  
ASP OXT  O N N 66  
ASP H    H N N 67  
ASP H2   H N N 68  
ASP HA   H N N 69  
ASP HB2  H N N 70  
ASP HB3  H N N 71  
ASP HD2  H N N 72  
ASP HXT  H N N 73  
BTN C11  C N N 74  
BTN O11  O N N 75  
BTN O12  O N N 76  
BTN C10  C N N 77  
BTN C9   C N N 78  
BTN C8   C N N 79  
BTN C7   C N N 80  
BTN C2   C N S 81  
BTN S1   S N N 82  
BTN C6   C N N 83  
BTN C5   C N R 84  
BTN N1   N N N 85  
BTN C3   C N N 86  
BTN O3   O N N 87  
BTN N2   N N N 88  
BTN C4   C N S 89  
BTN HO2  H N N 90  
BTN H101 H N N 91  
BTN H102 H N N 92  
BTN H91  H N N 93  
BTN H92  H N N 94  
BTN H81  H N N 95  
BTN H82  H N N 96  
BTN H71  H N N 97  
BTN H72  H N N 98  
BTN H2   H N N 99  
BTN H61  H N N 100 
BTN H62  H N N 101 
BTN H5   H N N 102 
BTN HN1  H N N 103 
BTN HN2  H N N 104 
BTN H4   H N N 105 
CYS N    N N N 106 
CYS CA   C N R 107 
CYS C    C N N 108 
CYS O    O N N 109 
CYS CB   C N N 110 
CYS SG   S N N 111 
CYS OXT  O N N 112 
CYS H    H N N 113 
CYS H2   H N N 114 
CYS HA   H N N 115 
CYS HB2  H N N 116 
CYS HB3  H N N 117 
CYS HG   H N N 118 
CYS HXT  H N N 119 
GLN N    N N N 120 
GLN CA   C N S 121 
GLN C    C N N 122 
GLN O    O N N 123 
GLN CB   C N N 124 
GLN CG   C N N 125 
GLN CD   C N N 126 
GLN OE1  O N N 127 
GLN NE2  N N N 128 
GLN OXT  O N N 129 
GLN H    H N N 130 
GLN H2   H N N 131 
GLN HA   H N N 132 
GLN HB2  H N N 133 
GLN HB3  H N N 134 
GLN HG2  H N N 135 
GLN HG3  H N N 136 
GLN HE21 H N N 137 
GLN HE22 H N N 138 
GLN HXT  H N N 139 
GLU N    N N N 140 
GLU CA   C N S 141 
GLU C    C N N 142 
GLU O    O N N 143 
GLU CB   C N N 144 
GLU CG   C N N 145 
GLU CD   C N N 146 
GLU OE1  O N N 147 
GLU OE2  O N N 148 
GLU OXT  O N N 149 
GLU H    H N N 150 
GLU H2   H N N 151 
GLU HA   H N N 152 
GLU HB2  H N N 153 
GLU HB3  H N N 154 
GLU HG2  H N N 155 
GLU HG3  H N N 156 
GLU HE2  H N N 157 
GLU HXT  H N N 158 
GLY N    N N N 159 
GLY CA   C N N 160 
GLY C    C N N 161 
GLY O    O N N 162 
GLY OXT  O N N 163 
GLY H    H N N 164 
GLY H2   H N N 165 
GLY HA2  H N N 166 
GLY HA3  H N N 167 
GLY HXT  H N N 168 
HIS N    N N N 169 
HIS CA   C N S 170 
HIS C    C N N 171 
HIS O    O N N 172 
HIS CB   C N N 173 
HIS CG   C Y N 174 
HIS ND1  N Y N 175 
HIS CD2  C Y N 176 
HIS CE1  C Y N 177 
HIS NE2  N Y N 178 
HIS OXT  O N N 179 
HIS H    H N N 180 
HIS H2   H N N 181 
HIS HA   H N N 182 
HIS HB2  H N N 183 
HIS HB3  H N N 184 
HIS HD1  H N N 185 
HIS HD2  H N N 186 
HIS HE1  H N N 187 
HIS HE2  H N N 188 
HIS HXT  H N N 189 
HOH O    O N N 190 
HOH H1   H N N 191 
HOH H2   H N N 192 
ILE N    N N N 193 
ILE CA   C N S 194 
ILE C    C N N 195 
ILE O    O N N 196 
ILE CB   C N S 197 
ILE CG1  C N N 198 
ILE CG2  C N N 199 
ILE CD1  C N N 200 
ILE OXT  O N N 201 
ILE H    H N N 202 
ILE H2   H N N 203 
ILE HA   H N N 204 
ILE HB   H N N 205 
ILE HG12 H N N 206 
ILE HG13 H N N 207 
ILE HG21 H N N 208 
ILE HG22 H N N 209 
ILE HG23 H N N 210 
ILE HD11 H N N 211 
ILE HD12 H N N 212 
ILE HD13 H N N 213 
ILE HXT  H N N 214 
LEU N    N N N 215 
LEU CA   C N S 216 
LEU C    C N N 217 
LEU O    O N N 218 
LEU CB   C N N 219 
LEU CG   C N N 220 
LEU CD1  C N N 221 
LEU CD2  C N N 222 
LEU OXT  O N N 223 
LEU H    H N N 224 
LEU H2   H N N 225 
LEU HA   H N N 226 
LEU HB2  H N N 227 
LEU HB3  H N N 228 
LEU HG   H N N 229 
LEU HD11 H N N 230 
LEU HD12 H N N 231 
LEU HD13 H N N 232 
LEU HD21 H N N 233 
LEU HD22 H N N 234 
LEU HD23 H N N 235 
LEU HXT  H N N 236 
LYS N    N N N 237 
LYS CA   C N S 238 
LYS C    C N N 239 
LYS O    O N N 240 
LYS CB   C N N 241 
LYS CG   C N N 242 
LYS CD   C N N 243 
LYS CE   C N N 244 
LYS NZ   N N N 245 
LYS OXT  O N N 246 
LYS H    H N N 247 
LYS H2   H N N 248 
LYS HA   H N N 249 
LYS HB2  H N N 250 
LYS HB3  H N N 251 
LYS HG2  H N N 252 
LYS HG3  H N N 253 
LYS HD2  H N N 254 
LYS HD3  H N N 255 
LYS HE2  H N N 256 
LYS HE3  H N N 257 
LYS HZ1  H N N 258 
LYS HZ2  H N N 259 
LYS HZ3  H N N 260 
LYS HXT  H N N 261 
MET N    N N N 262 
MET CA   C N S 263 
MET C    C N N 264 
MET O    O N N 265 
MET CB   C N N 266 
MET CG   C N N 267 
MET SD   S N N 268 
MET CE   C N N 269 
MET OXT  O N N 270 
MET H    H N N 271 
MET H2   H N N 272 
MET HA   H N N 273 
MET HB2  H N N 274 
MET HB3  H N N 275 
MET HG2  H N N 276 
MET HG3  H N N 277 
MET HE1  H N N 278 
MET HE2  H N N 279 
MET HE3  H N N 280 
MET HXT  H N N 281 
PHE N    N N N 282 
PHE CA   C N S 283 
PHE C    C N N 284 
PHE O    O N N 285 
PHE CB   C N N 286 
PHE CG   C Y N 287 
PHE CD1  C Y N 288 
PHE CD2  C Y N 289 
PHE CE1  C Y N 290 
PHE CE2  C Y N 291 
PHE CZ   C Y N 292 
PHE OXT  O N N 293 
PHE H    H N N 294 
PHE H2   H N N 295 
PHE HA   H N N 296 
PHE HB2  H N N 297 
PHE HB3  H N N 298 
PHE HD1  H N N 299 
PHE HD2  H N N 300 
PHE HE1  H N N 301 
PHE HE2  H N N 302 
PHE HZ   H N N 303 
PHE HXT  H N N 304 
PRO N    N N N 305 
PRO CA   C N S 306 
PRO C    C N N 307 
PRO O    O N N 308 
PRO CB   C N N 309 
PRO CG   C N N 310 
PRO CD   C N N 311 
PRO OXT  O N N 312 
PRO H    H N N 313 
PRO HA   H N N 314 
PRO HB2  H N N 315 
PRO HB3  H N N 316 
PRO HG2  H N N 317 
PRO HG3  H N N 318 
PRO HD2  H N N 319 
PRO HD3  H N N 320 
PRO HXT  H N N 321 
SER N    N N N 322 
SER CA   C N S 323 
SER C    C N N 324 
SER O    O N N 325 
SER CB   C N N 326 
SER OG   O N N 327 
SER OXT  O N N 328 
SER H    H N N 329 
SER H2   H N N 330 
SER HA   H N N 331 
SER HB2  H N N 332 
SER HB3  H N N 333 
SER HG   H N N 334 
SER HXT  H N N 335 
THR N    N N N 336 
THR CA   C N S 337 
THR C    C N N 338 
THR O    O N N 339 
THR CB   C N R 340 
THR OG1  O N N 341 
THR CG2  C N N 342 
THR OXT  O N N 343 
THR H    H N N 344 
THR H2   H N N 345 
THR HA   H N N 346 
THR HB   H N N 347 
THR HG1  H N N 348 
THR HG21 H N N 349 
THR HG22 H N N 350 
THR HG23 H N N 351 
THR HXT  H N N 352 
TRP N    N N N 353 
TRP CA   C N S 354 
TRP C    C N N 355 
TRP O    O N N 356 
TRP CB   C N N 357 
TRP CG   C Y N 358 
TRP CD1  C Y N 359 
TRP CD2  C Y N 360 
TRP NE1  N Y N 361 
TRP CE2  C Y N 362 
TRP CE3  C Y N 363 
TRP CZ2  C Y N 364 
TRP CZ3  C Y N 365 
TRP CH2  C Y N 366 
TRP OXT  O N N 367 
TRP H    H N N 368 
TRP H2   H N N 369 
TRP HA   H N N 370 
TRP HB2  H N N 371 
TRP HB3  H N N 372 
TRP HD1  H N N 373 
TRP HE1  H N N 374 
TRP HE3  H N N 375 
TRP HZ2  H N N 376 
TRP HZ3  H N N 377 
TRP HH2  H N N 378 
TRP HXT  H N N 379 
TYR N    N N N 380 
TYR CA   C N S 381 
TYR C    C N N 382 
TYR O    O N N 383 
TYR CB   C N N 384 
TYR CG   C Y N 385 
TYR CD1  C Y N 386 
TYR CD2  C Y N 387 
TYR CE1  C Y N 388 
TYR CE2  C Y N 389 
TYR CZ   C Y N 390 
TYR OH   O N N 391 
TYR OXT  O N N 392 
TYR H    H N N 393 
TYR H2   H N N 394 
TYR HA   H N N 395 
TYR HB2  H N N 396 
TYR HB3  H N N 397 
TYR HD1  H N N 398 
TYR HD2  H N N 399 
TYR HE1  H N N 400 
TYR HE2  H N N 401 
TYR HH   H N N 402 
TYR HXT  H N N 403 
VAL N    N N N 404 
VAL CA   C N S 405 
VAL C    C N N 406 
VAL O    O N N 407 
VAL CB   C N N 408 
VAL CG1  C N N 409 
VAL CG2  C N N 410 
VAL OXT  O N N 411 
VAL H    H N N 412 
VAL H2   H N N 413 
VAL HA   H N N 414 
VAL HB   H N N 415 
VAL HG11 H N N 416 
VAL HG12 H N N 417 
VAL HG13 H N N 418 
VAL HG21 H N N 419 
VAL HG22 H N N 420 
VAL HG23 H N N 421 
VAL HXT  H N N 422 
# 
loop_
_chem_comp_bond.comp_id 
_chem_comp_bond.atom_id_1 
_chem_comp_bond.atom_id_2 
_chem_comp_bond.value_order 
_chem_comp_bond.pdbx_aromatic_flag 
_chem_comp_bond.pdbx_stereo_config 
_chem_comp_bond.pdbx_ordinal 
ALA N   CA   sing N N 1   
ALA N   H    sing N N 2   
ALA N   H2   sing N N 3   
ALA CA  C    sing N N 4   
ALA CA  CB   sing N N 5   
ALA CA  HA   sing N N 6   
ALA C   O    doub N N 7   
ALA C   OXT  sing N N 8   
ALA CB  HB1  sing N N 9   
ALA CB  HB2  sing N N 10  
ALA CB  HB3  sing N N 11  
ALA OXT HXT  sing N N 12  
ARG N   CA   sing N N 13  
ARG N   H    sing N N 14  
ARG N   H2   sing N N 15  
ARG CA  C    sing N N 16  
ARG CA  CB   sing N N 17  
ARG CA  HA   sing N N 18  
ARG C   O    doub N N 19  
ARG C   OXT  sing N N 20  
ARG CB  CG   sing N N 21  
ARG CB  HB2  sing N N 22  
ARG CB  HB3  sing N N 23  
ARG CG  CD   sing N N 24  
ARG CG  HG2  sing N N 25  
ARG CG  HG3  sing N N 26  
ARG CD  NE   sing N N 27  
ARG CD  HD2  sing N N 28  
ARG CD  HD3  sing N N 29  
ARG NE  CZ   sing N N 30  
ARG NE  HE   sing N N 31  
ARG CZ  NH1  sing N N 32  
ARG CZ  NH2  doub N N 33  
ARG NH1 HH11 sing N N 34  
ARG NH1 HH12 sing N N 35  
ARG NH2 HH21 sing N N 36  
ARG NH2 HH22 sing N N 37  
ARG OXT HXT  sing N N 38  
ASN N   CA   sing N N 39  
ASN N   H    sing N N 40  
ASN N   H2   sing N N 41  
ASN CA  C    sing N N 42  
ASN CA  CB   sing N N 43  
ASN CA  HA   sing N N 44  
ASN C   O    doub N N 45  
ASN C   OXT  sing N N 46  
ASN CB  CG   sing N N 47  
ASN CB  HB2  sing N N 48  
ASN CB  HB3  sing N N 49  
ASN CG  OD1  doub N N 50  
ASN CG  ND2  sing N N 51  
ASN ND2 HD21 sing N N 52  
ASN ND2 HD22 sing N N 53  
ASN OXT HXT  sing N N 54  
ASP N   CA   sing N N 55  
ASP N   H    sing N N 56  
ASP N   H2   sing N N 57  
ASP CA  C    sing N N 58  
ASP CA  CB   sing N N 59  
ASP CA  HA   sing N N 60  
ASP C   O    doub N N 61  
ASP C   OXT  sing N N 62  
ASP CB  CG   sing N N 63  
ASP CB  HB2  sing N N 64  
ASP CB  HB3  sing N N 65  
ASP CG  OD1  doub N N 66  
ASP CG  OD2  sing N N 67  
ASP OD2 HD2  sing N N 68  
ASP OXT HXT  sing N N 69  
BTN C11 O11  doub N N 70  
BTN C11 O12  sing N N 71  
BTN C11 C10  sing N N 72  
BTN O12 HO2  sing N N 73  
BTN C10 C9   sing N N 74  
BTN C10 H101 sing N N 75  
BTN C10 H102 sing N N 76  
BTN C9  C8   sing N N 77  
BTN C9  H91  sing N N 78  
BTN C9  H92  sing N N 79  
BTN C8  C7   sing N N 80  
BTN C8  H81  sing N N 81  
BTN C8  H82  sing N N 82  
BTN C7  C2   sing N N 83  
BTN C7  H71  sing N N 84  
BTN C7  H72  sing N N 85  
BTN C2  S1   sing N N 86  
BTN C2  C4   sing N N 87  
BTN C2  H2   sing N N 88  
BTN S1  C6   sing N N 89  
BTN C6  C5   sing N N 90  
BTN C6  H61  sing N N 91  
BTN C6  H62  sing N N 92  
BTN C5  N1   sing N N 93  
BTN C5  C4   sing N N 94  
BTN C5  H5   sing N N 95  
BTN N1  C3   sing N N 96  
BTN N1  HN1  sing N N 97  
BTN C3  O3   doub N N 98  
BTN C3  N2   sing N N 99  
BTN N2  C4   sing N N 100 
BTN N2  HN2  sing N N 101 
BTN C4  H4   sing N N 102 
CYS N   CA   sing N N 103 
CYS N   H    sing N N 104 
CYS N   H2   sing N N 105 
CYS CA  C    sing N N 106 
CYS CA  CB   sing N N 107 
CYS CA  HA   sing N N 108 
CYS C   O    doub N N 109 
CYS C   OXT  sing N N 110 
CYS CB  SG   sing N N 111 
CYS CB  HB2  sing N N 112 
CYS CB  HB3  sing N N 113 
CYS SG  HG   sing N N 114 
CYS OXT HXT  sing N N 115 
GLN N   CA   sing N N 116 
GLN N   H    sing N N 117 
GLN N   H2   sing N N 118 
GLN CA  C    sing N N 119 
GLN CA  CB   sing N N 120 
GLN CA  HA   sing N N 121 
GLN C   O    doub N N 122 
GLN C   OXT  sing N N 123 
GLN CB  CG   sing N N 124 
GLN CB  HB2  sing N N 125 
GLN CB  HB3  sing N N 126 
GLN CG  CD   sing N N 127 
GLN CG  HG2  sing N N 128 
GLN CG  HG3  sing N N 129 
GLN CD  OE1  doub N N 130 
GLN CD  NE2  sing N N 131 
GLN NE2 HE21 sing N N 132 
GLN NE2 HE22 sing N N 133 
GLN OXT HXT  sing N N 134 
GLU N   CA   sing N N 135 
GLU N   H    sing N N 136 
GLU N   H2   sing N N 137 
GLU CA  C    sing N N 138 
GLU CA  CB   sing N N 139 
GLU CA  HA   sing N N 140 
GLU C   O    doub N N 141 
GLU C   OXT  sing N N 142 
GLU CB  CG   sing N N 143 
GLU CB  HB2  sing N N 144 
GLU CB  HB3  sing N N 145 
GLU CG  CD   sing N N 146 
GLU CG  HG2  sing N N 147 
GLU CG  HG3  sing N N 148 
GLU CD  OE1  doub N N 149 
GLU CD  OE2  sing N N 150 
GLU OE2 HE2  sing N N 151 
GLU OXT HXT  sing N N 152 
GLY N   CA   sing N N 153 
GLY N   H    sing N N 154 
GLY N   H2   sing N N 155 
GLY CA  C    sing N N 156 
GLY CA  HA2  sing N N 157 
GLY CA  HA3  sing N N 158 
GLY C   O    doub N N 159 
GLY C   OXT  sing N N 160 
GLY OXT HXT  sing N N 161 
HIS N   CA   sing N N 162 
HIS N   H    sing N N 163 
HIS N   H2   sing N N 164 
HIS CA  C    sing N N 165 
HIS CA  CB   sing N N 166 
HIS CA  HA   sing N N 167 
HIS C   O    doub N N 168 
HIS C   OXT  sing N N 169 
HIS CB  CG   sing N N 170 
HIS CB  HB2  sing N N 171 
HIS CB  HB3  sing N N 172 
HIS CG  ND1  sing Y N 173 
HIS CG  CD2  doub Y N 174 
HIS ND1 CE1  doub Y N 175 
HIS ND1 HD1  sing N N 176 
HIS CD2 NE2  sing Y N 177 
HIS CD2 HD2  sing N N 178 
HIS CE1 NE2  sing Y N 179 
HIS CE1 HE1  sing N N 180 
HIS NE2 HE2  sing N N 181 
HIS OXT HXT  sing N N 182 
HOH O   H1   sing N N 183 
HOH O   H2   sing N N 184 
ILE N   CA   sing N N 185 
ILE N   H    sing N N 186 
ILE N   H2   sing N N 187 
ILE CA  C    sing N N 188 
ILE CA  CB   sing N N 189 
ILE CA  HA   sing N N 190 
ILE C   O    doub N N 191 
ILE C   OXT  sing N N 192 
ILE CB  CG1  sing N N 193 
ILE CB  CG2  sing N N 194 
ILE CB  HB   sing N N 195 
ILE CG1 CD1  sing N N 196 
ILE CG1 HG12 sing N N 197 
ILE CG1 HG13 sing N N 198 
ILE CG2 HG21 sing N N 199 
ILE CG2 HG22 sing N N 200 
ILE CG2 HG23 sing N N 201 
ILE CD1 HD11 sing N N 202 
ILE CD1 HD12 sing N N 203 
ILE CD1 HD13 sing N N 204 
ILE OXT HXT  sing N N 205 
LEU N   CA   sing N N 206 
LEU N   H    sing N N 207 
LEU N   H2   sing N N 208 
LEU CA  C    sing N N 209 
LEU CA  CB   sing N N 210 
LEU CA  HA   sing N N 211 
LEU C   O    doub N N 212 
LEU C   OXT  sing N N 213 
LEU CB  CG   sing N N 214 
LEU CB  HB2  sing N N 215 
LEU CB  HB3  sing N N 216 
LEU CG  CD1  sing N N 217 
LEU CG  CD2  sing N N 218 
LEU CG  HG   sing N N 219 
LEU CD1 HD11 sing N N 220 
LEU CD1 HD12 sing N N 221 
LEU CD1 HD13 sing N N 222 
LEU CD2 HD21 sing N N 223 
LEU CD2 HD22 sing N N 224 
LEU CD2 HD23 sing N N 225 
LEU OXT HXT  sing N N 226 
LYS N   CA   sing N N 227 
LYS N   H    sing N N 228 
LYS N   H2   sing N N 229 
LYS CA  C    sing N N 230 
LYS CA  CB   sing N N 231 
LYS CA  HA   sing N N 232 
LYS C   O    doub N N 233 
LYS C   OXT  sing N N 234 
LYS CB  CG   sing N N 235 
LYS CB  HB2  sing N N 236 
LYS CB  HB3  sing N N 237 
LYS CG  CD   sing N N 238 
LYS CG  HG2  sing N N 239 
LYS CG  HG3  sing N N 240 
LYS CD  CE   sing N N 241 
LYS CD  HD2  sing N N 242 
LYS CD  HD3  sing N N 243 
LYS CE  NZ   sing N N 244 
LYS CE  HE2  sing N N 245 
LYS CE  HE3  sing N N 246 
LYS NZ  HZ1  sing N N 247 
LYS NZ  HZ2  sing N N 248 
LYS NZ  HZ3  sing N N 249 
LYS OXT HXT  sing N N 250 
MET N   CA   sing N N 251 
MET N   H    sing N N 252 
MET N   H2   sing N N 253 
MET CA  C    sing N N 254 
MET CA  CB   sing N N 255 
MET CA  HA   sing N N 256 
MET C   O    doub N N 257 
MET C   OXT  sing N N 258 
MET CB  CG   sing N N 259 
MET CB  HB2  sing N N 260 
MET CB  HB3  sing N N 261 
MET CG  SD   sing N N 262 
MET CG  HG2  sing N N 263 
MET CG  HG3  sing N N 264 
MET SD  CE   sing N N 265 
MET CE  HE1  sing N N 266 
MET CE  HE2  sing N N 267 
MET CE  HE3  sing N N 268 
MET OXT HXT  sing N N 269 
PHE N   CA   sing N N 270 
PHE N   H    sing N N 271 
PHE N   H2   sing N N 272 
PHE CA  C    sing N N 273 
PHE CA  CB   sing N N 274 
PHE CA  HA   sing N N 275 
PHE C   O    doub N N 276 
PHE C   OXT  sing N N 277 
PHE CB  CG   sing N N 278 
PHE CB  HB2  sing N N 279 
PHE CB  HB3  sing N N 280 
PHE CG  CD1  doub Y N 281 
PHE CG  CD2  sing Y N 282 
PHE CD1 CE1  sing Y N 283 
PHE CD1 HD1  sing N N 284 
PHE CD2 CE2  doub Y N 285 
PHE CD2 HD2  sing N N 286 
PHE CE1 CZ   doub Y N 287 
PHE CE1 HE1  sing N N 288 
PHE CE2 CZ   sing Y N 289 
PHE CE2 HE2  sing N N 290 
PHE CZ  HZ   sing N N 291 
PHE OXT HXT  sing N N 292 
PRO N   CA   sing N N 293 
PRO N   CD   sing N N 294 
PRO N   H    sing N N 295 
PRO CA  C    sing N N 296 
PRO CA  CB   sing N N 297 
PRO CA  HA   sing N N 298 
PRO C   O    doub N N 299 
PRO C   OXT  sing N N 300 
PRO CB  CG   sing N N 301 
PRO CB  HB2  sing N N 302 
PRO CB  HB3  sing N N 303 
PRO CG  CD   sing N N 304 
PRO CG  HG2  sing N N 305 
PRO CG  HG3  sing N N 306 
PRO CD  HD2  sing N N 307 
PRO CD  HD3  sing N N 308 
PRO OXT HXT  sing N N 309 
SER N   CA   sing N N 310 
SER N   H    sing N N 311 
SER N   H2   sing N N 312 
SER CA  C    sing N N 313 
SER CA  CB   sing N N 314 
SER CA  HA   sing N N 315 
SER C   O    doub N N 316 
SER C   OXT  sing N N 317 
SER CB  OG   sing N N 318 
SER CB  HB2  sing N N 319 
SER CB  HB3  sing N N 320 
SER OG  HG   sing N N 321 
SER OXT HXT  sing N N 322 
THR N   CA   sing N N 323 
THR N   H    sing N N 324 
THR N   H2   sing N N 325 
THR CA  C    sing N N 326 
THR CA  CB   sing N N 327 
THR CA  HA   sing N N 328 
THR C   O    doub N N 329 
THR C   OXT  sing N N 330 
THR CB  OG1  sing N N 331 
THR CB  CG2  sing N N 332 
THR CB  HB   sing N N 333 
THR OG1 HG1  sing N N 334 
THR CG2 HG21 sing N N 335 
THR CG2 HG22 sing N N 336 
THR CG2 HG23 sing N N 337 
THR OXT HXT  sing N N 338 
TRP N   CA   sing N N 339 
TRP N   H    sing N N 340 
TRP N   H2   sing N N 341 
TRP CA  C    sing N N 342 
TRP CA  CB   sing N N 343 
TRP CA  HA   sing N N 344 
TRP C   O    doub N N 345 
TRP C   OXT  sing N N 346 
TRP CB  CG   sing N N 347 
TRP CB  HB2  sing N N 348 
TRP CB  HB3  sing N N 349 
TRP CG  CD1  doub Y N 350 
TRP CG  CD2  sing Y N 351 
TRP CD1 NE1  sing Y N 352 
TRP CD1 HD1  sing N N 353 
TRP CD2 CE2  doub Y N 354 
TRP CD2 CE3  sing Y N 355 
TRP NE1 CE2  sing Y N 356 
TRP NE1 HE1  sing N N 357 
TRP CE2 CZ2  sing Y N 358 
TRP CE3 CZ3  doub Y N 359 
TRP CE3 HE3  sing N N 360 
TRP CZ2 CH2  doub Y N 361 
TRP CZ2 HZ2  sing N N 362 
TRP CZ3 CH2  sing Y N 363 
TRP CZ3 HZ3  sing N N 364 
TRP CH2 HH2  sing N N 365 
TRP OXT HXT  sing N N 366 
TYR N   CA   sing N N 367 
TYR N   H    sing N N 368 
TYR N   H2   sing N N 369 
TYR CA  C    sing N N 370 
TYR CA  CB   sing N N 371 
TYR CA  HA   sing N N 372 
TYR C   O    doub N N 373 
TYR C   OXT  sing N N 374 
TYR CB  CG   sing N N 375 
TYR CB  HB2  sing N N 376 
TYR CB  HB3  sing N N 377 
TYR CG  CD1  doub Y N 378 
TYR CG  CD2  sing Y N 379 
TYR CD1 CE1  sing Y N 380 
TYR CD1 HD1  sing N N 381 
TYR CD2 CE2  doub Y N 382 
TYR CD2 HD2  sing N N 383 
TYR CE1 CZ   doub Y N 384 
TYR CE1 HE1  sing N N 385 
TYR CE2 CZ   sing Y N 386 
TYR CE2 HE2  sing N N 387 
TYR CZ  OH   sing N N 388 
TYR OH  HH   sing N N 389 
TYR OXT HXT  sing N N 390 
VAL N   CA   sing N N 391 
VAL N   H    sing N N 392 
VAL N   H2   sing N N 393 
VAL CA  C    sing N N 394 
VAL CA  CB   sing N N 395 
VAL CA  HA   sing N N 396 
VAL C   O    doub N N 397 
VAL C   OXT  sing N N 398 
VAL CB  CG1  sing N N 399 
VAL CB  CG2  sing N N 400 
VAL CB  HB   sing N N 401 
VAL CG1 HG11 sing N N 402 
VAL CG1 HG12 sing N N 403 
VAL CG1 HG13 sing N N 404 
VAL CG2 HG21 sing N N 405 
VAL CG2 HG22 sing N N 406 
VAL CG2 HG23 sing N N 407 
VAL OXT HXT  sing N N 408 
# 
_pdbx_entity_instance_feature.ordinal        1 
_pdbx_entity_instance_feature.comp_id        BTN 
_pdbx_entity_instance_feature.asym_id        ? 
_pdbx_entity_instance_feature.seq_num        ? 
_pdbx_entity_instance_feature.auth_comp_id   BTN 
_pdbx_entity_instance_feature.auth_asym_id   ? 
_pdbx_entity_instance_feature.auth_seq_num   ? 
_pdbx_entity_instance_feature.feature_type   'SUBJECT OF INVESTIGATION' 
_pdbx_entity_instance_feature.details        ? 
# 
loop_
_pdbx_entity_nonpoly.entity_id 
_pdbx_entity_nonpoly.name 
_pdbx_entity_nonpoly.comp_id 
2 BIOTIN BTN 
3 water  HOH 
# 
_pdbx_initial_refinement_model.id               1 
_pdbx_initial_refinement_model.entity_id_list   ? 
_pdbx_initial_refinement_model.type             'experimental model' 
_pdbx_initial_refinement_model.source_name      PDB 
_pdbx_initial_refinement_model.accession_code   2BC3 
_pdbx_initial_refinement_model.details          ? 
# 
_pdbx_struct_assembly_auth_evidence.id                     1 
_pdbx_struct_assembly_auth_evidence.assembly_id            1 
_pdbx_struct_assembly_auth_evidence.experimental_support   'gel filtration' 
_pdbx_struct_assembly_auth_evidence.details                ? 
# 
_space_group.crystal_system   tetragonal 
_space_group.name_H-M_alt     'P 42 21 2' 
_space_group.IT_number        94 
_space_group.name_Hall        'P 4n 2n' 
_space_group.id               1 
# 
